data_7NNW
#
_entry.id   7NNW
#
_cell.length_a   91.802
_cell.length_b   143.512
_cell.length_c   97.524
_cell.angle_alpha   90.000
_cell.angle_beta   117.690
_cell.angle_gamma   90.000
#
_symmetry.space_group_name_H-M   'P 1 21 1'
#
loop_
_entity.id
_entity.type
_entity.pdbx_description
1 polymer 'Ornithine carbamoyltransferase'
2 non-polymer 'PHOSPHATE ION'
3 non-polymer 'methyl 3-iodanyl-4-oxidanyl-benzoate'
4 water water
#
_entity_poly.entity_id   1
_entity_poly.type   'polypeptide(L)'
_entity_poly.pdbx_seq_one_letter_code
;GSVIRHFLRDDDLSPAEQAEVLELAAELKKDPVSRRPLQGPRGVAVIFDKNSTRTRFSFELGIAQLGGHAVVVDSGSTQL
GRDETLQDTAKVLSRYVDAIVWRTFGQERLDAMASVATVPVINALSDEFHPCQVLADLQTIAERKGALRGLRLSYFGDGA
NNMAHSLLLGGVTAGIHVTVAAPEGFLPDPSVRAAAERRAQDTGASVTVTADAHAAAAGADVLVTDTWTSMGQENDGLDR
VKPFRPFQLNSRLLALADSDAIVLHCLPAHRGDEITDAVMDGPASAVWDEAENRLHAQKALLVWLLERS
;
_entity_poly.pdbx_strand_id   A,B,C,D,E,F
#
# COMPACT_ATOMS: atom_id res chain seq x y z
N SER A 2 -2.31 17.80 -24.60
CA SER A 2 -2.38 18.90 -23.65
C SER A 2 -1.00 19.55 -23.49
N VAL A 3 -1.00 20.87 -23.29
CA VAL A 3 0.28 21.52 -23.06
C VAL A 3 0.78 21.16 -21.66
N ILE A 4 2.08 21.23 -21.47
CA ILE A 4 2.69 20.96 -20.17
C ILE A 4 2.70 22.26 -19.38
N ARG A 5 2.14 22.23 -18.17
CA ARG A 5 2.10 23.42 -17.32
C ARG A 5 3.29 23.44 -16.37
N HIS A 6 3.88 24.62 -16.20
CA HIS A 6 4.97 24.81 -15.25
C HIS A 6 4.55 25.84 -14.21
N PHE A 7 5.33 25.94 -13.13
CA PHE A 7 5.00 26.93 -12.10
C PHE A 7 6.34 27.52 -11.70
N LEU A 8 6.78 28.56 -12.41
CA LEU A 8 8.11 29.18 -12.17
C LEU A 8 7.94 30.54 -11.49
N ARG A 9 6.77 31.10 -11.59
CA ARG A 9 6.45 32.42 -11.02
C ARG A 9 4.95 32.42 -10.69
N ASP A 10 4.52 33.29 -9.80
CA ASP A 10 3.14 33.23 -9.25
C ASP A 10 2.06 33.43 -10.33
N ASP A 11 2.34 34.30 -11.28
CA ASP A 11 1.39 34.63 -12.37
C ASP A 11 1.30 33.52 -13.42
N ASP A 12 2.12 32.46 -13.30
CA ASP A 12 1.89 31.31 -14.17
C ASP A 12 0.50 30.71 -13.96
N LEU A 13 -0.12 30.94 -12.81
CA LEU A 13 -1.52 30.60 -12.60
C LEU A 13 -2.37 31.84 -12.84
N SER A 14 -3.46 31.65 -13.58
CA SER A 14 -4.48 32.68 -13.69
C SER A 14 -5.18 32.81 -12.35
N PRO A 15 -5.95 33.88 -12.15
CA PRO A 15 -6.73 33.99 -10.91
C PRO A 15 -7.63 32.81 -10.65
N ALA A 16 -8.33 32.31 -11.68
CA ALA A 16 -9.20 31.16 -11.47
C ALA A 16 -8.39 29.90 -11.17
N GLU A 17 -7.24 29.74 -11.84
CA GLU A 17 -6.39 28.58 -11.59
C GLU A 17 -5.79 28.63 -10.19
N GLN A 18 -5.33 29.80 -9.76
CA GLN A 18 -4.84 29.94 -8.39
C GLN A 18 -5.90 29.56 -7.36
N ALA A 19 -7.15 29.99 -7.60
CA ALA A 19 -8.22 29.66 -6.66
C ALA A 19 -8.43 28.14 -6.60
N GLU A 20 -8.38 27.45 -7.74
CA GLU A 20 -8.46 25.99 -7.75
C GLU A 20 -7.35 25.37 -6.92
N VAL A 21 -6.11 25.86 -7.08
CA VAL A 21 -5.00 25.29 -6.32
C VAL A 21 -5.19 25.52 -4.82
N LEU A 22 -5.60 26.72 -4.43
CA LEU A 22 -5.78 26.99 -3.00
C LEU A 22 -6.96 26.22 -2.41
N GLU A 23 -8.02 26.02 -3.18
CA GLU A 23 -9.09 25.18 -2.69
C GLU A 23 -8.61 23.74 -2.49
N LEU A 24 -7.80 23.23 -3.43
CA LEU A 24 -7.24 21.89 -3.28
C LEU A 24 -6.31 21.81 -2.07
N ALA A 25 -5.55 22.88 -1.81
CA ALA A 25 -4.69 22.88 -0.62
C ALA A 25 -5.48 22.73 0.66
N ALA A 26 -6.64 23.41 0.72
CA ALA A 26 -7.51 23.25 1.88
C ALA A 26 -8.01 21.81 1.99
N GLU A 27 -8.41 21.20 0.86
CA GLU A 27 -8.93 19.84 0.92
C GLU A 27 -7.83 18.86 1.33
N LEU A 28 -6.62 19.08 0.85
CA LEU A 28 -5.52 18.18 1.15
C LEU A 28 -5.08 18.32 2.60
N LYS A 29 -5.21 19.52 3.18
CA LYS A 29 -4.88 19.68 4.59
C LYS A 29 -5.82 18.84 5.45
N LYS A 30 -7.09 18.77 5.05
CA LYS A 30 -8.08 17.97 5.78
C LYS A 30 -7.89 16.47 5.55
N ASP A 31 -7.53 16.08 4.32
CA ASP A 31 -7.40 14.67 3.94
C ASP A 31 -6.07 14.45 3.22
N PRO A 32 -4.98 14.34 3.97
CA PRO A 32 -3.64 14.43 3.35
C PRO A 32 -3.20 13.24 2.52
N VAL A 33 -3.87 12.09 2.56
CA VAL A 33 -3.49 10.98 1.70
C VAL A 33 -4.61 10.60 0.73
N SER A 34 -5.54 11.52 0.50
CA SER A 34 -6.71 11.25 -0.36
C SER A 34 -6.42 11.43 -1.84
N ARG A 35 -5.28 12.02 -2.20
CA ARG A 35 -4.91 12.19 -3.61
C ARG A 35 -3.62 11.44 -3.87
N ARG A 36 -3.63 10.50 -4.81
CA ARG A 36 -2.48 9.63 -5.04
C ARG A 36 -2.15 9.57 -6.53
N PRO A 37 -1.89 10.73 -7.15
CA PRO A 37 -1.55 10.71 -8.58
C PRO A 37 -0.19 10.10 -8.85
N LEU A 38 0.66 9.99 -7.84
CA LEU A 38 2.00 9.43 -8.02
C LEU A 38 2.13 8.01 -7.48
N GLN A 39 1.00 7.35 -7.21
CA GLN A 39 1.01 5.96 -6.76
C GLN A 39 1.83 5.09 -7.71
N GLY A 40 2.60 4.17 -7.16
CA GLY A 40 3.51 3.39 -7.96
C GLY A 40 4.61 2.74 -7.16
N PRO A 41 5.61 3.53 -6.72
CA PRO A 41 5.68 4.99 -6.84
C PRO A 41 6.19 5.46 -8.18
N ARG A 42 5.70 6.62 -8.56
CA ARG A 42 6.26 7.35 -9.70
C ARG A 42 7.26 8.33 -9.08
N GLY A 43 8.28 8.69 -9.81
CA GLY A 43 9.32 9.56 -9.28
C GLY A 43 9.00 11.04 -9.45
N VAL A 44 9.57 11.87 -8.57
CA VAL A 44 9.64 13.31 -8.77
C VAL A 44 11.05 13.73 -8.39
N ALA A 45 11.69 14.53 -9.24
CA ALA A 45 13.02 15.03 -8.91
C ALA A 45 12.90 16.26 -8.05
N VAL A 46 13.72 16.35 -7.01
CA VAL A 46 13.78 17.50 -6.13
C VAL A 46 15.25 17.90 -6.08
N ILE A 47 15.62 18.97 -6.80
CA ILE A 47 17.02 19.31 -7.05
C ILE A 47 17.36 20.64 -6.40
N PHE A 48 18.52 20.70 -5.74
CA PHE A 48 18.98 21.92 -5.07
C PHE A 48 20.34 22.35 -5.61
N ASP A 49 20.37 23.43 -6.40
CA ASP A 49 21.65 24.09 -6.68
C ASP A 49 22.25 24.70 -5.41
N LYS A 50 21.41 25.08 -4.45
CA LYS A 50 21.82 25.48 -3.12
C LYS A 50 20.84 24.83 -2.15
N ASN A 51 21.37 24.14 -1.14
CA ASN A 51 20.52 23.37 -0.25
C ASN A 51 19.55 24.27 0.50
N SER A 52 18.34 23.74 0.73
CA SER A 52 17.31 24.34 1.56
C SER A 52 16.61 23.22 2.33
N THR A 53 16.79 23.19 3.64
CA THR A 53 16.29 22.04 4.38
C THR A 53 14.78 22.08 4.55
N ARG A 54 14.19 23.26 4.78
CA ARG A 54 12.72 23.33 4.86
C ARG A 54 12.04 23.12 3.50
N THR A 55 12.69 23.42 2.41
CA THR A 55 12.12 23.06 1.09
C THR A 55 12.15 21.52 1.01
N ARG A 56 13.20 20.94 1.56
CA ARG A 56 13.36 19.47 1.51
C ARG A 56 12.24 18.76 2.27
N PHE A 57 12.01 19.13 3.50
CA PHE A 57 11.00 18.42 4.31
C PHE A 57 9.64 18.54 3.62
N SER A 58 9.30 19.73 3.17
CA SER A 58 7.95 19.91 2.66
C SER A 58 7.77 19.16 1.34
N PHE A 59 8.74 19.21 0.44
CA PHE A 59 8.56 18.48 -0.82
C PHE A 59 8.74 16.98 -0.66
N GLU A 60 9.75 16.53 0.09
CA GLU A 60 10.00 15.10 0.20
C GLU A 60 8.78 14.41 0.80
N LEU A 61 8.21 15.00 1.86
CA LEU A 61 7.06 14.39 2.51
C LEU A 61 5.80 14.55 1.67
N GLY A 62 5.64 15.71 1.04
CA GLY A 62 4.46 15.96 0.22
C GLY A 62 4.36 14.98 -0.93
N ILE A 63 5.48 14.78 -1.64
CA ILE A 63 5.50 13.83 -2.75
C ILE A 63 5.20 12.41 -2.25
N ALA A 64 5.76 12.02 -1.11
CA ALA A 64 5.47 10.69 -0.59
C ALA A 64 3.98 10.53 -0.26
N GLN A 65 3.35 11.60 0.25
CA GLN A 65 1.93 11.51 0.58
C GLN A 65 1.02 11.53 -0.66
N LEU A 66 1.55 11.89 -1.83
CA LEU A 66 0.87 11.72 -3.10
C LEU A 66 1.11 10.34 -3.69
N GLY A 67 1.81 9.46 -2.94
CA GLY A 67 2.14 8.11 -3.36
C GLY A 67 3.46 8.00 -4.08
N GLY A 68 4.18 9.11 -4.26
CA GLY A 68 5.36 9.13 -5.09
C GLY A 68 6.62 8.89 -4.28
N HIS A 69 7.76 8.95 -4.98
CA HIS A 69 9.06 8.85 -4.35
C HIS A 69 9.89 10.03 -4.82
N ALA A 70 10.30 10.89 -3.88
CA ALA A 70 11.14 12.03 -4.24
C ALA A 70 12.58 11.56 -4.34
N VAL A 71 13.23 11.90 -5.45
CA VAL A 71 14.66 11.69 -5.56
C VAL A 71 15.30 13.05 -5.32
N VAL A 72 15.95 13.19 -4.17
CA VAL A 72 16.43 14.47 -3.68
C VAL A 72 17.91 14.58 -4.02
N VAL A 73 18.27 15.61 -4.80
CA VAL A 73 19.65 15.81 -5.26
C VAL A 73 20.16 17.14 -4.69
N ASP A 74 21.13 17.06 -3.78
CA ASP A 74 21.74 18.24 -3.18
C ASP A 74 22.82 18.82 -4.10
N SER A 75 23.30 20.02 -3.74
CA SER A 75 24.39 20.60 -4.54
C SER A 75 25.71 19.84 -4.40
N GLY A 76 25.76 18.76 -3.62
CA GLY A 76 26.91 17.89 -3.62
C GLY A 76 27.16 17.23 -4.96
N SER A 77 26.13 17.11 -5.79
CA SER A 77 26.27 16.65 -7.16
C SER A 77 26.81 17.77 -8.04
N THR A 78 27.27 17.40 -9.24
CA THR A 78 27.67 18.40 -10.22
C THR A 78 26.50 19.33 -10.52
N GLN A 79 26.75 20.64 -10.44
CA GLN A 79 25.67 21.59 -10.71
C GLN A 79 25.11 21.33 -12.10
N LEU A 80 23.80 21.50 -12.24
CA LEU A 80 23.22 21.34 -13.57
C LEU A 80 23.82 22.33 -14.54
N GLY A 81 24.26 21.82 -15.68
CA GLY A 81 24.93 22.60 -16.70
C GLY A 81 26.43 22.44 -16.71
N ARG A 82 27.02 21.79 -15.72
CA ARG A 82 28.47 21.67 -15.66
C ARG A 82 28.98 20.44 -16.41
N ASP A 83 28.53 19.25 -16.04
CA ASP A 83 29.03 18.02 -16.65
C ASP A 83 28.35 17.67 -17.97
N GLU A 84 27.22 18.31 -18.28
CA GLU A 84 26.45 18.08 -19.49
C GLU A 84 25.47 19.22 -19.62
N THR A 85 24.95 19.43 -20.82
CA THR A 85 24.10 20.59 -21.04
C THR A 85 22.83 20.47 -20.19
N LEU A 86 22.21 21.61 -19.97
CA LEU A 86 20.95 21.61 -19.21
C LEU A 86 19.86 20.90 -19.99
N GLN A 87 19.86 21.03 -21.33
CA GLN A 87 18.85 20.37 -22.15
C GLN A 87 19.00 18.86 -22.11
N ASP A 88 20.25 18.36 -22.11
CA ASP A 88 20.46 16.92 -22.00
C ASP A 88 19.94 16.39 -20.68
N THR A 89 20.19 17.11 -19.58
CA THR A 89 19.68 16.68 -18.29
C THR A 89 18.16 16.64 -18.29
N ALA A 90 17.53 17.69 -18.82
CA ALA A 90 16.07 17.75 -18.81
C ALA A 90 15.46 16.61 -19.60
N LYS A 91 16.10 16.23 -20.71
CA LYS A 91 15.58 15.13 -21.50
C LYS A 91 15.66 13.81 -20.73
N VAL A 92 16.75 13.59 -20.00
CA VAL A 92 16.89 12.34 -19.26
C VAL A 92 15.93 12.32 -18.07
N LEU A 93 15.89 13.43 -17.32
CA LEU A 93 14.95 13.55 -16.19
C LEU A 93 13.53 13.25 -16.63
N SER A 94 13.12 13.74 -17.80
CA SER A 94 11.77 13.51 -18.31
C SER A 94 11.48 12.03 -18.53
N ARG A 95 12.50 11.19 -18.66
CA ARG A 95 12.27 9.75 -18.77
C ARG A 95 12.12 9.05 -17.42
N TYR A 96 12.51 9.72 -16.33
CA TYR A 96 12.54 9.09 -15.01
C TYR A 96 11.45 9.58 -14.08
N VAL A 97 11.04 10.84 -14.18
CA VAL A 97 10.17 11.42 -13.17
C VAL A 97 8.96 12.06 -13.85
N ASP A 98 7.90 12.26 -13.07
CA ASP A 98 6.68 12.89 -13.55
C ASP A 98 6.66 14.41 -13.33
N ALA A 99 7.66 14.95 -12.64
CA ALA A 99 7.76 16.38 -12.37
C ALA A 99 9.17 16.66 -11.86
N ILE A 100 9.59 17.91 -12.02
CA ILE A 100 10.92 18.36 -11.61
C ILE A 100 10.74 19.57 -10.71
N VAL A 101 11.19 19.45 -9.48
CA VAL A 101 11.19 20.54 -8.51
C VAL A 101 12.62 21.00 -8.33
N TRP A 102 12.85 22.31 -8.49
CA TRP A 102 14.22 22.82 -8.63
C TRP A 102 14.36 24.10 -7.85
N ARG A 103 15.34 24.13 -6.94
CA ARG A 103 15.73 25.39 -6.24
C ARG A 103 17.01 25.82 -6.94
N THR A 104 16.97 26.94 -7.63
CA THR A 104 18.13 27.42 -8.37
C THR A 104 18.17 28.94 -8.25
N PHE A 105 19.09 29.57 -8.97
CA PHE A 105 19.36 30.98 -8.75
C PHE A 105 18.66 31.82 -9.81
N GLY A 106 19.27 31.89 -10.98
CA GLY A 106 18.72 32.73 -12.03
C GLY A 106 17.47 32.12 -12.64
N GLN A 107 16.52 32.99 -12.96
CA GLN A 107 15.25 32.58 -13.52
C GLN A 107 15.41 32.03 -14.93
N GLU A 108 16.43 32.47 -15.67
CA GLU A 108 16.61 31.95 -17.03
C GLU A 108 16.92 30.46 -17.02
N ARG A 109 17.55 29.95 -15.95
CA ARG A 109 17.79 28.51 -15.84
C ARG A 109 16.48 27.73 -15.70
N LEU A 110 15.56 28.20 -14.86
CA LEU A 110 14.23 27.58 -14.78
C LEU A 110 13.52 27.65 -16.13
N ASP A 111 13.53 28.82 -16.77
CA ASP A 111 12.93 28.97 -18.09
C ASP A 111 13.49 27.93 -19.06
N ALA A 112 14.80 27.74 -19.04
CA ALA A 112 15.44 26.81 -19.97
C ALA A 112 14.99 25.38 -19.70
N MET A 113 15.07 24.95 -18.44
CA MET A 113 14.56 23.64 -18.06
C MET A 113 13.12 23.44 -18.53
N ALA A 114 12.25 24.43 -18.26
CA ALA A 114 10.84 24.29 -18.59
C ALA A 114 10.61 24.26 -20.10
N SER A 115 11.45 24.93 -20.88
CA SER A 115 11.22 24.91 -22.32
C SER A 115 11.51 23.56 -22.96
N VAL A 116 12.28 22.68 -22.31
CA VAL A 116 12.67 21.41 -22.93
C VAL A 116 12.09 20.20 -22.20
N ALA A 117 11.92 20.29 -20.88
CA ALA A 117 11.32 19.17 -20.16
C ALA A 117 9.89 18.91 -20.65
N THR A 118 9.52 17.64 -20.71
CA THR A 118 8.17 17.24 -21.06
C THR A 118 7.35 16.86 -19.83
N VAL A 119 7.77 17.32 -18.66
CA VAL A 119 7.02 17.17 -17.42
C VAL A 119 7.02 18.53 -16.74
N PRO A 120 6.07 18.77 -15.84
CA PRO A 120 5.99 20.07 -15.16
C PRO A 120 7.26 20.37 -14.38
N VAL A 121 7.69 21.64 -14.45
CA VAL A 121 8.83 22.14 -13.69
C VAL A 121 8.28 23.13 -12.66
N ILE A 122 8.73 23.00 -11.42
CA ILE A 122 8.26 23.83 -10.32
C ILE A 122 9.46 24.55 -9.72
N ASN A 123 9.35 25.88 -9.60
CA ASN A 123 10.36 26.69 -8.92
C ASN A 123 10.18 26.49 -7.42
N ALA A 124 11.11 25.76 -6.78
CA ALA A 124 11.00 25.55 -5.33
C ALA A 124 11.38 26.79 -4.54
N LEU A 125 12.19 27.66 -5.14
CA LEU A 125 12.71 28.91 -4.61
C LEU A 125 13.80 29.36 -5.57
N SER A 126 13.82 30.64 -5.94
CA SER A 126 14.84 31.15 -6.82
C SER A 126 15.22 32.56 -6.37
N ASP A 127 16.22 33.14 -7.02
CA ASP A 127 16.59 34.51 -6.66
C ASP A 127 15.44 35.49 -6.89
N GLU A 128 14.62 35.30 -7.92
CA GLU A 128 13.63 36.30 -8.28
C GLU A 128 12.24 36.04 -7.70
N PHE A 129 11.88 34.78 -7.46
CA PHE A 129 10.52 34.46 -7.02
C PHE A 129 10.57 33.35 -5.99
N HIS A 130 9.53 33.27 -5.17
CA HIS A 130 9.34 32.17 -4.19
C HIS A 130 7.85 31.85 -4.23
N PRO A 131 7.33 31.37 -5.38
CA PRO A 131 5.90 31.22 -5.54
C PRO A 131 5.21 30.15 -4.65
N CYS A 132 5.97 29.12 -4.31
CA CYS A 132 5.41 28.07 -3.44
C CYS A 132 5.18 28.64 -2.03
N GLN A 133 6.10 29.48 -1.59
CA GLN A 133 5.88 30.08 -0.27
C GLN A 133 4.64 30.97 -0.29
N VAL A 134 4.44 31.69 -1.39
CA VAL A 134 3.29 32.59 -1.41
C VAL A 134 1.98 31.80 -1.52
N LEU A 135 1.97 30.66 -2.20
CA LEU A 135 0.77 29.82 -2.11
C LEU A 135 0.45 29.44 -0.67
N ALA A 136 1.48 29.05 0.09
CA ALA A 136 1.28 28.73 1.51
C ALA A 136 0.80 29.96 2.29
N ASP A 137 1.36 31.15 1.99
CA ASP A 137 0.89 32.38 2.64
C ASP A 137 -0.60 32.61 2.36
N LEU A 138 -1.01 32.46 1.09
CA LEU A 138 -2.42 32.69 0.76
C LEU A 138 -3.33 31.66 1.43
N GLN A 139 -2.88 30.40 1.49
CA GLN A 139 -3.65 29.39 2.24
C GLN A 139 -3.81 29.80 3.69
N THR A 140 -2.72 30.28 4.30
CA THR A 140 -2.75 30.69 5.70
C THR A 140 -3.69 31.88 5.89
N ILE A 141 -3.60 32.89 5.01
CA ILE A 141 -4.49 34.05 5.13
C ILE A 141 -5.95 33.62 5.02
N ALA A 142 -6.26 32.74 4.04
CA ALA A 142 -7.63 32.28 3.87
C ALA A 142 -8.14 31.54 5.11
N GLU A 143 -7.27 30.74 5.74
CA GLU A 143 -7.66 30.02 6.95
C GLU A 143 -8.08 30.97 8.04
N ARG A 144 -7.40 32.10 8.16
CA ARG A 144 -7.61 33.03 9.25
C ARG A 144 -8.69 34.07 8.96
N LYS A 145 -8.85 34.47 7.70
CA LYS A 145 -9.73 35.59 7.36
C LYS A 145 -10.81 35.30 6.35
N GLY A 146 -10.81 34.15 5.70
CA GLY A 146 -11.85 33.82 4.75
C GLY A 146 -11.50 34.30 3.35
N ALA A 147 -12.40 35.08 2.75
CA ALA A 147 -12.22 35.50 1.37
C ALA A 147 -10.99 36.39 1.24
N LEU A 148 -10.16 36.11 0.23
CA LEU A 148 -8.93 36.86 0.04
C LEU A 148 -9.19 38.18 -0.68
N ARG A 149 -10.19 38.20 -1.55
CA ARG A 149 -10.42 39.36 -2.40
C ARG A 149 -10.68 40.61 -1.56
N GLY A 150 -9.96 41.69 -1.87
CA GLY A 150 -10.13 42.94 -1.18
C GLY A 150 -9.35 43.12 0.11
N LEU A 151 -8.68 42.08 0.61
CA LEU A 151 -7.81 42.26 1.77
C LEU A 151 -6.64 43.18 1.43
N ARG A 152 -6.06 43.78 2.46
CA ARG A 152 -4.92 44.67 2.34
C ARG A 152 -3.71 44.03 3.01
N LEU A 153 -2.67 43.80 2.22
CA LEU A 153 -1.44 43.16 2.68
C LEU A 153 -0.29 44.12 2.43
N SER A 154 0.57 44.27 3.44
CA SER A 154 1.78 45.07 3.34
C SER A 154 2.99 44.23 3.69
N TYR A 155 3.99 44.30 2.82
CA TYR A 155 5.29 43.67 3.01
C TYR A 155 6.31 44.74 3.33
N PHE A 156 7.22 44.43 4.24
CA PHE A 156 8.22 45.38 4.75
C PHE A 156 9.62 44.81 4.60
N GLY A 157 10.55 45.63 4.10
CA GLY A 157 11.94 45.26 4.07
C GLY A 157 12.58 45.42 2.70
N ASP A 158 13.27 44.40 2.22
CA ASP A 158 13.93 44.46 0.91
C ASP A 158 12.85 44.26 -0.16
N GLY A 159 12.56 45.33 -0.91
CA GLY A 159 11.46 45.27 -1.85
C GLY A 159 11.76 44.62 -3.18
N ALA A 160 13.00 44.14 -3.38
CA ALA A 160 13.36 43.49 -4.63
C ALA A 160 13.75 42.03 -4.45
N ASN A 161 13.47 41.43 -3.31
CA ASN A 161 13.85 40.05 -3.12
C ASN A 161 12.73 39.12 -3.61
N ASN A 162 12.94 37.82 -3.47
CA ASN A 162 12.00 36.88 -4.06
C ASN A 162 10.63 36.97 -3.40
N MET A 163 10.58 37.28 -2.10
CA MET A 163 9.27 37.30 -1.45
C MET A 163 8.49 38.56 -1.80
N ALA A 164 9.16 39.71 -1.92
CA ALA A 164 8.47 40.91 -2.38
C ALA A 164 7.87 40.67 -3.76
N HIS A 165 8.65 40.09 -4.67
CA HIS A 165 8.15 39.89 -6.02
C HIS A 165 6.97 38.94 -6.03
N SER A 166 7.04 37.86 -5.25
CA SER A 166 5.98 36.86 -5.31
C SER A 166 4.74 37.31 -4.56
N LEU A 167 4.91 38.06 -3.45
CA LEU A 167 3.74 38.64 -2.80
C LEU A 167 3.01 39.61 -3.73
N LEU A 168 3.74 40.41 -4.49
CA LEU A 168 3.11 41.25 -5.51
C LEU A 168 2.29 40.41 -6.48
N LEU A 169 2.94 39.45 -7.14
CA LEU A 169 2.29 38.71 -8.23
C LEU A 169 1.21 37.77 -7.70
N GLY A 170 1.55 36.94 -6.71
CA GLY A 170 0.57 36.02 -6.15
C GLY A 170 -0.53 36.74 -5.39
N GLY A 171 -0.17 37.81 -4.67
CA GLY A 171 -1.17 38.56 -3.94
C GLY A 171 -2.23 39.18 -4.84
N VAL A 172 -1.80 39.90 -5.89
CA VAL A 172 -2.80 40.52 -6.74
C VAL A 172 -3.57 39.48 -7.54
N THR A 173 -2.95 38.33 -7.81
CA THR A 173 -3.70 37.26 -8.47
C THR A 173 -4.88 36.78 -7.62
N ALA A 174 -4.74 36.86 -6.30
CA ALA A 174 -5.80 36.51 -5.36
C ALA A 174 -6.76 37.65 -5.07
N GLY A 175 -6.58 38.82 -5.70
CA GLY A 175 -7.43 39.96 -5.42
C GLY A 175 -7.01 40.81 -4.23
N ILE A 176 -5.83 40.58 -3.67
CA ILE A 176 -5.33 41.30 -2.49
C ILE A 176 -4.68 42.60 -2.93
N HIS A 177 -4.96 43.69 -2.21
CA HIS A 177 -4.27 44.97 -2.39
C HIS A 177 -2.91 44.88 -1.71
N VAL A 178 -1.83 44.91 -2.49
CA VAL A 178 -0.50 44.64 -1.97
C VAL A 178 0.27 45.95 -1.91
N THR A 179 0.88 46.22 -0.77
CA THR A 179 1.81 47.33 -0.60
C THR A 179 3.18 46.76 -0.28
N VAL A 180 4.20 47.25 -0.96
CA VAL A 180 5.58 46.95 -0.62
C VAL A 180 6.15 48.22 0.00
N ALA A 181 6.62 48.12 1.25
CA ALA A 181 7.29 49.23 1.94
C ALA A 181 8.77 48.92 2.00
N ALA A 182 9.57 49.73 1.29
CA ALA A 182 10.99 49.45 1.17
C ALA A 182 11.72 50.76 1.01
N PRO A 183 12.97 50.83 1.44
CA PRO A 183 13.76 52.06 1.23
C PRO A 183 14.19 52.21 -0.23
N GLU A 184 14.47 53.46 -0.62
CA GLU A 184 15.08 53.71 -1.93
C GLU A 184 16.33 52.87 -2.18
N GLY A 185 16.42 52.43 -3.43
CA GLY A 185 17.48 51.55 -3.86
C GLY A 185 17.12 50.10 -3.74
N PHE A 186 16.00 49.79 -3.08
CA PHE A 186 15.62 48.42 -2.75
C PHE A 186 14.20 48.14 -3.22
N LEU A 187 13.81 48.73 -4.37
CA LEU A 187 12.42 48.64 -4.83
C LEU A 187 12.22 47.50 -5.80
N PRO A 188 10.97 47.06 -6.02
CA PRO A 188 10.75 45.88 -6.86
C PRO A 188 11.29 46.06 -8.27
N ASP A 189 11.72 44.95 -8.86
CA ASP A 189 12.10 44.94 -10.26
C ASP A 189 10.97 45.54 -11.12
N PRO A 190 11.28 46.46 -12.05
CA PRO A 190 10.21 47.13 -12.81
C PRO A 190 9.36 46.19 -13.66
N SER A 191 9.97 45.17 -14.24
CA SER A 191 9.19 44.20 -15.02
C SER A 191 8.20 43.44 -14.12
N VAL A 192 8.61 43.02 -12.93
CA VAL A 192 7.69 42.33 -12.03
C VAL A 192 6.58 43.29 -11.57
N ARG A 193 6.93 44.54 -11.24
CA ARG A 193 5.93 45.50 -10.80
C ARG A 193 4.87 45.74 -11.88
N ALA A 194 5.30 45.89 -13.14
CA ALA A 194 4.35 46.11 -14.24
C ALA A 194 3.47 44.88 -14.45
N ALA A 195 4.05 43.69 -14.34
CA ALA A 195 3.24 42.49 -14.45
C ALA A 195 2.20 42.44 -13.33
N ALA A 196 2.61 42.78 -12.10
CA ALA A 196 1.64 42.80 -10.99
C ALA A 196 0.56 43.84 -11.22
N GLU A 197 0.93 45.03 -11.71
CA GLU A 197 -0.09 46.05 -11.94
C GLU A 197 -1.11 45.59 -12.99
N ARG A 198 -0.64 44.92 -14.05
CA ARG A 198 -1.57 44.47 -15.08
C ARG A 198 -2.48 43.35 -14.56
N ARG A 199 -1.90 42.40 -13.82
CA ARG A 199 -2.72 41.34 -13.24
C ARG A 199 -3.73 41.89 -12.24
N ALA A 200 -3.32 42.87 -11.44
CA ALA A 200 -4.23 43.48 -10.47
C ALA A 200 -5.43 44.15 -11.13
N GLN A 201 -5.26 44.63 -12.37
CA GLN A 201 -6.40 45.16 -13.11
C GLN A 201 -7.47 44.09 -13.33
N ASP A 202 -7.06 42.85 -13.61
CA ASP A 202 -8.04 41.79 -13.84
C ASP A 202 -8.78 41.36 -12.59
N THR A 203 -8.23 41.61 -11.40
CA THR A 203 -8.84 41.08 -10.18
C THR A 203 -9.44 42.17 -9.32
N GLY A 204 -9.27 43.43 -9.68
CA GLY A 204 -9.67 44.52 -8.81
C GLY A 204 -8.72 44.80 -7.66
N ALA A 205 -7.53 44.19 -7.67
CA ALA A 205 -6.50 44.46 -6.66
C ALA A 205 -5.75 45.75 -7.02
N SER A 206 -4.65 46.01 -6.32
CA SER A 206 -3.79 47.15 -6.67
C SER A 206 -2.39 46.87 -6.14
N VAL A 207 -1.43 47.65 -6.66
CA VAL A 207 -0.03 47.62 -6.26
C VAL A 207 0.34 48.99 -5.71
N THR A 208 0.93 49.01 -4.52
CA THR A 208 1.46 50.25 -3.94
C THR A 208 2.89 50.00 -3.50
N VAL A 209 3.78 50.95 -3.80
CA VAL A 209 5.18 50.87 -3.38
C VAL A 209 5.52 52.17 -2.68
N THR A 210 5.95 52.10 -1.42
CA THR A 210 6.15 53.30 -0.63
C THR A 210 7.39 53.14 0.23
N ALA A 211 7.99 54.27 0.61
CA ALA A 211 9.06 54.27 1.60
C ALA A 211 8.54 54.60 3.01
N ASP A 212 7.23 54.69 3.19
CA ASP A 212 6.61 55.14 4.45
C ASP A 212 6.01 53.93 5.15
N ALA A 213 6.74 53.39 6.14
CA ALA A 213 6.35 52.10 6.74
C ALA A 213 5.08 52.23 7.54
N HIS A 214 4.99 53.37 8.23
CA HIS A 214 3.79 53.64 9.06
C HIS A 214 2.56 53.75 8.17
N ALA A 215 2.68 54.42 7.02
CA ALA A 215 1.53 54.48 6.16
C ALA A 215 1.18 53.12 5.60
N ALA A 216 2.18 52.30 5.25
CA ALA A 216 1.93 50.95 4.77
C ALA A 216 1.26 50.08 5.83
N ALA A 217 1.59 50.28 7.11
CA ALA A 217 1.00 49.43 8.13
C ALA A 217 -0.44 49.83 8.44
N ALA A 218 -0.78 51.12 8.30
CA ALA A 218 -2.10 51.61 8.70
C ALA A 218 -3.19 50.93 7.90
N GLY A 219 -4.16 50.35 8.62
CA GLY A 219 -5.27 49.67 8.00
C GLY A 219 -4.97 48.33 7.38
N ALA A 220 -3.77 47.78 7.53
CA ALA A 220 -3.47 46.52 6.86
C ALA A 220 -4.13 45.34 7.56
N ASP A 221 -4.54 44.34 6.78
CA ASP A 221 -5.05 43.09 7.32
C ASP A 221 -3.93 42.07 7.58
N VAL A 222 -2.85 42.17 6.82
CA VAL A 222 -1.75 41.22 6.85
C VAL A 222 -0.46 42.02 6.75
N LEU A 223 0.47 41.77 7.67
CA LEU A 223 1.82 42.34 7.62
C LEU A 223 2.82 41.20 7.40
N VAL A 224 3.72 41.39 6.46
CA VAL A 224 4.70 40.37 6.08
C VAL A 224 6.09 41.01 6.11
N THR A 225 7.09 40.24 6.53
CA THR A 225 8.47 40.62 6.31
C THR A 225 9.31 39.36 6.06
N ASP A 226 10.62 39.57 5.93
CA ASP A 226 11.54 38.53 5.51
C ASP A 226 12.92 39.04 5.88
N THR A 227 13.90 38.15 5.94
CA THR A 227 15.26 38.61 6.19
C THR A 227 15.68 39.65 5.15
N TRP A 228 16.54 40.56 5.57
CA TRP A 228 16.89 41.71 4.77
C TRP A 228 17.95 41.37 3.74
N THR A 229 18.65 40.26 3.94
CA THR A 229 19.85 39.93 3.19
C THR A 229 19.86 38.42 2.95
N SER A 230 20.00 38.02 1.68
CA SER A 230 20.22 36.62 1.35
C SER A 230 21.71 36.28 1.43
N MET A 231 22.02 34.98 1.36
CA MET A 231 23.43 34.57 1.42
C MET A 231 24.25 35.25 0.32
N GLY A 232 23.71 35.30 -0.90
CA GLY A 232 24.44 35.90 -2.01
C GLY A 232 24.59 37.42 -1.93
N GLN A 233 23.93 38.08 -0.99
CA GLN A 233 24.04 39.53 -0.87
C GLN A 233 24.98 39.95 0.24
N GLU A 234 25.48 39.01 1.05
CA GLU A 234 26.33 39.33 2.17
C GLU A 234 27.61 40.03 1.74
N ASN A 235 28.05 39.81 0.50
CA ASN A 235 29.27 40.42 0.00
C ASN A 235 29.00 41.48 -1.06
N ASP A 236 27.78 42.04 -1.10
CA ASP A 236 27.47 43.00 -2.15
C ASP A 236 28.00 44.39 -1.87
N GLY A 237 28.57 44.63 -0.68
CA GLY A 237 29.21 45.88 -0.37
C GLY A 237 28.35 46.89 0.35
N LEU A 238 27.04 46.64 0.44
CA LEU A 238 26.13 47.57 1.09
C LEU A 238 26.04 47.36 2.60
N ASP A 239 25.81 48.47 3.31
CA ASP A 239 25.22 48.43 4.64
C ASP A 239 23.76 47.96 4.49
N ARG A 240 23.48 46.72 4.89
CA ARG A 240 22.14 46.16 4.74
C ARG A 240 21.44 46.09 6.10
N VAL A 241 21.76 47.02 7.00
CA VAL A 241 21.03 47.15 8.27
C VAL A 241 20.42 48.54 8.31
N LYS A 242 21.25 49.58 8.20
CA LYS A 242 20.76 50.95 8.36
C LYS A 242 19.57 51.29 7.47
N PRO A 243 19.52 50.95 6.18
CA PRO A 243 18.32 51.32 5.39
C PRO A 243 17.03 50.70 5.88
N PHE A 244 17.10 49.52 6.51
CA PHE A 244 15.91 48.74 6.79
C PHE A 244 15.38 48.92 8.20
N ARG A 245 16.15 49.50 9.11
CA ARG A 245 15.70 49.61 10.49
C ARG A 245 14.34 50.28 10.63
N PRO A 246 14.00 51.33 9.88
CA PRO A 246 12.64 51.89 10.00
C PRO A 246 11.54 50.97 9.50
N PHE A 247 11.89 49.88 8.83
CA PHE A 247 10.90 48.95 8.31
C PHE A 247 10.76 47.70 9.17
N GLN A 248 11.32 47.72 10.38
CA GLN A 248 11.19 46.56 11.31
C GLN A 248 9.73 46.29 11.67
N LEU A 249 9.33 45.03 11.59
CA LEU A 249 7.97 44.64 11.98
C LEU A 249 7.99 44.48 13.50
N ASN A 250 7.65 45.56 14.19
CA ASN A 250 7.72 45.56 15.66
C ASN A 250 6.34 45.85 16.23
N SER A 251 6.23 45.81 17.55
CA SER A 251 4.91 46.01 18.17
C SER A 251 4.30 47.35 17.78
N ARG A 252 5.12 48.41 17.74
CA ARG A 252 4.64 49.73 17.32
C ARG A 252 4.01 49.67 15.94
N LEU A 253 4.70 49.04 15.00
CA LEU A 253 4.18 48.96 13.63
C LEU A 253 2.92 48.11 13.58
N LEU A 254 2.89 46.98 14.28
CA LEU A 254 1.72 46.11 14.24
C LEU A 254 0.49 46.81 14.83
N ALA A 255 0.69 47.66 15.86
CA ALA A 255 -0.44 48.34 16.47
C ALA A 255 -1.08 49.37 15.53
N LEU A 256 -0.38 49.77 14.46
CA LEU A 256 -0.97 50.66 13.47
C LEU A 256 -1.94 49.95 12.52
N ALA A 257 -1.85 48.63 12.39
CA ALA A 257 -2.66 47.86 11.46
C ALA A 257 -4.05 47.61 12.04
N ASP A 258 -4.89 46.92 11.26
CA ASP A 258 -6.20 46.51 11.76
CA ASP A 258 -6.20 46.50 11.76
C ASP A 258 -6.04 45.71 13.05
N SER A 259 -7.02 45.86 13.95
CA SER A 259 -6.97 45.15 15.23
C SER A 259 -6.89 43.64 15.05
N ASP A 260 -7.40 43.11 13.93
CA ASP A 260 -7.42 41.68 13.66
C ASP A 260 -6.29 41.22 12.75
N ALA A 261 -5.28 42.07 12.53
CA ALA A 261 -4.25 41.77 11.54
C ALA A 261 -3.41 40.58 11.93
N ILE A 262 -2.91 39.86 10.93
CA ILE A 262 -2.00 38.75 11.15
C ILE A 262 -0.64 39.06 10.54
N VAL A 263 0.36 38.31 11.00
CA VAL A 263 1.76 38.52 10.64
C VAL A 263 2.29 37.24 10.00
N LEU A 264 2.97 37.38 8.86
CA LEU A 264 3.58 36.29 8.14
C LEU A 264 5.07 36.57 8.00
N HIS A 265 5.86 35.50 7.87
CA HIS A 265 7.31 35.61 7.71
C HIS A 265 7.83 34.31 7.12
N CYS A 266 8.40 34.38 5.92
CA CYS A 266 9.20 33.30 5.34
C CYS A 266 10.36 33.01 6.27
N LEU A 267 10.36 31.84 6.89
CA LEU A 267 11.47 31.47 7.77
C LEU A 267 12.73 31.21 6.95
N PRO A 268 13.93 31.34 7.56
CA PRO A 268 14.21 31.64 8.97
C PRO A 268 14.03 33.12 9.29
N ALA A 269 13.66 33.43 10.53
CA ALA A 269 13.64 34.81 11.00
C ALA A 269 14.90 35.13 11.78
N HIS A 270 15.41 36.35 11.61
CA HIS A 270 16.50 36.87 12.44
C HIS A 270 15.86 37.85 13.43
N ARG A 271 15.54 37.31 14.59
CA ARG A 271 14.81 38.04 15.62
C ARG A 271 15.64 39.23 16.08
N GLY A 272 15.01 40.39 16.18
CA GLY A 272 15.70 41.62 16.45
C GLY A 272 16.06 42.42 15.22
N ASP A 273 16.04 41.80 14.02
CA ASP A 273 16.30 42.56 12.81
C ASP A 273 14.99 42.92 12.13
N GLU A 274 14.50 42.08 11.20
CA GLU A 274 13.31 42.46 10.45
C GLU A 274 12.03 42.31 11.28
N ILE A 275 12.07 41.53 12.36
CA ILE A 275 10.91 41.27 13.20
C ILE A 275 11.37 41.13 14.65
N THR A 276 10.49 41.47 15.60
CA THR A 276 10.85 41.35 17.01
C THR A 276 10.24 40.09 17.61
N ASP A 277 10.81 39.66 18.74
CA ASP A 277 10.27 38.50 19.47
C ASP A 277 8.80 38.69 19.79
N ALA A 278 8.43 39.88 20.29
CA ALA A 278 7.06 40.12 20.73
C ALA A 278 6.07 39.90 19.60
N VAL A 279 6.43 40.30 18.38
CA VAL A 279 5.53 40.14 17.26
C VAL A 279 5.53 38.68 16.81
N MET A 280 6.73 38.15 16.60
CA MET A 280 6.94 36.77 16.17
C MET A 280 6.21 35.78 17.07
N ASP A 281 6.20 36.04 18.38
CA ASP A 281 5.68 35.09 19.35
C ASP A 281 4.29 35.48 19.86
N GLY A 282 3.75 36.60 19.40
CA GLY A 282 2.50 37.10 19.89
C GLY A 282 1.31 36.50 19.19
N PRO A 283 0.12 36.95 19.59
CA PRO A 283 -1.11 36.33 19.10
C PRO A 283 -1.47 36.66 17.65
N ALA A 284 -0.83 37.67 17.03
CA ALA A 284 -1.08 37.95 15.63
C ALA A 284 -0.22 37.10 14.70
N SER A 285 0.79 36.42 15.22
CA SER A 285 1.71 35.67 14.38
C SER A 285 1.05 34.42 13.82
N ALA A 286 1.12 34.26 12.51
CA ALA A 286 0.68 33.03 11.85
C ALA A 286 1.85 32.27 11.23
N VAL A 287 3.08 32.55 11.69
CA VAL A 287 4.26 32.02 11.00
C VAL A 287 4.36 30.50 11.08
N TRP A 288 3.88 29.88 12.18
CA TRP A 288 4.00 28.43 12.26
C TRP A 288 2.98 27.71 11.39
N ASP A 289 1.72 28.17 11.37
CA ASP A 289 0.75 27.63 10.41
C ASP A 289 1.24 27.84 8.98
N GLU A 290 1.78 29.03 8.69
CA GLU A 290 2.34 29.35 7.38
C GLU A 290 3.40 28.32 6.97
N ALA A 291 4.32 27.99 7.87
CA ALA A 291 5.37 27.01 7.56
C ALA A 291 4.76 25.63 7.29
N GLU A 292 3.81 25.22 8.11
CA GLU A 292 3.14 23.94 7.88
C GLU A 292 2.48 23.91 6.50
N ASN A 293 1.85 25.03 6.10
CA ASN A 293 1.09 25.04 4.86
C ASN A 293 1.96 24.96 3.61
N ARG A 294 3.28 25.10 3.71
CA ARG A 294 4.11 24.76 2.55
C ARG A 294 3.84 23.34 2.10
N LEU A 295 3.66 22.43 3.07
CA LEU A 295 3.39 21.04 2.73
C LEU A 295 2.10 20.90 1.92
N HIS A 296 1.00 21.48 2.42
CA HIS A 296 -0.31 21.30 1.79
C HIS A 296 -0.40 22.04 0.47
N ALA A 297 0.12 23.27 0.40
CA ALA A 297 -0.02 24.06 -0.81
C ALA A 297 0.82 23.46 -1.95
N GLN A 298 2.03 22.97 -1.64
CA GLN A 298 2.85 22.34 -2.68
C GLN A 298 2.25 21.03 -3.17
N LYS A 299 1.67 20.24 -2.26
CA LYS A 299 0.95 19.04 -2.71
C LYS A 299 -0.18 19.40 -3.67
N ALA A 300 -0.97 20.42 -3.32
CA ALA A 300 -2.05 20.88 -4.19
C ALA A 300 -1.51 21.28 -5.56
N LEU A 301 -0.44 22.06 -5.56
CA LEU A 301 0.15 22.50 -6.83
C LEU A 301 0.57 21.32 -7.69
N LEU A 302 1.21 20.33 -7.08
CA LEU A 302 1.67 19.19 -7.85
C LEU A 302 0.49 18.38 -8.38
N VAL A 303 -0.52 18.14 -7.54
CA VAL A 303 -1.73 17.46 -8.02
C VAL A 303 -2.31 18.21 -9.22
N TRP A 304 -2.43 19.52 -9.09
CA TRP A 304 -3.06 20.32 -10.14
C TRP A 304 -2.23 20.31 -11.42
N LEU A 305 -0.90 20.48 -11.31
CA LEU A 305 -0.06 20.49 -12.51
C LEU A 305 -0.05 19.12 -13.20
N LEU A 306 0.02 18.05 -12.42
CA LEU A 306 0.07 16.71 -13.01
C LEU A 306 -1.22 16.40 -13.77
N GLU A 307 -2.35 16.84 -13.24
CA GLU A 307 -3.68 16.59 -13.89
C GLU A 307 -3.79 17.38 -15.20
N ARG A 308 -3.12 18.51 -15.29
CA ARG A 308 -3.24 19.38 -16.49
C ARG A 308 -2.08 19.09 -17.43
N SER A 309 -1.20 18.16 -17.10
CA SER A 309 -0.01 17.95 -17.94
C SER A 309 0.17 16.47 -18.31
N VAL B 3 3.02 16.14 28.04
CA VAL B 3 2.57 14.75 27.94
C VAL B 3 3.42 14.01 26.88
N ILE B 4 4.35 14.73 26.25
CA ILE B 4 5.16 14.18 25.17
C ILE B 4 6.43 13.57 25.76
N ARG B 5 6.61 12.27 25.55
CA ARG B 5 7.76 11.56 26.08
C ARG B 5 8.96 11.65 25.13
N HIS B 6 10.14 11.83 25.72
CA HIS B 6 11.40 11.82 25.00
C HIS B 6 12.26 10.65 25.47
N PHE B 7 13.32 10.37 24.71
CA PHE B 7 14.24 9.30 25.08
C PHE B 7 15.65 9.80 24.77
N LEU B 8 16.28 10.46 25.75
CA LEU B 8 17.61 11.11 25.54
C LEU B 8 18.70 10.41 26.36
N ARG B 9 18.27 9.65 27.36
CA ARG B 9 19.18 8.88 28.23
C ARG B 9 18.43 7.62 28.66
N ASP B 10 19.14 6.57 29.00
CA ASP B 10 18.52 5.25 29.24
C ASP B 10 17.49 5.26 30.35
N ASP B 11 17.71 6.07 31.38
CA ASP B 11 16.83 6.12 32.56
C ASP B 11 15.56 6.94 32.31
N ASP B 12 15.38 7.50 31.11
CA ASP B 12 14.10 8.17 30.76
C ASP B 12 13.00 7.12 30.79
N LEU B 13 13.36 5.85 30.58
CA LEU B 13 12.39 4.78 30.77
C LEU B 13 12.51 4.26 32.20
N SER B 14 11.36 4.09 32.86
CA SER B 14 11.32 3.35 34.10
C SER B 14 11.65 1.88 33.84
N PRO B 15 11.95 1.10 34.88
CA PRO B 15 12.12 -0.35 34.66
C PRO B 15 10.93 -1.00 33.97
N ALA B 16 9.69 -0.64 34.35
CA ALA B 16 8.55 -1.28 33.72
C ALA B 16 8.40 -0.82 32.28
N GLU B 17 8.70 0.45 31.99
CA GLU B 17 8.64 0.95 30.62
C GLU B 17 9.70 0.32 29.75
N GLN B 18 10.94 0.21 30.25
CA GLN B 18 11.98 -0.45 29.47
C GLN B 18 11.60 -1.89 29.13
N ALA B 19 10.97 -2.60 30.07
CA ALA B 19 10.51 -3.95 29.78
C ALA B 19 9.48 -3.97 28.66
N GLU B 20 8.57 -2.99 28.64
CA GLU B 20 7.58 -2.92 27.56
C GLU B 20 8.26 -2.74 26.21
N VAL B 21 9.24 -1.82 26.13
CA VAL B 21 9.94 -1.57 24.88
C VAL B 21 10.70 -2.82 24.42
N LEU B 22 11.34 -3.53 25.35
CA LEU B 22 12.09 -4.73 24.95
C LEU B 22 11.14 -5.84 24.51
N GLU B 23 10.00 -5.97 25.16
CA GLU B 23 9.01 -6.96 24.71
C GLU B 23 8.52 -6.61 23.30
N LEU B 24 8.21 -5.33 23.07
CA LEU B 24 7.84 -4.85 21.74
C LEU B 24 8.93 -5.16 20.71
N ALA B 25 10.21 -4.97 21.08
CA ALA B 25 11.30 -5.28 20.15
C ALA B 25 11.30 -6.75 19.75
N ALA B 26 10.97 -7.63 20.69
CA ALA B 26 10.89 -9.05 20.36
C ALA B 26 9.75 -9.33 19.39
N GLU B 27 8.56 -8.77 19.67
CA GLU B 27 7.44 -8.92 18.76
C GLU B 27 7.75 -8.37 17.38
N LEU B 28 8.47 -7.24 17.31
CA LEU B 28 8.76 -6.65 16.01
C LEU B 28 9.80 -7.42 15.24
N LYS B 29 10.76 -8.05 15.94
CA LYS B 29 11.73 -8.89 15.25
C LYS B 29 11.01 -10.06 14.56
N LYS B 30 9.98 -10.58 15.21
CA LYS B 30 9.23 -11.69 14.64
C LYS B 30 8.32 -11.25 13.49
N ASP B 31 7.69 -10.07 13.62
CA ASP B 31 6.73 -9.55 12.64
C ASP B 31 7.06 -8.11 12.28
N PRO B 32 8.02 -7.89 11.36
CA PRO B 32 8.64 -6.55 11.23
C PRO B 32 7.74 -5.49 10.59
N VAL B 33 6.64 -5.86 9.92
CA VAL B 33 5.78 -4.89 9.27
C VAL B 33 4.36 -4.93 9.83
N SER B 34 4.18 -5.50 11.03
CA SER B 34 2.89 -5.63 11.67
C SER B 34 2.46 -4.36 12.39
N ARG B 35 3.37 -3.43 12.64
CA ARG B 35 3.03 -2.19 13.33
C ARG B 35 3.25 -1.05 12.35
N ARG B 36 2.19 -0.32 12.03
CA ARG B 36 2.27 0.74 11.03
C ARG B 36 1.73 2.05 11.59
N PRO B 37 2.27 2.52 12.73
CA PRO B 37 1.79 3.79 13.29
C PRO B 37 2.10 5.00 12.42
N LEU B 38 3.02 4.88 11.47
CA LEU B 38 3.41 5.98 10.59
C LEU B 38 2.85 5.84 9.18
N GLN B 39 1.86 4.97 8.99
CA GLN B 39 1.28 4.74 7.67
C GLN B 39 0.73 6.05 7.12
N GLY B 40 0.86 6.24 5.80
CA GLY B 40 0.53 7.52 5.20
C GLY B 40 1.24 7.77 3.89
N PRO B 41 2.55 8.05 3.94
CA PRO B 41 3.40 8.01 5.14
C PRO B 41 3.38 9.30 5.94
N ARG B 42 3.57 9.15 7.25
CA ARG B 42 3.87 10.24 8.17
C ARG B 42 5.39 10.37 8.21
N GLY B 43 5.89 11.56 8.52
CA GLY B 43 7.34 11.77 8.54
C GLY B 43 8.00 11.56 9.89
N VAL B 44 9.28 11.22 9.86
CA VAL B 44 10.16 11.27 11.03
C VAL B 44 11.45 11.94 10.60
N ALA B 45 11.90 12.92 11.36
CA ALA B 45 13.19 13.56 11.08
C ALA B 45 14.34 12.75 11.66
N VAL B 46 15.38 12.50 10.85
CA VAL B 46 16.60 11.81 11.29
C VAL B 46 17.75 12.74 10.95
N ILE B 47 18.25 13.45 11.94
CA ILE B 47 19.18 14.57 11.75
C ILE B 47 20.54 14.20 12.34
N PHE B 48 21.59 14.39 11.56
CA PHE B 48 22.95 14.10 11.99
C PHE B 48 23.77 15.38 12.00
N ASP B 49 24.24 15.78 13.19
CA ASP B 49 25.27 16.81 13.26
C ASP B 49 26.61 16.25 12.80
N LYS B 50 26.72 14.93 12.77
CA LYS B 50 27.92 14.21 12.37
C LYS B 50 27.43 12.85 11.88
N ASN B 51 27.84 12.45 10.69
CA ASN B 51 27.27 11.27 10.06
C ASN B 51 27.54 10.01 10.87
N SER B 52 26.61 9.07 10.78
CA SER B 52 26.77 7.73 11.37
C SER B 52 26.00 6.81 10.44
N THR B 53 26.70 6.14 9.54
CA THR B 53 26.07 5.25 8.55
C THR B 53 25.23 4.17 9.24
N ARG B 54 25.73 3.61 10.35
CA ARG B 54 25.01 2.52 11.03
C ARG B 54 23.72 3.06 11.64
N THR B 55 23.81 4.24 12.22
CA THR B 55 22.63 4.88 12.82
C THR B 55 21.63 5.17 11.70
N ARG B 56 22.10 5.52 10.51
CA ARG B 56 21.20 5.86 9.39
C ARG B 56 20.50 4.62 8.84
N PHE B 57 21.23 3.57 8.52
CA PHE B 57 20.54 2.34 8.04
C PHE B 57 19.49 1.91 9.04
N SER B 58 19.87 1.82 10.31
CA SER B 58 18.94 1.28 11.31
C SER B 58 17.66 2.11 11.35
N PHE B 59 17.81 3.41 11.50
CA PHE B 59 16.62 4.24 11.67
C PHE B 59 15.86 4.39 10.36
N GLU B 60 16.57 4.58 9.25
CA GLU B 60 15.87 4.83 7.99
C GLU B 60 15.01 3.63 7.60
N LEU B 61 15.58 2.42 7.69
CA LEU B 61 14.81 1.23 7.36
C LEU B 61 13.71 0.98 8.39
N GLY B 62 14.01 1.21 9.66
CA GLY B 62 13.02 0.97 10.69
C GLY B 62 11.80 1.83 10.52
N ILE B 63 12.00 3.13 10.25
CA ILE B 63 10.88 4.03 10.04
C ILE B 63 10.06 3.60 8.83
N ALA B 64 10.73 3.22 7.74
CA ALA B 64 9.98 2.78 6.56
C ALA B 64 9.14 1.53 6.88
N GLN B 65 9.68 0.62 7.68
CA GLN B 65 8.92 -0.58 8.03
C GLN B 65 7.78 -0.30 9.01
N LEU B 66 7.78 0.87 9.63
CA LEU B 66 6.62 1.32 10.39
C LEU B 66 5.62 2.06 9.51
N GLY B 67 5.83 2.07 8.19
CA GLY B 67 4.95 2.76 7.26
C GLY B 67 5.31 4.22 7.01
N GLY B 68 6.35 4.74 7.66
CA GLY B 68 6.66 6.15 7.55
C GLY B 68 7.72 6.44 6.51
N HIS B 69 8.08 7.72 6.44
CA HIS B 69 9.13 8.19 5.55
C HIS B 69 10.13 8.97 6.37
N ALA B 70 11.37 8.48 6.42
CA ALA B 70 12.40 9.20 7.13
C ALA B 70 12.96 10.31 6.25
N VAL B 71 13.02 11.53 6.80
CA VAL B 71 13.69 12.64 6.16
C VAL B 71 15.07 12.73 6.82
N VAL B 72 16.08 12.28 6.08
CA VAL B 72 17.44 12.16 6.58
C VAL B 72 18.23 13.40 6.21
N VAL B 73 18.78 14.07 7.20
CA VAL B 73 19.56 15.29 7.01
C VAL B 73 20.98 15.00 7.49
N ASP B 74 21.92 14.78 6.55
CA ASP B 74 23.30 14.53 6.93
C ASP B 74 24.06 15.79 7.32
N SER B 75 25.22 15.55 7.91
CA SER B 75 26.05 16.60 8.50
C SER B 75 26.59 17.59 7.47
N GLY B 76 26.35 17.36 6.19
CA GLY B 76 26.52 18.40 5.21
C GLY B 76 25.38 19.40 5.36
N GLN B 79 24.32 23.31 10.25
CA GLN B 79 23.70 22.39 11.23
C GLN B 79 22.42 22.99 11.79
N LEU B 80 21.69 22.22 12.60
CA LEU B 80 20.50 22.72 13.31
C LEU B 80 20.98 23.83 14.23
N GLY B 81 20.36 25.01 14.18
CA GLY B 81 20.77 26.03 15.15
C GLY B 81 21.65 27.11 14.55
N ARG B 82 22.23 26.88 13.37
CA ARG B 82 22.98 28.01 12.83
C ARG B 82 22.05 28.99 12.15
N ASP B 83 20.97 28.46 11.55
CA ASP B 83 20.03 29.22 10.71
C ASP B 83 19.10 30.09 11.55
N GLU B 84 18.68 29.58 12.69
CA GLU B 84 17.58 30.11 13.47
C GLU B 84 17.68 29.41 14.80
N THR B 85 16.87 29.85 15.75
CA THR B 85 16.96 29.22 17.05
C THR B 85 16.50 27.78 16.97
N LEU B 86 17.11 26.95 17.81
CA LEU B 86 16.66 25.58 17.95
C LEU B 86 15.18 25.54 18.25
N GLN B 87 14.69 26.52 19.00
CA GLN B 87 13.26 26.56 19.34
C GLN B 87 12.41 26.76 18.09
N ASP B 88 12.82 27.67 17.20
CA ASP B 88 12.08 27.86 15.95
C ASP B 88 12.14 26.61 15.07
N THR B 89 13.31 25.99 14.96
CA THR B 89 13.41 24.75 14.19
C THR B 89 12.53 23.66 14.77
N ALA B 90 12.46 23.58 16.10
CA ALA B 90 11.67 22.54 16.73
C ALA B 90 10.18 22.75 16.46
N LYS B 91 9.75 24.02 16.48
CA LYS B 91 8.35 24.34 16.23
C LYS B 91 7.95 23.96 14.82
N VAL B 92 8.82 24.21 13.85
CA VAL B 92 8.53 23.87 12.46
C VAL B 92 8.53 22.36 12.26
N LEU B 93 9.59 21.67 12.75
CA LEU B 93 9.66 20.22 12.60
C LEU B 93 8.42 19.55 13.15
N SER B 94 7.91 20.07 14.27
CA SER B 94 6.72 19.51 14.88
C SER B 94 5.51 19.59 13.94
N ARG B 95 5.52 20.49 12.95
CA ARG B 95 4.42 20.54 11.99
C ARG B 95 4.58 19.54 10.85
N TYR B 96 5.78 19.01 10.65
CA TYR B 96 6.05 18.13 9.50
C TYR B 96 6.24 16.67 9.87
N VAL B 97 6.72 16.37 11.07
CA VAL B 97 7.08 15.00 11.44
C VAL B 97 6.42 14.65 12.76
N ASP B 98 6.29 13.33 13.00
CA ASP B 98 5.73 12.78 14.24
C ASP B 98 6.81 12.44 15.28
N ALA B 99 8.08 12.50 14.91
CA ALA B 99 9.16 12.29 15.87
C ALA B 99 10.44 12.86 15.28
N ILE B 100 11.38 13.16 16.17
CA ILE B 100 12.66 13.74 15.80
C ILE B 100 13.75 12.85 16.36
N VAL B 101 14.54 12.25 15.48
CA VAL B 101 15.69 11.43 15.86
C VAL B 101 16.93 12.26 15.60
N TRP B 102 17.79 12.42 16.62
CA TRP B 102 18.86 13.40 16.50
C TRP B 102 20.16 12.83 17.04
N ARG B 103 21.21 12.86 16.20
CA ARG B 103 22.56 12.57 16.63
C ARG B 103 23.27 13.91 16.79
N THR B 104 23.55 14.28 18.03
CA THR B 104 24.29 15.51 18.28
C THR B 104 25.37 15.21 19.31
N PHE B 105 25.98 16.24 19.87
CA PHE B 105 27.13 16.01 20.72
C PHE B 105 26.74 16.22 22.19
N GLY B 106 26.60 17.48 22.60
CA GLY B 106 26.30 17.75 23.99
C GLY B 106 24.86 17.45 24.35
N GLN B 107 24.68 17.04 25.61
CA GLN B 107 23.33 16.78 26.11
C GLN B 107 22.49 18.04 26.22
N GLU B 108 23.09 19.23 26.32
CA GLU B 108 22.22 20.39 26.55
C GLU B 108 21.44 20.71 25.28
N ARG B 109 21.99 20.39 24.11
CA ARG B 109 21.28 20.59 22.85
C ARG B 109 20.06 19.67 22.73
N LEU B 110 20.22 18.39 23.08
CA LEU B 110 19.08 17.48 23.10
C LEU B 110 18.01 17.94 24.07
N ASP B 111 18.41 18.33 25.28
CA ASP B 111 17.43 18.79 26.26
C ASP B 111 16.70 20.02 25.75
N ALA B 112 17.42 20.91 25.06
CA ALA B 112 16.79 22.13 24.56
C ALA B 112 15.71 21.80 23.53
N MET B 113 16.05 20.94 22.56
CA MET B 113 15.07 20.51 21.57
C MET B 113 13.88 19.81 22.23
N ALA B 114 14.15 18.96 23.21
CA ALA B 114 13.07 18.23 23.87
C ALA B 114 12.16 19.14 24.67
N SER B 115 12.66 20.27 25.17
CA SER B 115 11.81 21.12 25.98
C SER B 115 10.78 21.88 25.14
N VAL B 116 11.03 22.02 23.83
CA VAL B 116 10.17 22.82 22.97
C VAL B 116 9.40 21.98 21.95
N ALA B 117 9.97 20.89 21.45
CA ALA B 117 9.27 20.10 20.44
C ALA B 117 7.99 19.50 21.03
N THR B 118 6.94 19.47 20.24
CA THR B 118 5.69 18.83 20.64
C THR B 118 5.52 17.44 20.02
N VAL B 119 6.62 16.83 19.60
CA VAL B 119 6.70 15.41 19.21
C VAL B 119 7.89 14.80 19.92
N PRO B 120 7.92 13.48 20.09
CA PRO B 120 9.05 12.84 20.77
C PRO B 120 10.39 13.10 20.11
N VAL B 121 11.40 13.36 20.95
CA VAL B 121 12.80 13.50 20.54
C VAL B 121 13.59 12.29 21.05
N ILE B 122 14.35 11.66 20.16
CA ILE B 122 15.14 10.47 20.48
C ILE B 122 16.60 10.80 20.25
N ASN B 123 17.43 10.48 21.25
CA ASN B 123 18.88 10.60 21.14
C ASN B 123 19.38 9.38 20.38
N ALA B 124 19.75 9.59 19.11
CA ALA B 124 20.27 8.51 18.28
C ALA B 124 21.63 8.03 18.74
N LEU B 125 22.40 8.91 19.37
CA LEU B 125 23.80 8.72 19.75
C LEU B 125 24.33 10.09 20.13
N SER B 126 24.95 10.22 21.29
CA SER B 126 25.46 11.50 21.73
C SER B 126 26.84 11.30 22.38
N ASP B 127 27.44 12.41 22.83
CA ASP B 127 28.71 12.32 23.54
C ASP B 127 28.57 11.52 24.82
N GLU B 128 27.45 11.71 25.52
CA GLU B 128 27.29 11.23 26.88
C GLU B 128 26.53 9.90 26.97
N PHE B 129 25.67 9.62 25.99
CA PHE B 129 24.84 8.40 26.05
C PHE B 129 24.66 7.75 24.68
N HIS B 130 24.42 6.45 24.66
CA HIS B 130 24.10 5.71 23.42
C HIS B 130 22.96 4.80 23.82
N PRO B 131 21.80 5.37 24.19
CA PRO B 131 20.71 4.60 24.75
C PRO B 131 20.01 3.61 23.82
N CYS B 132 20.01 3.92 22.53
CA CYS B 132 19.38 3.01 21.55
C CYS B 132 20.24 1.75 21.40
N GLN B 133 21.56 1.93 21.37
CA GLN B 133 22.48 0.76 21.30
C GLN B 133 22.26 -0.15 22.53
N VAL B 134 22.07 0.45 23.70
CA VAL B 134 21.92 -0.40 24.87
C VAL B 134 20.58 -1.14 24.83
N LEU B 135 19.51 -0.51 24.29
CA LEU B 135 18.29 -1.29 24.09
C LEU B 135 18.56 -2.47 23.17
N ALA B 136 19.32 -2.26 22.10
CA ALA B 136 19.68 -3.38 21.23
C ALA B 136 20.49 -4.42 21.98
N ASP B 137 21.42 -3.99 22.85
CA ASP B 137 22.18 -4.94 23.65
C ASP B 137 21.28 -5.75 24.57
N LEU B 138 20.35 -5.09 25.24
CA LEU B 138 19.47 -5.80 26.17
C LEU B 138 18.58 -6.78 25.45
N GLN B 139 18.09 -6.42 24.25
CA GLN B 139 17.36 -7.38 23.42
C GLN B 139 18.21 -8.59 23.10
N THR B 140 19.48 -8.37 22.74
CA THR B 140 20.37 -9.47 22.38
C THR B 140 20.63 -10.41 23.56
N ILE B 141 20.82 -9.83 24.76
CA ILE B 141 21.04 -10.64 25.96
C ILE B 141 19.80 -11.46 26.28
N ALA B 142 18.62 -10.84 26.19
CA ALA B 142 17.38 -11.54 26.52
C ALA B 142 17.13 -12.72 25.58
N GLU B 143 17.39 -12.55 24.30
CA GLU B 143 17.11 -13.67 23.41
C GLU B 143 18.12 -14.80 23.56
N ARG B 144 19.31 -14.53 24.06
CA ARG B 144 20.32 -15.56 24.25
C ARG B 144 20.26 -16.17 25.65
N LYS B 145 19.93 -15.37 26.67
CA LYS B 145 20.00 -15.82 28.06
C LYS B 145 18.67 -15.82 28.80
N GLY B 146 17.63 -15.18 28.28
CA GLY B 146 16.32 -15.20 28.94
C GLY B 146 16.11 -13.98 29.84
N ALA B 147 15.83 -14.25 31.11
CA ALA B 147 15.56 -13.17 32.06
C ALA B 147 16.80 -12.32 32.25
N LEU B 148 16.60 -10.99 32.29
CA LEU B 148 17.71 -10.06 32.44
C LEU B 148 18.07 -9.88 33.90
N ARG B 149 17.07 -9.90 34.77
CA ARG B 149 17.26 -9.52 36.15
C ARG B 149 18.27 -10.45 36.82
N GLY B 150 19.25 -9.87 37.51
CA GLY B 150 20.23 -10.65 38.22
C GLY B 150 21.43 -11.11 37.41
N LEU B 151 21.44 -10.87 36.10
CA LEU B 151 22.64 -11.18 35.32
C LEU B 151 23.78 -10.26 35.74
N ARG B 152 25.00 -10.67 35.39
CA ARG B 152 26.19 -9.89 35.68
C ARG B 152 26.84 -9.46 34.37
N LEU B 153 26.97 -8.14 34.18
CA LEU B 153 27.51 -7.59 32.96
C LEU B 153 28.74 -6.77 33.31
N SER B 154 29.80 -6.96 32.55
CA SER B 154 31.00 -6.15 32.69
C SER B 154 31.34 -5.51 31.36
N TYR B 155 31.61 -4.22 31.42
CA TYR B 155 32.11 -3.44 30.31
C TYR B 155 33.59 -3.14 30.54
N PHE B 156 34.39 -3.27 29.48
CA PHE B 156 35.84 -3.11 29.55
C PHE B 156 36.31 -2.01 28.62
N GLY B 157 37.30 -1.23 29.07
CA GLY B 157 37.93 -0.25 28.21
C GLY B 157 37.77 1.18 28.67
N ASP B 158 37.21 2.03 27.82
CA ASP B 158 36.96 3.44 28.15
C ASP B 158 35.70 3.56 28.99
N GLY B 159 35.87 3.73 30.29
CA GLY B 159 34.71 3.84 31.17
C GLY B 159 34.07 5.21 31.22
N ALA B 160 34.57 6.17 30.43
CA ALA B 160 34.04 7.52 30.41
C ALA B 160 33.15 7.79 29.19
N ASN B 161 33.11 6.87 28.23
CA ASN B 161 32.43 7.09 26.96
C ASN B 161 30.93 6.77 27.04
N ASN B 162 30.24 6.99 25.93
CA ASN B 162 28.78 6.94 25.95
C ASN B 162 28.27 5.52 26.21
N MET B 163 28.98 4.50 25.74
CA MET B 163 28.52 3.12 26.00
C MET B 163 28.63 2.79 27.49
N ALA B 164 29.71 3.20 28.14
CA ALA B 164 29.85 2.92 29.58
C ALA B 164 28.71 3.56 30.37
N HIS B 165 28.40 4.83 30.06
CA HIS B 165 27.30 5.50 30.75
C HIS B 165 25.96 4.81 30.50
N SER B 166 25.69 4.43 29.26
CA SER B 166 24.38 3.86 28.95
C SER B 166 24.26 2.42 29.45
N LEU B 167 25.36 1.66 29.45
CA LEU B 167 25.31 0.31 30.02
C LEU B 167 25.05 0.38 31.53
N LEU B 168 25.67 1.34 32.21
CA LEU B 168 25.36 1.55 33.62
C LEU B 168 23.87 1.86 33.83
N LEU B 169 23.33 2.82 33.07
CA LEU B 169 21.96 3.28 33.33
C LEU B 169 20.92 2.30 32.80
N GLY B 170 21.04 1.90 31.55
CA GLY B 170 20.09 0.93 31.00
C GLY B 170 20.26 -0.43 31.66
N GLY B 171 21.50 -0.80 31.97
CA GLY B 171 21.74 -2.08 32.61
C GLY B 171 21.08 -2.19 33.97
N VAL B 172 21.32 -1.20 34.86
CA VAL B 172 20.69 -1.31 36.17
C VAL B 172 19.17 -1.18 36.06
N THR B 173 18.68 -0.46 35.03
CA THR B 173 17.23 -0.34 34.85
C THR B 173 16.61 -1.70 34.58
N ALA B 174 17.38 -2.63 33.99
CA ALA B 174 16.91 -3.97 33.68
C ALA B 174 17.21 -4.99 34.77
N GLY B 175 17.78 -4.57 35.90
CA GLY B 175 18.14 -5.47 36.98
C GLY B 175 19.49 -6.14 36.82
N ILE B 176 20.32 -5.66 35.91
CA ILE B 176 21.65 -6.21 35.66
C ILE B 176 22.63 -5.59 36.66
N HIS B 177 23.46 -6.44 37.27
CA HIS B 177 24.59 -5.98 38.07
C HIS B 177 25.67 -5.57 37.09
N VAL B 178 25.99 -4.28 37.03
CA VAL B 178 26.88 -3.75 36.00
C VAL B 178 28.23 -3.43 36.63
N THR B 179 29.29 -3.90 35.99
CA THR B 179 30.66 -3.55 36.35
C THR B 179 31.30 -2.83 35.17
N VAL B 180 31.96 -1.71 35.45
CA VAL B 180 32.81 -1.03 34.48
C VAL B 180 34.26 -1.27 34.88
N ALA B 181 35.04 -1.80 33.96
CA ALA B 181 36.45 -2.10 34.17
C ALA B 181 37.21 -1.13 33.28
N ALA B 182 37.89 -0.17 33.90
CA ALA B 182 38.50 0.92 33.16
C ALA B 182 39.74 1.41 33.89
N PRO B 183 40.73 1.94 33.18
CA PRO B 183 41.87 2.56 33.84
C PRO B 183 41.54 3.93 34.42
N GLU B 184 42.45 4.39 35.29
CA GLU B 184 42.22 5.60 36.10
C GLU B 184 41.82 6.84 35.30
N GLY B 185 42.49 7.12 34.20
CA GLY B 185 42.06 8.38 33.58
C GLY B 185 40.70 8.37 32.91
N PHE B 186 39.94 7.27 32.96
CA PHE B 186 38.83 7.04 32.03
C PHE B 186 37.64 6.37 32.72
N LEU B 187 37.14 7.00 33.77
CA LEU B 187 36.10 6.46 34.62
C LEU B 187 34.75 7.15 34.34
N PRO B 188 33.64 6.54 34.76
CA PRO B 188 32.31 7.14 34.49
C PRO B 188 32.17 8.53 35.10
N ASP B 189 31.48 9.40 34.37
CA ASP B 189 31.08 10.70 34.90
C ASP B 189 30.36 10.52 36.24
N PRO B 190 30.75 11.28 37.27
CA PRO B 190 30.20 11.00 38.61
C PRO B 190 28.69 11.15 38.73
N SER B 191 28.07 12.08 38.00
CA SER B 191 26.62 12.19 38.13
C SER B 191 25.91 10.98 37.50
N VAL B 192 26.47 10.44 36.41
CA VAL B 192 25.89 9.23 35.80
C VAL B 192 26.01 8.04 36.75
N ARG B 193 27.21 7.85 37.32
CA ARG B 193 27.39 6.79 38.32
C ARG B 193 26.36 6.90 39.42
N ALA B 194 26.12 8.11 39.95
CA ALA B 194 25.18 8.27 41.05
C ALA B 194 23.75 7.96 40.61
N ALA B 195 23.40 8.35 39.38
CA ALA B 195 22.08 8.02 38.85
C ALA B 195 21.91 6.51 38.70
N ALA B 196 22.98 5.83 38.35
CA ALA B 196 22.92 4.36 38.17
C ALA B 196 22.75 3.67 39.53
N GLU B 197 23.46 4.14 40.54
CA GLU B 197 23.38 3.52 41.89
C GLU B 197 21.98 3.70 42.45
N ARG B 198 21.38 4.85 42.22
CA ARG B 198 20.02 5.10 42.71
C ARG B 198 19.03 4.20 41.96
N ARG B 199 19.08 4.24 40.62
CA ARG B 199 18.18 3.35 39.91
C ARG B 199 18.37 1.90 40.34
N ALA B 200 19.62 1.51 40.62
CA ALA B 200 19.92 0.12 40.96
C ALA B 200 19.24 -0.33 42.25
N GLN B 201 18.95 0.59 43.16
CA GLN B 201 18.25 0.19 44.38
C GLN B 201 16.80 -0.18 44.13
N ASP B 202 16.25 0.20 42.98
CA ASP B 202 14.85 -0.12 42.68
C ASP B 202 14.69 -1.49 42.05
N THR B 203 15.77 -2.06 41.52
CA THR B 203 15.70 -3.24 40.68
C THR B 203 16.49 -4.41 41.23
N GLY B 204 17.15 -4.25 42.37
CA GLY B 204 18.01 -5.28 42.91
C GLY B 204 19.37 -5.37 42.25
N ALA B 205 19.71 -4.41 41.37
CA ALA B 205 20.98 -4.43 40.66
C ALA B 205 22.06 -3.74 41.52
N SER B 206 23.21 -3.48 40.91
CA SER B 206 24.30 -2.80 41.61
C SER B 206 25.27 -2.25 40.58
N VAL B 207 26.14 -1.36 41.05
CA VAL B 207 27.17 -0.72 40.23
C VAL B 207 28.53 -0.99 40.85
N THR B 208 29.48 -1.40 40.00
CA THR B 208 30.87 -1.60 40.40
C THR B 208 31.77 -0.94 39.36
N VAL B 209 32.81 -0.26 39.84
CA VAL B 209 33.82 0.36 38.98
C VAL B 209 35.18 -0.07 39.49
N THR B 210 35.97 -0.68 38.62
CA THR B 210 37.26 -1.26 39.00
C THR B 210 38.28 -1.12 37.89
N ALA B 211 39.55 -1.13 38.27
CA ALA B 211 40.66 -1.21 37.33
C ALA B 211 41.14 -2.64 37.13
N ASP B 212 40.49 -3.62 37.77
CA ASP B 212 40.92 -5.02 37.75
C ASP B 212 40.10 -5.77 36.71
N ALA B 213 40.67 -5.91 35.52
CA ALA B 213 39.95 -6.56 34.42
C ALA B 213 39.69 -8.01 34.75
N HIS B 214 40.61 -8.65 35.46
CA HIS B 214 40.46 -10.06 35.77
C HIS B 214 39.26 -10.29 36.69
N ALA B 215 39.10 -9.45 37.71
CA ALA B 215 37.94 -9.60 38.61
C ALA B 215 36.64 -9.19 37.93
N ALA B 216 36.69 -8.23 37.01
CA ALA B 216 35.50 -7.88 36.25
C ALA B 216 35.01 -9.05 35.42
N ALA B 217 35.93 -9.80 34.80
CA ALA B 217 35.55 -10.89 33.91
C ALA B 217 35.09 -12.12 34.70
N ALA B 218 35.71 -12.38 35.85
CA ALA B 218 35.42 -13.59 36.61
C ALA B 218 33.94 -13.65 36.96
N GLY B 219 33.27 -14.70 36.49
CA GLY B 219 31.86 -14.89 36.74
C GLY B 219 30.91 -14.02 35.93
N ALA B 220 31.39 -13.27 34.95
CA ALA B 220 30.49 -12.44 34.13
C ALA B 220 29.61 -13.29 33.22
N ASP B 221 28.36 -12.86 33.06
CA ASP B 221 27.45 -13.45 32.08
C ASP B 221 27.50 -12.73 30.74
N VAL B 222 27.87 -11.46 30.74
CA VAL B 222 27.92 -10.63 29.54
C VAL B 222 29.18 -9.78 29.63
N LEU B 223 29.99 -9.81 28.57
CA LEU B 223 31.23 -9.05 28.52
C LEU B 223 31.17 -8.12 27.33
N VAL B 224 31.39 -6.82 27.58
CA VAL B 224 31.15 -5.79 26.57
C VAL B 224 32.39 -4.91 26.45
N THR B 225 32.72 -4.53 25.23
CA THR B 225 33.74 -3.50 25.04
C THR B 225 33.36 -2.69 23.82
N ASP B 226 34.24 -1.78 23.42
CA ASP B 226 33.93 -0.77 22.44
C ASP B 226 35.29 -0.22 22.05
N THR B 227 35.37 0.49 20.92
CA THR B 227 36.69 0.96 20.53
C THR B 227 37.27 1.90 21.58
N TRP B 228 38.59 2.04 21.56
CA TRP B 228 39.33 2.73 22.60
C TRP B 228 39.43 4.24 22.35
N THR B 229 39.53 4.66 21.09
CA THR B 229 39.67 6.09 20.79
C THR B 229 38.31 6.73 20.50
N VAL B 241 47.62 4.89 23.74
CA VAL B 241 46.44 4.03 23.90
C VAL B 241 46.88 2.79 24.69
N LYS B 242 47.97 2.98 25.41
CA LYS B 242 48.53 2.01 26.34
C LYS B 242 47.65 1.69 27.56
N PRO B 243 46.89 2.65 28.13
CA PRO B 243 46.15 2.31 29.37
C PRO B 243 45.06 1.27 29.20
N PHE B 244 44.62 0.99 27.96
CA PHE B 244 43.49 0.09 27.75
C PHE B 244 43.93 -1.34 27.47
N ARG B 245 45.18 -1.55 27.05
CA ARG B 245 45.68 -2.89 26.72
C ARG B 245 45.34 -3.94 27.76
N PRO B 246 45.47 -3.70 29.07
CA PRO B 246 45.09 -4.75 30.04
C PRO B 246 43.60 -5.09 30.04
N PHE B 247 42.77 -4.34 29.33
CA PHE B 247 41.32 -4.53 29.36
C PHE B 247 40.78 -5.22 28.12
N GLN B 248 41.65 -5.53 27.16
CA GLN B 248 41.27 -6.26 25.95
C GLN B 248 40.45 -7.51 26.26
N LEU B 249 39.32 -7.66 25.55
CA LEU B 249 38.63 -8.95 25.49
C LEU B 249 39.41 -9.90 24.62
N ASN B 250 40.19 -10.76 25.26
CA ASN B 250 40.86 -11.89 24.66
C ASN B 250 40.30 -13.18 25.28
N SER B 251 40.79 -14.32 24.80
CA SER B 251 40.24 -15.58 25.27
C SER B 251 40.64 -15.92 26.70
N ARG B 252 41.79 -15.43 27.17
CA ARG B 252 42.13 -15.59 28.59
C ARG B 252 41.07 -14.97 29.48
N LEU B 253 40.71 -13.72 29.20
CA LEU B 253 39.67 -13.04 29.96
C LEU B 253 38.36 -13.82 29.93
N LEU B 254 38.01 -14.38 28.77
CA LEU B 254 36.70 -14.96 28.63
C LEU B 254 36.56 -16.29 29.37
N ALA B 255 37.66 -17.03 29.55
CA ALA B 255 37.58 -18.27 30.32
C ALA B 255 37.16 -18.02 31.76
N LEU B 256 37.37 -16.80 32.25
CA LEU B 256 37.00 -16.44 33.61
C LEU B 256 35.50 -16.25 33.76
N ALA B 257 34.76 -16.14 32.67
CA ALA B 257 33.34 -15.83 32.77
C ALA B 257 32.53 -17.10 33.06
N ASP B 258 31.27 -16.86 33.36
CA ASP B 258 30.34 -17.98 33.57
C ASP B 258 30.17 -18.74 32.26
N SER B 259 29.74 -20.00 32.35
CA SER B 259 29.50 -20.80 31.13
C SER B 259 28.44 -20.10 30.30
N ASP B 260 28.55 -20.18 28.98
CA ASP B 260 27.49 -19.62 28.11
C ASP B 260 27.46 -18.10 28.26
N ALA B 261 28.64 -17.50 28.43
CA ALA B 261 28.70 -16.04 28.50
C ALA B 261 28.65 -15.51 27.08
N ILE B 262 28.17 -14.29 26.93
CA ILE B 262 28.03 -13.71 25.59
C ILE B 262 28.83 -12.43 25.55
N VAL B 263 29.43 -12.15 24.39
CA VAL B 263 30.28 -10.99 24.19
C VAL B 263 29.54 -10.02 23.28
N LEU B 264 29.52 -8.74 23.67
CA LEU B 264 28.87 -7.70 22.90
C LEU B 264 29.89 -6.63 22.54
N HIS B 265 29.67 -5.98 21.40
CA HIS B 265 30.55 -4.92 20.93
C HIS B 265 29.73 -4.09 19.94
N CYS B 266 29.39 -2.87 20.28
CA CYS B 266 28.73 -2.04 19.27
C CYS B 266 29.80 -1.75 18.22
N LEU B 267 29.47 -2.02 16.98
CA LEU B 267 30.48 -1.99 15.96
C LEU B 267 30.78 -0.53 15.59
N PRO B 268 31.86 -0.28 14.83
CA PRO B 268 32.87 -1.20 14.30
C PRO B 268 33.86 -1.68 15.36
N ALA B 269 34.51 -2.81 15.06
CA ALA B 269 35.54 -3.34 15.94
C ALA B 269 36.90 -3.17 15.27
N HIS B 270 37.92 -2.94 16.10
CA HIS B 270 39.31 -2.87 15.64
C HIS B 270 39.93 -4.17 16.14
N ARG B 271 39.82 -5.20 15.31
CA ARG B 271 40.25 -6.54 15.70
C ARG B 271 41.71 -6.53 16.12
N GLY B 272 41.98 -7.08 17.31
CA GLY B 272 43.32 -7.06 17.86
C GLY B 272 43.61 -5.90 18.77
N ASP B 273 42.75 -4.88 18.79
CA ASP B 273 42.87 -3.82 19.80
C ASP B 273 42.01 -4.19 21.00
N GLU B 274 40.77 -3.70 21.06
CA GLU B 274 39.94 -3.97 22.22
C GLU B 274 39.40 -5.39 22.24
N ILE B 275 39.48 -6.12 21.13
CA ILE B 275 38.90 -7.46 21.04
C ILE B 275 39.71 -8.28 20.05
N THR B 276 39.77 -9.59 20.26
CA THR B 276 40.53 -10.49 19.40
C THR B 276 39.59 -11.29 18.52
N ASP B 277 40.08 -11.65 17.33
CA ASP B 277 39.35 -12.50 16.40
C ASP B 277 38.73 -13.72 17.07
N ALA B 278 39.51 -14.41 17.91
CA ALA B 278 39.01 -15.62 18.55
C ALA B 278 37.77 -15.33 19.39
N VAL B 279 37.76 -14.19 20.08
CA VAL B 279 36.58 -13.83 20.86
C VAL B 279 35.46 -13.35 19.94
N MET B 280 35.78 -12.53 18.96
CA MET B 280 34.72 -11.95 18.14
C MET B 280 34.12 -12.95 17.18
N ASP B 281 34.88 -13.95 16.73
CA ASP B 281 34.35 -14.97 15.83
C ASP B 281 34.00 -16.27 16.55
N GLY B 282 34.18 -16.32 17.87
CA GLY B 282 33.91 -17.53 18.61
C GLY B 282 32.45 -17.66 18.99
N PRO B 283 32.14 -18.73 19.73
CA PRO B 283 30.74 -19.04 20.04
C PRO B 283 30.11 -18.15 21.12
N ALA B 284 30.90 -17.38 21.88
CA ALA B 284 30.31 -16.45 22.83
C ALA B 284 29.89 -15.14 22.17
N SER B 285 30.45 -14.81 21.01
CA SER B 285 30.11 -13.57 20.33
C SER B 285 28.64 -13.53 19.98
N ALA B 286 27.99 -12.40 20.29
CA ALA B 286 26.65 -12.11 19.81
C ALA B 286 26.63 -10.80 19.03
N VAL B 287 27.80 -10.41 18.49
CA VAL B 287 27.98 -9.09 17.87
C VAL B 287 27.11 -8.93 16.62
N TRP B 288 26.84 -10.01 15.89
CA TRP B 288 26.11 -9.83 14.65
C TRP B 288 24.60 -9.71 14.92
N ASP B 289 24.07 -10.55 15.82
CA ASP B 289 22.69 -10.39 16.28
C ASP B 289 22.50 -9.03 16.91
N GLU B 290 23.49 -8.59 17.69
CA GLU B 290 23.43 -7.28 18.33
C GLU B 290 23.27 -6.18 17.30
N ALA B 291 24.07 -6.26 16.22
CA ALA B 291 23.99 -5.24 15.17
C ALA B 291 22.59 -5.22 14.55
N GLU B 292 22.03 -6.38 14.24
CA GLU B 292 20.69 -6.44 13.66
C GLU B 292 19.65 -5.87 14.61
N ASN B 293 19.78 -6.14 15.91
CA ASN B 293 18.75 -5.77 16.86
C ASN B 293 18.64 -4.26 17.07
N ARG B 294 19.62 -3.48 16.61
CA ARG B 294 19.42 -2.04 16.57
C ARG B 294 18.16 -1.68 15.77
N LEU B 295 17.93 -2.38 14.66
CA LEU B 295 16.75 -2.15 13.85
C LEU B 295 15.47 -2.39 14.67
N HIS B 296 15.39 -3.55 15.32
CA HIS B 296 14.17 -3.93 16.03
C HIS B 296 13.95 -3.08 17.27
N ALA B 297 15.02 -2.86 18.05
CA ALA B 297 14.88 -2.08 19.28
C ALA B 297 14.46 -0.64 19.01
N GLN B 298 15.04 -0.03 17.97
CA GLN B 298 14.69 1.36 17.66
C GLN B 298 13.27 1.47 17.12
N LYS B 299 12.82 0.50 16.31
CA LYS B 299 11.43 0.47 15.90
C LYS B 299 10.51 0.38 17.10
N ALA B 300 10.82 -0.50 18.05
CA ALA B 300 9.99 -0.63 19.24
C ALA B 300 9.95 0.68 20.03
N LEU B 301 11.11 1.29 20.22
CA LEU B 301 11.16 2.57 20.93
C LEU B 301 10.25 3.60 20.26
N LEU B 302 10.35 3.70 18.93
CA LEU B 302 9.51 4.64 18.18
C LEU B 302 8.03 4.32 18.37
N VAL B 303 7.64 3.06 18.17
CA VAL B 303 6.25 2.68 18.34
C VAL B 303 5.79 3.07 19.74
N TRP B 304 6.60 2.73 20.73
CA TRP B 304 6.20 2.98 22.12
C TRP B 304 6.08 4.48 22.39
N LEU B 305 7.05 5.28 21.93
CA LEU B 305 6.96 6.72 22.16
C LEU B 305 5.76 7.33 21.43
N LEU B 306 5.49 6.88 20.20
CA LEU B 306 4.43 7.47 19.40
C LEU B 306 3.06 7.25 20.00
N GLU B 307 2.84 6.08 20.60
CA GLU B 307 1.54 5.77 21.24
C GLU B 307 1.37 6.52 22.58
N ARG B 308 2.40 7.15 23.10
CA ARG B 308 2.27 7.80 24.42
C ARG B 308 2.40 9.29 24.19
N SER B 309 2.36 9.70 22.94
CA SER B 309 2.60 11.11 22.60
C SER B 309 1.66 11.56 21.48
N VAL C 3 23.21 -21.33 -3.71
CA VAL C 3 24.25 -20.33 -3.56
C VAL C 3 23.69 -18.96 -3.90
N ILE C 4 24.41 -17.95 -3.44
CA ILE C 4 24.04 -16.56 -3.67
C ILE C 4 24.70 -16.10 -4.95
N ARG C 5 23.91 -15.49 -5.83
CA ARG C 5 24.41 -15.03 -7.12
C ARG C 5 24.80 -13.56 -6.99
N HIS C 6 25.91 -13.19 -7.63
CA HIS C 6 26.37 -11.81 -7.66
C HIS C 6 26.48 -11.38 -9.12
N PHE C 7 26.58 -10.07 -9.33
CA PHE C 7 26.72 -9.51 -10.68
C PHE C 7 27.81 -8.46 -10.59
N LEU C 8 29.05 -8.90 -10.78
CA LEU C 8 30.23 -8.06 -10.60
C LEU C 8 30.85 -7.67 -11.93
N ARG C 9 30.60 -8.47 -12.96
CA ARG C 9 31.08 -8.27 -14.32
C ARG C 9 30.13 -9.03 -15.23
N ASP C 10 30.16 -8.68 -16.53
CA ASP C 10 29.03 -9.01 -17.41
C ASP C 10 28.89 -10.51 -17.62
N ASP C 11 30.00 -11.25 -17.59
CA ASP C 11 29.98 -12.69 -17.81
C ASP C 11 29.71 -13.48 -16.54
N ASP C 12 29.40 -12.82 -15.42
CA ASP C 12 28.75 -13.53 -14.31
C ASP C 12 27.40 -14.10 -14.72
N LEU C 13 26.77 -13.59 -15.77
CA LEU C 13 25.59 -14.23 -16.35
C LEU C 13 26.02 -15.07 -17.54
N SER C 14 25.51 -16.28 -17.61
CA SER C 14 25.67 -17.09 -18.82
C SER C 14 24.84 -16.49 -19.95
N PRO C 15 25.09 -16.91 -21.21
CA PRO C 15 24.21 -16.45 -22.29
C PRO C 15 22.73 -16.68 -22.03
N ALA C 16 22.36 -17.85 -21.49
CA ALA C 16 20.94 -18.11 -21.20
C ALA C 16 20.43 -17.21 -20.08
N GLU C 17 21.22 -17.03 -19.04
CA GLU C 17 20.79 -16.17 -17.94
C GLU C 17 20.70 -14.72 -18.37
N GLN C 18 21.67 -14.24 -19.15
CA GLN C 18 21.56 -12.88 -19.67
C GLN C 18 20.27 -12.68 -20.45
N ALA C 19 19.88 -13.68 -21.25
CA ALA C 19 18.65 -13.56 -22.00
C ALA C 19 17.44 -13.49 -21.08
N GLU C 20 17.46 -14.24 -19.97
CA GLU C 20 16.35 -14.12 -19.03
C GLU C 20 16.27 -12.72 -18.44
N VAL C 21 17.41 -12.14 -18.08
CA VAL C 21 17.36 -10.79 -17.48
C VAL C 21 16.85 -9.78 -18.50
N LEU C 22 17.29 -9.91 -19.75
CA LEU C 22 16.85 -8.96 -20.76
C LEU C 22 15.36 -9.11 -21.07
N GLU C 23 14.85 -10.35 -21.06
CA GLU C 23 13.42 -10.55 -21.23
C GLU C 23 12.64 -9.87 -20.12
N LEU C 24 13.10 -10.07 -18.89
CA LEU C 24 12.47 -9.44 -17.72
C LEU C 24 12.51 -7.93 -17.82
N ALA C 25 13.61 -7.37 -18.32
CA ALA C 25 13.69 -5.92 -18.47
C ALA C 25 12.60 -5.40 -19.39
N ALA C 26 12.34 -6.10 -20.49
CA ALA C 26 11.27 -5.70 -21.38
C ALA C 26 9.90 -5.79 -20.70
N GLU C 27 9.69 -6.86 -19.91
CA GLU C 27 8.43 -7.00 -19.18
C GLU C 27 8.27 -5.90 -18.14
N LEU C 28 9.34 -5.58 -17.41
CA LEU C 28 9.23 -4.52 -16.42
C LEU C 28 9.06 -3.16 -17.04
N LYS C 29 9.60 -2.94 -18.23
CA LYS C 29 9.37 -1.66 -18.90
C LYS C 29 7.88 -1.50 -19.22
N LYS C 30 7.23 -2.59 -19.62
CA LYS C 30 5.79 -2.55 -19.89
C LYS C 30 4.97 -2.41 -18.61
N ASP C 31 5.37 -3.11 -17.54
CA ASP C 31 4.60 -3.15 -16.29
C ASP C 31 5.54 -2.88 -15.11
N PRO C 32 5.88 -1.61 -14.87
CA PRO C 32 7.01 -1.31 -13.97
C PRO C 32 6.74 -1.54 -12.49
N VAL C 33 5.50 -1.75 -12.05
CA VAL C 33 5.28 -1.98 -10.63
C VAL C 33 4.61 -3.33 -10.37
N SER C 34 4.66 -4.23 -11.35
CA SER C 34 4.02 -5.53 -11.24
C SER C 34 4.86 -6.55 -10.46
N ARG C 35 6.13 -6.27 -10.23
CA ARG C 35 7.01 -7.18 -9.49
C ARG C 35 7.38 -6.52 -8.17
N ARG C 36 7.05 -7.16 -7.07
CA ARG C 36 7.30 -6.57 -5.74
C ARG C 36 8.07 -7.54 -4.84
N PRO C 37 9.27 -7.96 -5.26
CA PRO C 37 10.04 -8.89 -4.40
C PRO C 37 10.55 -8.22 -3.14
N LEU C 38 10.56 -6.90 -3.06
CA LEU C 38 11.09 -6.20 -1.89
C LEU C 38 9.98 -5.55 -1.06
N GLN C 39 8.73 -5.93 -1.32
CA GLN C 39 7.58 -5.45 -0.57
C GLN C 39 7.82 -5.58 0.94
N GLY C 40 7.38 -4.57 1.69
CA GLY C 40 7.63 -4.55 3.11
C GLY C 40 7.55 -3.16 3.69
N PRO C 41 8.55 -2.31 3.39
CA PRO C 41 9.66 -2.58 2.46
C PRO C 41 10.82 -3.37 3.04
N ARG C 42 11.45 -4.17 2.18
CA ARG C 42 12.78 -4.68 2.43
C ARG C 42 13.81 -3.64 1.98
N GLY C 43 14.99 -3.66 2.58
CA GLY C 43 16.03 -2.72 2.21
C GLY C 43 16.96 -3.22 1.12
N VAL C 44 17.53 -2.28 0.39
CA VAL C 44 18.66 -2.52 -0.51
C VAL C 44 19.69 -1.43 -0.24
N ALA C 45 20.93 -1.81 0.04
CA ALA C 45 21.99 -0.84 0.21
C ALA C 45 22.48 -0.35 -1.15
N VAL C 46 22.64 0.96 -1.30
CA VAL C 46 23.20 1.56 -2.52
C VAL C 46 24.36 2.43 -2.06
N ILE C 47 25.59 1.95 -2.25
CA ILE C 47 26.78 2.50 -1.60
C ILE C 47 27.69 3.09 -2.67
N PHE C 48 28.14 4.32 -2.44
CA PHE C 48 29.00 5.03 -3.38
C PHE C 48 30.34 5.39 -2.73
N ASP C 49 31.42 4.72 -3.16
CA ASP C 49 32.76 5.16 -2.83
C ASP C 49 33.08 6.48 -3.50
N LYS C 50 32.46 6.72 -4.66
CA LYS C 50 32.52 7.98 -5.39
C LYS C 50 31.12 8.19 -5.95
N ASN C 51 30.57 9.39 -5.79
CA ASN C 51 29.17 9.56 -6.13
C ASN C 51 28.93 9.48 -7.63
N SER C 52 27.70 9.06 -7.96
CA SER C 52 27.20 9.07 -9.35
C SER C 52 25.71 9.36 -9.23
N THR C 53 25.30 10.56 -9.57
CA THR C 53 23.88 10.96 -9.47
C THR C 53 23.02 10.08 -10.40
N ARG C 54 23.51 9.82 -11.60
CA ARG C 54 22.72 9.01 -12.57
C ARG C 54 22.51 7.61 -12.01
N THR C 55 23.55 7.05 -11.41
CA THR C 55 23.46 5.70 -10.82
C THR C 55 22.45 5.75 -9.68
N ARG C 56 22.49 6.82 -8.90
CA ARG C 56 21.60 6.88 -7.72
C ARG C 56 20.13 6.97 -8.14
N PHE C 57 19.79 7.86 -9.07
CA PHE C 57 18.39 8.01 -9.45
C PHE C 57 17.85 6.68 -9.95
N SER C 58 18.59 6.04 -10.86
CA SER C 58 18.14 4.77 -11.48
C SER C 58 17.88 3.71 -10.41
N PHE C 59 18.85 3.50 -9.54
CA PHE C 59 18.66 2.48 -8.52
C PHE C 59 17.63 2.89 -7.49
N GLU C 60 17.63 4.14 -7.02
CA GLU C 60 16.69 4.53 -5.94
C GLU C 60 15.24 4.36 -6.37
N LEU C 61 14.90 4.85 -7.55
CA LEU C 61 13.52 4.69 -8.08
C LEU C 61 13.22 3.23 -8.38
N GLY C 62 14.18 2.55 -8.98
CA GLY C 62 13.96 1.14 -9.32
C GLY C 62 13.63 0.30 -8.11
N ILE C 63 14.40 0.47 -7.05
CA ILE C 63 14.17 -0.29 -5.81
C ILE C 63 12.78 0.05 -5.27
N ALA C 64 12.45 1.33 -5.27
CA ALA C 64 11.12 1.70 -4.75
C ALA C 64 10.01 1.06 -5.57
N GLN C 65 10.18 0.98 -6.90
CA GLN C 65 9.15 0.38 -7.73
C GLN C 65 9.12 -1.14 -7.59
N LEU C 66 10.13 -1.74 -6.97
CA LEU C 66 10.07 -3.14 -6.58
C LEU C 66 9.50 -3.30 -5.18
N GLY C 67 9.01 -2.22 -4.58
CA GLY C 67 8.43 -2.24 -3.25
C GLY C 67 9.42 -2.07 -2.13
N GLY C 68 10.71 -1.88 -2.44
CA GLY C 68 11.74 -1.81 -1.43
C GLY C 68 12.06 -0.37 -1.05
N HIS C 69 13.06 -0.24 -0.19
CA HIS C 69 13.56 1.06 0.23
C HIS C 69 15.07 1.05 0.08
N ALA C 70 15.59 1.92 -0.79
CA ALA C 70 17.03 2.02 -0.97
C ALA C 70 17.62 2.88 0.14
N VAL C 71 18.65 2.38 0.81
CA VAL C 71 19.42 3.18 1.75
C VAL C 71 20.68 3.60 1.01
N VAL C 72 20.77 4.88 0.67
CA VAL C 72 21.86 5.40 -0.15
C VAL C 72 22.97 5.91 0.76
N VAL C 73 24.19 5.46 0.52
CA VAL C 73 25.32 5.93 1.29
C VAL C 73 26.25 6.63 0.32
N ASP C 74 26.38 7.94 0.44
CA ASP C 74 27.22 8.72 -0.51
C ASP C 74 28.65 8.80 0.00
N SER C 75 29.56 9.29 -0.83
CA SER C 75 30.95 9.54 -0.37
C SER C 75 30.76 10.59 0.72
N GLY C 76 31.47 10.49 1.81
CA GLY C 76 31.14 11.40 2.91
C GLY C 76 31.01 10.53 4.13
N SER C 77 30.64 9.27 3.92
CA SER C 77 30.72 8.32 5.03
C SER C 77 32.15 7.80 5.00
N THR C 78 32.64 7.24 6.10
CA THR C 78 33.98 6.62 6.09
C THR C 78 34.00 5.53 5.03
N GLN C 79 34.96 5.60 4.10
CA GLN C 79 35.02 4.61 3.03
C GLN C 79 35.16 3.19 3.57
N LEU C 80 34.31 2.30 3.08
CA LEU C 80 34.32 0.89 3.45
C LEU C 80 35.73 0.34 3.44
N GLY C 81 36.15 -0.22 4.57
CA GLY C 81 37.52 -0.66 4.77
C GLY C 81 38.33 0.22 5.69
N ARG C 82 37.94 1.49 5.87
CA ARG C 82 38.76 2.39 6.67
C ARG C 82 38.61 2.11 8.17
N ASP C 83 37.37 2.08 8.67
CA ASP C 83 37.13 1.89 10.09
C ASP C 83 36.74 0.46 10.47
N GLU C 84 36.66 -0.43 9.47
CA GLU C 84 36.17 -1.81 9.69
C GLU C 84 36.54 -2.66 8.48
N THR C 85 36.66 -3.97 8.66
CA THR C 85 36.95 -4.87 7.53
C THR C 85 35.73 -4.98 6.61
N LEU C 86 35.96 -5.10 5.31
CA LEU C 86 34.85 -5.29 4.34
C LEU C 86 34.06 -6.52 4.77
N GLN C 87 34.76 -7.55 5.24
CA GLN C 87 34.09 -8.79 5.69
C GLN C 87 33.09 -8.48 6.80
N ASP C 88 33.49 -7.68 7.78
CA ASP C 88 32.60 -7.36 8.91
C ASP C 88 31.43 -6.49 8.40
N THR C 89 31.73 -5.51 7.57
CA THR C 89 30.65 -4.69 7.00
C THR C 89 29.67 -5.55 6.21
N ALA C 90 30.18 -6.55 5.48
CA ALA C 90 29.32 -7.40 4.70
C ALA C 90 28.38 -8.21 5.59
N LYS C 91 28.89 -8.71 6.74
CA LYS C 91 28.03 -9.49 7.62
C LYS C 91 26.91 -8.65 8.20
N VAL C 92 27.20 -7.40 8.54
CA VAL C 92 26.16 -6.56 9.11
C VAL C 92 25.17 -6.13 8.03
N LEU C 93 25.68 -5.77 6.84
CA LEU C 93 24.79 -5.44 5.73
C LEU C 93 23.82 -6.57 5.44
N SER C 94 24.31 -7.81 5.47
CA SER C 94 23.46 -8.96 5.17
C SER C 94 22.32 -9.12 6.15
N ARG C 95 22.45 -8.56 7.36
CA ARG C 95 21.34 -8.56 8.30
C ARG C 95 20.31 -7.48 8.01
N TYR C 96 20.67 -6.45 7.24
CA TYR C 96 19.79 -5.30 7.07
C TYR C 96 19.09 -5.24 5.73
N VAL C 97 19.74 -5.73 4.67
CA VAL C 97 19.26 -5.51 3.32
C VAL C 97 19.23 -6.84 2.58
N ASP C 98 18.43 -6.88 1.50
CA ASP C 98 18.31 -8.06 0.67
C ASP C 98 19.25 -8.04 -0.53
N ALA C 99 19.94 -6.93 -0.77
CA ALA C 99 20.93 -6.86 -1.83
C ALA C 99 21.85 -5.66 -1.53
N ILE C 100 23.07 -5.73 -2.05
CA ILE C 100 24.07 -4.69 -1.88
C ILE C 100 24.47 -4.20 -3.26
N VAL C 101 24.17 -2.94 -3.57
CA VAL C 101 24.57 -2.31 -4.83
C VAL C 101 25.71 -1.36 -4.50
N TRP C 102 26.86 -1.53 -5.14
CA TRP C 102 28.08 -0.84 -4.70
C TRP C 102 28.79 -0.24 -5.91
N ARG C 103 29.13 1.06 -5.82
CA ARG C 103 29.99 1.71 -6.83
C ARG C 103 31.34 1.86 -6.16
N THR C 104 32.35 1.13 -6.63
CA THR C 104 33.67 1.24 -6.04
C THR C 104 34.72 1.22 -7.15
N PHE C 105 35.98 0.99 -6.77
CA PHE C 105 37.08 1.19 -7.69
C PHE C 105 37.61 -0.16 -8.13
N GLY C 106 38.62 -0.72 -7.46
CA GLY C 106 39.21 -1.96 -7.90
C GLY C 106 38.27 -3.14 -7.72
N GLN C 107 38.41 -4.11 -8.62
CA GLN C 107 37.53 -5.27 -8.63
C GLN C 107 37.71 -6.13 -7.40
N GLU C 108 38.91 -6.11 -6.80
CA GLU C 108 39.17 -6.95 -5.66
C GLU C 108 38.24 -6.63 -4.50
N ARG C 109 37.93 -5.34 -4.31
CA ARG C 109 36.97 -4.93 -3.29
C ARG C 109 35.60 -5.56 -3.51
N LEU C 110 35.11 -5.58 -4.75
CA LEU C 110 33.82 -6.21 -5.04
C LEU C 110 33.90 -7.72 -4.79
N ASP C 111 34.98 -8.36 -5.27
CA ASP C 111 35.18 -9.79 -5.03
C ASP C 111 35.17 -10.09 -3.53
N ALA C 112 35.80 -9.23 -2.73
CA ALA C 112 35.88 -9.46 -1.29
C ALA C 112 34.50 -9.40 -0.64
N MET C 113 33.73 -8.35 -0.94
CA MET C 113 32.36 -8.22 -0.44
C MET C 113 31.53 -9.44 -0.83
N ALA C 114 31.54 -9.80 -2.11
CA ALA C 114 30.72 -10.91 -2.60
C ALA C 114 31.15 -12.25 -1.99
N SER C 115 32.44 -12.39 -1.64
CA SER C 115 32.91 -13.66 -1.12
C SER C 115 32.28 -14.00 0.23
N VAL C 116 31.84 -13.00 1.00
CA VAL C 116 31.29 -13.27 2.32
C VAL C 116 29.85 -12.79 2.48
N ALA C 117 29.37 -11.83 1.68
CA ALA C 117 27.98 -11.40 1.81
C ALA C 117 27.04 -12.57 1.55
N THR C 118 25.95 -12.62 2.29
CA THR C 118 24.95 -13.65 2.08
C THR C 118 23.74 -13.13 1.31
N VAL C 119 23.89 -11.98 0.67
CA VAL C 119 22.87 -11.44 -0.24
C VAL C 119 23.60 -11.06 -1.52
N PRO C 120 22.86 -10.90 -2.63
CA PRO C 120 23.50 -10.55 -3.90
C PRO C 120 24.24 -9.23 -3.81
N VAL C 121 25.42 -9.20 -4.42
CA VAL C 121 26.22 -8.00 -4.57
C VAL C 121 26.21 -7.62 -6.04
N ILE C 122 25.93 -6.34 -6.31
CA ILE C 122 25.82 -5.83 -7.67
C ILE C 122 26.87 -4.73 -7.86
N ASN C 123 27.64 -4.84 -8.94
CA ASN C 123 28.57 -3.78 -9.31
C ASN C 123 27.77 -2.68 -10.03
N ALA C 124 27.51 -1.57 -9.33
CA ALA C 124 26.79 -0.46 -9.93
C ALA C 124 27.61 0.22 -11.03
N LEU C 125 28.94 0.17 -10.93
CA LEU C 125 29.91 0.89 -11.74
C LEU C 125 31.25 0.72 -11.03
N SER C 126 32.30 0.34 -11.74
CA SER C 126 33.62 0.18 -11.12
C SER C 126 34.69 0.60 -12.12
N ASP C 127 35.95 0.59 -11.70
CA ASP C 127 37.01 1.02 -12.60
C ASP C 127 37.10 0.08 -13.81
N GLU C 128 36.87 -1.22 -13.60
CA GLU C 128 37.11 -2.19 -14.65
C GLU C 128 35.87 -2.49 -15.49
N PHE C 129 34.67 -2.41 -14.92
CA PHE C 129 33.46 -2.86 -15.61
C PHE C 129 32.31 -1.90 -15.34
N HIS C 130 31.36 -1.85 -16.27
CA HIS C 130 30.12 -1.11 -16.07
C HIS C 130 28.98 -2.01 -16.52
N PRO C 131 28.76 -3.15 -15.86
CA PRO C 131 27.91 -4.19 -16.44
C PRO C 131 26.42 -3.88 -16.42
N CYS C 132 25.95 -3.01 -15.52
CA CYS C 132 24.54 -2.61 -15.57
C CYS C 132 24.25 -1.71 -16.76
N GLN C 133 25.17 -0.82 -17.11
CA GLN C 133 24.98 0.01 -18.28
C GLN C 133 24.91 -0.84 -19.54
N VAL C 134 25.74 -1.87 -19.63
CA VAL C 134 25.70 -2.69 -20.85
C VAL C 134 24.42 -3.50 -20.92
N LEU C 135 23.85 -3.89 -19.78
CA LEU C 135 22.53 -4.53 -19.85
C LEU C 135 21.51 -3.56 -20.44
N ALA C 136 21.55 -2.29 -20.01
CA ALA C 136 20.66 -1.30 -20.59
C ALA C 136 20.94 -1.08 -22.07
N ASP C 137 22.22 -1.07 -22.48
CA ASP C 137 22.55 -1.00 -23.90
C ASP C 137 21.94 -2.15 -24.69
N LEU C 138 22.08 -3.38 -24.17
CA LEU C 138 21.55 -4.54 -24.87
C LEU C 138 20.03 -4.49 -24.96
N GLN C 139 19.36 -4.05 -23.90
CA GLN C 139 17.90 -3.88 -23.99
C GLN C 139 17.53 -2.87 -25.06
N THR C 140 18.32 -1.79 -25.15
CA THR C 140 18.07 -0.74 -26.14
C THR C 140 18.27 -1.28 -27.55
N ILE C 141 19.38 -2.00 -27.78
CA ILE C 141 19.62 -2.59 -29.09
C ILE C 141 18.50 -3.56 -29.44
N ALA C 142 18.12 -4.41 -28.49
CA ALA C 142 17.07 -5.40 -28.76
C ALA C 142 15.76 -4.72 -29.16
N GLU C 143 15.39 -3.62 -28.49
CA GLU C 143 14.11 -3.00 -28.85
C GLU C 143 14.23 -2.25 -30.18
N ARG C 144 15.42 -1.77 -30.56
CA ARG C 144 15.58 -1.13 -31.86
C ARG C 144 15.84 -2.10 -33.00
N LYS C 145 16.40 -3.28 -32.72
CA LYS C 145 16.93 -4.13 -33.79
C LYS C 145 16.36 -5.53 -33.81
N GLY C 146 15.71 -5.99 -32.75
CA GLY C 146 15.30 -7.36 -32.65
C GLY C 146 16.36 -8.25 -32.04
N ALA C 147 16.54 -9.45 -32.59
CA ALA C 147 17.49 -10.39 -32.01
C ALA C 147 18.90 -9.81 -32.00
N LEU C 148 19.65 -10.12 -30.94
CA LEU C 148 20.98 -9.55 -30.77
C LEU C 148 22.03 -10.38 -31.48
N ARG C 149 21.81 -11.68 -31.53
CA ARG C 149 22.78 -12.61 -32.11
C ARG C 149 23.19 -12.18 -33.52
N GLY C 150 24.48 -12.06 -33.73
CA GLY C 150 25.01 -11.77 -35.06
C GLY C 150 25.14 -10.30 -35.38
N LEU C 151 24.66 -9.41 -34.52
CA LEU C 151 24.81 -7.99 -34.80
C LEU C 151 26.29 -7.62 -34.72
N ARG C 152 26.66 -6.54 -35.40
CA ARG C 152 28.03 -6.04 -35.32
C ARG C 152 28.04 -4.70 -34.58
N LEU C 153 28.77 -4.67 -33.47
CA LEU C 153 28.89 -3.52 -32.59
C LEU C 153 30.34 -3.09 -32.53
N SER C 154 30.59 -1.80 -32.71
CA SER C 154 31.93 -1.25 -32.58
C SER C 154 31.91 -0.14 -31.53
N TYR C 155 32.89 -0.19 -30.62
CA TYR C 155 33.10 0.82 -29.61
C TYR C 155 34.34 1.63 -29.97
N PHE C 156 34.28 2.95 -29.77
CA PHE C 156 35.33 3.88 -30.17
C PHE C 156 35.81 4.68 -28.97
N GLY C 157 37.13 4.85 -28.87
CA GLY C 157 37.69 5.73 -27.86
C GLY C 157 38.71 5.06 -26.98
N ASP C 158 38.54 5.20 -25.66
CA ASP C 158 39.45 4.57 -24.70
C ASP C 158 39.08 3.11 -24.58
N GLY C 159 39.88 2.24 -25.18
CA GLY C 159 39.56 0.83 -25.18
C GLY C 159 39.82 0.05 -23.91
N ALA C 160 40.32 0.70 -22.86
CA ALA C 160 40.59 0.03 -21.59
C ALA C 160 39.70 0.55 -20.47
N ASN C 161 38.65 1.31 -20.78
CA ASN C 161 37.81 1.77 -19.69
C ASN C 161 36.73 0.73 -19.41
N ASN C 162 35.88 1.03 -18.41
CA ASN C 162 34.89 0.06 -17.97
C ASN C 162 33.86 -0.26 -19.04
N MET C 163 33.47 0.73 -19.87
CA MET C 163 32.50 0.45 -20.93
C MET C 163 33.08 -0.44 -22.02
N ALA C 164 34.33 -0.20 -22.41
CA ALA C 164 34.95 -1.08 -23.39
C ALA C 164 34.98 -2.52 -22.88
N HIS C 165 35.38 -2.70 -21.62
CA HIS C 165 35.47 -4.05 -21.07
C HIS C 165 34.10 -4.71 -20.99
N SER C 166 33.08 -3.96 -20.56
CA SER C 166 31.76 -4.58 -20.41
C SER C 166 31.09 -4.81 -21.76
N LEU C 167 31.33 -3.91 -22.74
CA LEU C 167 30.79 -4.16 -24.08
C LEU C 167 31.39 -5.41 -24.69
N LEU C 168 32.68 -5.66 -24.47
CA LEU C 168 33.28 -6.93 -24.91
C LEU C 168 32.60 -8.12 -24.25
N LEU C 169 32.55 -8.13 -22.92
CA LEU C 169 32.01 -9.29 -22.19
C LEU C 169 30.52 -9.42 -22.38
N GLY C 170 29.76 -8.35 -22.10
CA GLY C 170 28.31 -8.43 -22.27
C GLY C 170 27.92 -8.64 -23.72
N GLY C 171 28.65 -8.01 -24.64
CA GLY C 171 28.33 -8.15 -26.06
C GLY C 171 28.50 -9.57 -26.56
N VAL C 172 29.66 -10.19 -26.28
CA VAL C 172 29.83 -11.56 -26.79
C VAL C 172 28.88 -12.50 -26.08
N THR C 173 28.55 -12.24 -24.80
CA THR C 173 27.57 -13.08 -24.12
C THR C 173 26.24 -13.12 -24.87
N ALA C 174 25.89 -12.03 -25.54
CA ALA C 174 24.66 -11.92 -26.32
C ALA C 174 24.83 -12.37 -27.76
N GLY C 175 26.01 -12.87 -28.14
CA GLY C 175 26.26 -13.29 -29.51
C GLY C 175 26.63 -12.16 -30.46
N ILE C 176 26.96 -10.97 -29.96
CA ILE C 176 27.28 -9.82 -30.80
C ILE C 176 28.75 -9.88 -31.18
N HIS C 177 29.07 -9.58 -32.44
CA HIS C 177 30.46 -9.43 -32.88
C HIS C 177 30.95 -8.06 -32.42
N VAL C 178 31.88 -8.03 -31.47
CA VAL C 178 32.29 -6.77 -30.85
C VAL C 178 33.66 -6.35 -31.38
N THR C 179 33.75 -5.09 -31.79
CA THR C 179 35.00 -4.47 -32.20
C THR C 179 35.29 -3.29 -31.28
N VAL C 180 36.51 -3.24 -30.75
CA VAL C 180 37.01 -2.09 -30.02
C VAL C 180 37.99 -1.37 -30.93
N ALA C 181 37.70 -0.11 -31.24
CA ALA C 181 38.57 0.75 -32.02
C ALA C 181 39.20 1.76 -31.06
N ALA C 182 40.49 1.61 -30.80
CA ALA C 182 41.18 2.43 -29.82
C ALA C 182 42.63 2.65 -30.25
N PRO C 183 43.23 3.76 -29.86
CA PRO C 183 44.64 3.99 -30.19
C PRO C 183 45.59 3.12 -29.37
N GLU C 184 46.80 2.98 -29.91
CA GLU C 184 47.86 2.26 -29.22
C GLU C 184 48.03 2.77 -27.80
N GLY C 185 48.24 1.84 -26.87
CA GLY C 185 48.40 2.19 -25.47
C GLY C 185 47.11 2.31 -24.69
N PHE C 186 45.96 2.25 -25.35
CA PHE C 186 44.66 2.34 -24.70
C PHE C 186 43.83 1.11 -25.04
N LEU C 187 44.44 -0.08 -25.05
CA LEU C 187 43.73 -1.27 -25.49
C LEU C 187 43.11 -2.02 -24.32
N PRO C 188 42.13 -2.88 -24.59
CA PRO C 188 41.48 -3.63 -23.50
C PRO C 188 42.48 -4.42 -22.67
N ASP C 189 42.18 -4.52 -21.38
CA ASP C 189 42.89 -5.42 -20.48
C ASP C 189 42.97 -6.84 -21.05
N PRO C 190 44.16 -7.47 -21.03
CA PRO C 190 44.31 -8.79 -21.68
C PRO C 190 43.49 -9.89 -21.06
N SER C 191 43.29 -9.83 -19.75
CA SER C 191 42.49 -10.84 -19.09
C SER C 191 41.03 -10.73 -19.51
N VAL C 192 40.53 -9.50 -19.62
CA VAL C 192 39.16 -9.26 -20.09
C VAL C 192 39.00 -9.71 -21.55
N ARG C 193 39.95 -9.34 -22.41
CA ARG C 193 39.89 -9.75 -23.85
C ARG C 193 39.87 -11.28 -23.95
N ALA C 194 40.68 -11.96 -23.15
CA ALA C 194 40.72 -13.41 -23.27
C ALA C 194 39.44 -14.04 -22.74
N ALA C 195 38.87 -13.49 -21.67
CA ALA C 195 37.58 -13.97 -21.18
C ALA C 195 36.50 -13.76 -22.23
N ALA C 196 36.51 -12.60 -22.92
CA ALA C 196 35.54 -12.38 -23.99
C ALA C 196 35.76 -13.36 -25.14
N GLU C 197 37.02 -13.61 -25.50
CA GLU C 197 37.29 -14.55 -26.59
C GLU C 197 36.80 -15.95 -26.24
N ARG C 198 36.97 -16.37 -24.98
CA ARG C 198 36.45 -17.68 -24.56
C ARG C 198 34.92 -17.71 -24.63
N ARG C 199 34.27 -16.69 -24.07
CA ARG C 199 32.81 -16.65 -24.09
C ARG C 199 32.28 -16.60 -25.52
N ALA C 200 33.02 -15.93 -26.42
CA ALA C 200 32.56 -15.79 -27.80
C ALA C 200 32.51 -17.13 -28.52
N GLN C 201 33.31 -18.09 -28.08
CA GLN C 201 33.27 -19.42 -28.68
C GLN C 201 31.95 -20.12 -28.39
N ASP C 202 31.32 -19.79 -27.26
CA ASP C 202 30.05 -20.41 -26.90
C ASP C 202 28.88 -19.82 -27.66
N THR C 203 29.00 -18.59 -28.16
CA THR C 203 27.85 -17.87 -28.65
C THR C 203 27.94 -17.58 -30.16
N GLY C 204 29.01 -17.98 -30.81
CA GLY C 204 29.22 -17.63 -32.21
C GLY C 204 29.63 -16.18 -32.41
N ALA C 205 29.97 -15.47 -31.35
CA ALA C 205 30.38 -14.08 -31.44
C ALA C 205 31.87 -14.02 -31.76
N SER C 206 32.45 -12.83 -31.67
CA SER C 206 33.85 -12.63 -32.02
C SER C 206 34.33 -11.32 -31.41
N VAL C 207 35.64 -11.22 -31.24
CA VAL C 207 36.31 -10.05 -30.68
C VAL C 207 37.29 -9.53 -31.72
N THR C 208 37.26 -8.23 -31.98
CA THR C 208 38.23 -7.55 -32.82
C THR C 208 38.73 -6.30 -32.08
N VAL C 209 40.04 -6.12 -32.06
CA VAL C 209 40.66 -4.89 -31.52
C VAL C 209 41.49 -4.28 -32.64
N THR C 210 41.29 -2.99 -32.88
CA THR C 210 41.90 -2.35 -34.04
C THR C 210 42.09 -0.87 -33.79
N ALA C 211 43.14 -0.31 -34.39
CA ALA C 211 43.32 1.13 -34.41
C ALA C 211 42.72 1.77 -35.64
N ASP C 212 42.06 0.98 -36.50
CA ASP C 212 41.54 1.47 -37.78
C ASP C 212 40.07 1.84 -37.56
N ALA C 213 39.85 3.12 -37.24
CA ALA C 213 38.50 3.58 -36.92
C ALA C 213 37.54 3.40 -38.10
N HIS C 214 38.02 3.66 -39.32
CA HIS C 214 37.10 3.52 -40.44
C HIS C 214 36.73 2.07 -40.69
N ALA C 215 37.66 1.14 -40.50
CA ALA C 215 37.32 -0.27 -40.67
C ALA C 215 36.33 -0.73 -39.61
N ALA C 216 36.46 -0.20 -38.38
CA ALA C 216 35.55 -0.56 -37.31
C ALA C 216 34.15 -0.03 -37.57
N ALA C 217 34.02 1.13 -38.21
CA ALA C 217 32.68 1.65 -38.48
C ALA C 217 32.01 0.93 -39.64
N ALA C 218 32.79 0.43 -40.59
CA ALA C 218 32.26 -0.15 -41.82
C ALA C 218 31.40 -1.37 -41.52
N GLY C 219 30.15 -1.34 -41.97
CA GLY C 219 29.26 -2.46 -41.78
C GLY C 219 28.74 -2.66 -40.38
N ALA C 220 28.96 -1.70 -39.49
CA ALA C 220 28.52 -1.84 -38.10
C ALA C 220 27.03 -1.60 -37.96
N ASP C 221 26.41 -2.35 -37.05
CA ASP C 221 24.99 -2.18 -36.72
C ASP C 221 24.79 -1.22 -35.56
N VAL C 222 25.79 -1.10 -34.70
CA VAL C 222 25.71 -0.27 -33.50
C VAL C 222 27.07 0.37 -33.31
N LEU C 223 27.08 1.69 -33.11
CA LEU C 223 28.30 2.41 -32.83
C LEU C 223 28.18 3.00 -31.43
N VAL C 224 29.22 2.81 -30.61
CA VAL C 224 29.20 3.22 -29.20
C VAL C 224 30.45 4.04 -28.90
N THR C 225 30.31 5.05 -28.06
CA THR C 225 31.48 5.72 -27.54
C THR C 225 31.19 6.17 -26.12
N ASP C 226 32.19 6.76 -25.47
CA ASP C 226 32.11 7.14 -24.06
C ASP C 226 33.10 8.30 -23.90
N THR C 227 33.04 8.98 -22.75
CA THR C 227 34.01 10.05 -22.54
C THR C 227 35.43 9.49 -22.56
N TRP C 228 36.36 10.33 -23.02
CA TRP C 228 37.73 9.90 -23.20
C TRP C 228 38.49 9.84 -21.87
N THR C 229 37.99 10.51 -20.85
CA THR C 229 38.69 10.65 -19.57
C THR C 229 37.70 10.55 -18.42
N SER C 230 37.96 9.64 -17.49
CA SER C 230 37.25 9.69 -16.22
C SER C 230 37.92 10.67 -15.27
N MET C 231 37.18 11.11 -14.25
CA MET C 231 37.70 12.12 -13.31
C MET C 231 39.00 11.66 -12.68
N GLY C 232 39.09 10.36 -12.32
CA GLY C 232 40.29 9.77 -11.76
C GLY C 232 41.44 9.63 -12.72
N GLN C 233 41.23 9.92 -14.01
CA GLN C 233 42.28 9.91 -15.02
C GLN C 233 42.79 11.31 -15.37
N GLU C 234 42.14 12.36 -14.87
CA GLU C 234 42.46 13.72 -15.29
C GLU C 234 43.89 14.14 -14.92
N ASN C 235 44.48 13.54 -13.88
CA ASN C 235 45.85 13.84 -13.49
C ASN C 235 46.83 12.71 -13.81
N ASP C 236 46.55 11.90 -14.84
CA ASP C 236 47.42 10.76 -15.10
C ASP C 236 48.63 11.12 -15.95
N GLY C 237 48.72 12.36 -16.40
CA GLY C 237 49.82 12.98 -17.16
C GLY C 237 49.68 12.86 -18.67
N LEU C 238 48.69 12.15 -19.17
CA LEU C 238 48.56 11.90 -20.59
C LEU C 238 47.78 13.03 -21.24
N ASP C 239 48.20 13.40 -22.46
CA ASP C 239 47.32 14.13 -23.37
C ASP C 239 46.22 13.15 -23.76
N ARG C 240 45.03 13.36 -23.21
CA ARG C 240 43.91 12.46 -23.48
C ARG C 240 42.94 13.05 -24.49
N VAL C 241 43.45 13.82 -25.45
CA VAL C 241 42.66 14.39 -26.52
C VAL C 241 43.21 14.00 -27.90
N LYS C 242 44.49 14.30 -28.18
CA LYS C 242 45.06 13.94 -29.48
C LYS C 242 44.95 12.47 -29.83
N PRO C 243 45.23 11.52 -28.94
CA PRO C 243 45.14 10.13 -29.36
C PRO C 243 43.75 9.75 -29.83
N PHE C 244 42.71 10.43 -29.31
CA PHE C 244 41.35 9.95 -29.50
C PHE C 244 40.61 10.66 -30.63
N ARG C 245 41.10 11.82 -31.06
CA ARG C 245 40.43 12.57 -32.13
C ARG C 245 40.11 11.73 -33.37
N PRO C 246 40.98 10.83 -33.86
CA PRO C 246 40.59 9.99 -35.00
C PRO C 246 39.42 9.06 -34.73
N PHE C 247 39.07 8.83 -33.47
CA PHE C 247 38.00 7.91 -33.10
C PHE C 247 36.71 8.64 -32.72
N GLN C 248 36.59 9.90 -33.10
CA GLN C 248 35.37 10.67 -32.80
C GLN C 248 34.18 10.06 -33.55
N LEU C 249 33.10 9.86 -32.82
CA LEU C 249 31.84 9.36 -33.45
C LEU C 249 31.18 10.58 -34.10
N ASN C 250 31.50 10.77 -35.38
CA ASN C 250 30.98 11.94 -36.11
C ASN C 250 30.15 11.47 -37.31
N SER C 251 29.63 12.42 -38.06
CA SER C 251 28.73 12.08 -39.18
C SER C 251 29.44 11.27 -40.25
N ARG C 252 30.70 11.59 -40.54
CA ARG C 252 31.44 10.86 -41.57
C ARG C 252 31.66 9.42 -41.13
N LEU C 253 31.92 9.22 -39.84
CA LEU C 253 32.13 7.87 -39.33
C LEU C 253 30.83 7.09 -39.36
N LEU C 254 29.73 7.74 -38.96
CA LEU C 254 28.42 7.09 -38.96
C LEU C 254 28.01 6.68 -40.38
N ALA C 255 28.36 7.50 -41.38
CA ALA C 255 27.93 7.20 -42.74
C ALA C 255 28.62 5.96 -43.30
N LEU C 256 29.73 5.53 -42.71
CA LEU C 256 30.35 4.27 -43.09
C LEU C 256 29.60 3.06 -42.57
N ALA C 257 28.81 3.21 -41.50
CA ALA C 257 28.15 2.07 -40.90
C ALA C 257 26.95 1.64 -41.74
N ASP C 258 26.38 0.50 -41.39
CA ASP C 258 25.13 0.11 -42.02
C ASP C 258 24.12 1.24 -41.98
N SER C 259 23.29 1.34 -43.03
CA SER C 259 22.37 2.46 -43.11
C SER C 259 21.36 2.49 -41.98
N ASP C 260 21.09 1.35 -41.33
CA ASP C 260 20.15 1.30 -40.21
C ASP C 260 20.87 1.31 -38.86
N ALA C 261 22.11 1.77 -38.81
CA ALA C 261 22.90 1.69 -37.58
C ALA C 261 22.33 2.61 -36.51
N ILE C 262 22.52 2.21 -35.25
CA ILE C 262 22.15 3.09 -34.15
C ILE C 262 23.41 3.43 -33.36
N VAL C 263 23.29 4.50 -32.56
CA VAL C 263 24.39 5.08 -31.80
C VAL C 263 24.03 5.09 -30.33
N LEU C 264 24.98 4.63 -29.49
CA LEU C 264 24.85 4.57 -28.03
C LEU C 264 25.96 5.39 -27.37
N HIS C 265 25.64 5.93 -26.20
CA HIS C 265 26.64 6.66 -25.42
C HIS C 265 26.09 6.71 -24.00
N CYS C 266 26.78 6.12 -23.05
CA CYS C 266 26.31 6.26 -21.68
C CYS C 266 26.60 7.70 -21.26
N LEU C 267 25.60 8.35 -20.72
CA LEU C 267 25.73 9.78 -20.49
C LEU C 267 26.59 10.02 -19.25
N PRO C 268 27.13 11.25 -19.08
CA PRO C 268 26.99 12.42 -19.95
C PRO C 268 27.94 12.39 -21.13
N ALA C 269 27.55 13.06 -22.21
CA ALA C 269 28.41 13.22 -23.37
C ALA C 269 29.07 14.59 -23.30
N HIS C 270 30.30 14.66 -23.82
CA HIS C 270 30.97 15.94 -24.06
C HIS C 270 30.85 16.18 -25.56
N ARG C 271 29.78 16.88 -25.93
CA ARG C 271 29.51 17.18 -27.33
C ARG C 271 30.69 17.95 -27.93
N GLY C 272 31.15 17.50 -29.09
CA GLY C 272 32.31 18.09 -29.73
C GLY C 272 33.60 17.33 -29.49
N ASP C 273 33.65 16.48 -28.46
CA ASP C 273 34.83 15.65 -28.23
C ASP C 273 34.57 14.27 -28.80
N GLU C 274 34.11 13.31 -27.98
CA GLU C 274 33.97 11.94 -28.47
C GLU C 274 32.79 11.76 -29.42
N ILE C 275 31.81 12.67 -29.40
CA ILE C 275 30.61 12.55 -30.23
C ILE C 275 30.20 13.97 -30.62
N THR C 276 29.61 14.11 -31.81
CA THR C 276 29.17 15.41 -32.29
C THR C 276 27.68 15.62 -32.04
N ASP C 277 27.26 16.88 -32.04
CA ASP C 277 25.85 17.23 -31.93
C ASP C 277 25.01 16.56 -33.01
N ALA C 278 25.51 16.55 -34.25
CA ALA C 278 24.75 15.95 -35.35
C ALA C 278 24.45 14.48 -35.07
N VAL C 279 25.44 13.75 -34.54
CA VAL C 279 25.22 12.34 -34.23
C VAL C 279 24.35 12.18 -32.98
N MET C 280 24.61 12.96 -31.92
CA MET C 280 23.81 12.84 -30.69
C MET C 280 22.32 13.08 -30.95
N ASP C 281 22.00 14.04 -31.82
CA ASP C 281 20.63 14.49 -31.96
C ASP C 281 19.95 14.02 -33.24
N GLY C 282 20.61 13.21 -34.05
CA GLY C 282 20.03 12.74 -35.28
C GLY C 282 19.28 11.44 -35.14
N PRO C 283 18.81 10.90 -36.26
CA PRO C 283 17.89 9.75 -36.20
C PRO C 283 18.52 8.44 -35.78
N ALA C 284 19.83 8.31 -35.85
CA ALA C 284 20.47 7.07 -35.41
C ALA C 284 20.68 7.02 -33.91
N SER C 285 20.59 8.15 -33.22
CA SER C 285 20.89 8.16 -31.78
C SER C 285 19.82 7.43 -30.99
N ALA C 286 20.25 6.54 -30.09
CA ALA C 286 19.36 5.87 -29.15
C ALA C 286 19.75 6.18 -27.71
N VAL C 287 20.46 7.30 -27.49
CA VAL C 287 21.02 7.57 -26.17
C VAL C 287 19.93 7.86 -25.13
N TRP C 288 18.78 8.42 -25.54
CA TRP C 288 17.76 8.77 -24.55
C TRP C 288 17.01 7.52 -24.09
N ASP C 289 16.63 6.66 -25.02
CA ASP C 289 16.08 5.35 -24.66
C ASP C 289 17.08 4.55 -23.83
N GLU C 290 18.36 4.58 -24.24
CA GLU C 290 19.41 3.93 -23.47
C GLU C 290 19.45 4.44 -22.03
N ALA C 291 19.34 5.75 -21.86
CA ALA C 291 19.38 6.32 -20.51
C ALA C 291 18.20 5.82 -19.68
N GLU C 292 17.00 5.84 -20.26
CA GLU C 292 15.82 5.34 -19.55
C GLU C 292 15.95 3.87 -19.17
N ASN C 293 16.49 3.06 -20.08
CA ASN C 293 16.50 1.62 -19.90
C ASN C 293 17.44 1.19 -18.78
N ARG C 294 18.28 2.09 -18.27
CA ARG C 294 19.05 1.72 -17.11
C ARG C 294 18.13 1.42 -15.93
N LEU C 295 17.01 2.15 -15.84
CA LEU C 295 16.03 1.87 -14.80
C LEU C 295 15.49 0.45 -14.93
N HIS C 296 15.05 0.06 -16.14
CA HIS C 296 14.36 -1.20 -16.32
C HIS C 296 15.32 -2.38 -16.25
N ALA C 297 16.50 -2.24 -16.86
CA ALA C 297 17.48 -3.32 -16.85
C ALA C 297 17.99 -3.59 -15.43
N GLN C 298 18.16 -2.54 -14.63
CA GLN C 298 18.63 -2.76 -13.26
C GLN C 298 17.55 -3.38 -12.39
N LYS C 299 16.30 -2.98 -12.58
CA LYS C 299 15.22 -3.64 -11.84
C LYS C 299 15.15 -5.12 -12.20
N ALA C 300 15.32 -5.44 -13.49
CA ALA C 300 15.30 -6.83 -13.94
C ALA C 300 16.39 -7.64 -13.27
N LEU C 301 17.62 -7.11 -13.25
CA LEU C 301 18.74 -7.80 -12.61
C LEU C 301 18.45 -8.07 -11.14
N LEU C 302 17.92 -7.07 -10.42
CA LEU C 302 17.61 -7.28 -9.02
C LEU C 302 16.55 -8.35 -8.84
N VAL C 303 15.47 -8.28 -9.63
CA VAL C 303 14.43 -9.31 -9.55
C VAL C 303 15.04 -10.68 -9.77
N TRP C 304 15.89 -10.80 -10.80
CA TRP C 304 16.45 -12.10 -11.17
C TRP C 304 17.40 -12.61 -10.10
N LEU C 305 18.26 -11.73 -9.57
CA LEU C 305 19.19 -12.16 -8.53
C LEU C 305 18.48 -12.53 -7.24
N LEU C 306 17.45 -11.76 -6.88
CA LEU C 306 16.75 -12.02 -5.61
C LEU C 306 16.05 -13.38 -5.65
N GLU C 307 15.47 -13.73 -6.79
CA GLU C 307 14.78 -15.02 -6.83
C GLU C 307 15.74 -16.20 -6.95
N ARG C 308 16.94 -16.00 -7.53
CA ARG C 308 17.90 -17.10 -7.65
C ARG C 308 18.70 -17.31 -6.38
N SER C 309 18.64 -16.37 -5.44
CA SER C 309 19.51 -16.38 -4.26
C SER C 309 18.65 -16.59 -3.01
N VAL D 3 -4.45 -13.79 -29.15
CA VAL D 3 -3.71 -12.84 -28.35
C VAL D 3 -4.30 -12.88 -26.92
N ILE D 4 -5.61 -13.07 -26.78
CA ILE D 4 -6.22 -13.29 -25.47
C ILE D 4 -6.21 -14.79 -25.17
N ARG D 5 -5.51 -15.19 -24.12
CA ARG D 5 -5.41 -16.60 -23.77
C ARG D 5 -6.48 -16.98 -22.75
N HIS D 6 -7.10 -18.14 -22.96
CA HIS D 6 -8.08 -18.69 -22.05
CA HIS D 6 -8.04 -18.67 -21.99
C HIS D 6 -7.58 -20.04 -21.52
N PHE D 7 -8.16 -20.48 -20.40
CA PHE D 7 -7.85 -21.77 -19.79
C PHE D 7 -9.18 -22.46 -19.47
N LEU D 8 -9.75 -23.16 -20.45
CA LEU D 8 -11.07 -23.81 -20.30
C LEU D 8 -10.91 -25.32 -20.14
N ARG D 9 -9.74 -25.81 -20.49
CA ARG D 9 -9.41 -27.25 -20.40
C ARG D 9 -7.89 -27.38 -20.29
N ASP D 10 -7.41 -28.48 -19.76
CA ASP D 10 -5.96 -28.66 -19.48
C ASP D 10 -5.05 -28.46 -20.68
N ASP D 11 -5.47 -28.91 -21.85
CA ASP D 11 -4.65 -28.85 -23.07
C ASP D 11 -4.67 -27.46 -23.71
N ASP D 12 -5.34 -26.50 -23.07
CA ASP D 12 -5.28 -25.10 -23.56
C ASP D 12 -3.85 -24.62 -23.38
N LEU D 13 -3.12 -25.23 -22.46
CA LEU D 13 -1.69 -24.94 -22.30
C LEU D 13 -0.89 -26.00 -23.05
N SER D 14 0.08 -25.56 -23.84
CA SER D 14 1.02 -26.48 -24.45
C SER D 14 1.92 -27.09 -23.38
N PRO D 15 2.65 -28.16 -23.70
CA PRO D 15 3.63 -28.68 -22.72
C PRO D 15 4.60 -27.64 -22.20
N ALA D 16 5.18 -26.80 -23.08
CA ALA D 16 6.10 -25.80 -22.58
C ALA D 16 5.37 -24.75 -21.73
N GLU D 17 4.16 -24.38 -22.13
CA GLU D 17 3.42 -23.37 -21.37
C GLU D 17 3.00 -23.91 -20.02
N GLN D 18 2.58 -25.18 -19.96
CA GLN D 18 2.25 -25.76 -18.67
C GLN D 18 3.46 -25.79 -17.75
N ALA D 19 4.65 -26.10 -18.31
CA ALA D 19 5.86 -26.08 -17.48
C ALA D 19 6.11 -24.68 -16.92
N GLU D 20 5.90 -23.64 -17.73
CA GLU D 20 6.06 -22.28 -17.22
C GLU D 20 5.08 -21.99 -16.07
N VAL D 21 3.81 -22.37 -16.24
CA VAL D 21 2.85 -22.10 -15.18
C VAL D 21 3.24 -22.82 -13.89
N LEU D 22 3.63 -24.10 -14.01
CA LEU D 22 4.01 -24.86 -12.82
C LEU D 22 5.27 -24.31 -12.16
N GLU D 23 6.24 -23.84 -12.96
CA GLU D 23 7.42 -23.22 -12.36
C GLU D 23 7.04 -21.95 -11.61
N LEU D 24 6.16 -21.13 -12.20
CA LEU D 24 5.64 -19.95 -11.55
C LEU D 24 4.91 -20.29 -10.24
N ALA D 25 4.16 -21.39 -10.25
CA ALA D 25 3.46 -21.80 -9.02
C ALA D 25 4.44 -22.09 -7.89
N ALA D 26 5.58 -22.69 -8.20
CA ALA D 26 6.58 -22.93 -7.16
C ALA D 26 7.16 -21.61 -6.65
N GLU D 27 7.46 -20.68 -7.57
CA GLU D 27 7.97 -19.38 -7.14
C GLU D 27 6.98 -18.64 -6.27
N LEU D 28 5.69 -18.67 -6.63
CA LEU D 28 4.68 -17.96 -5.84
C LEU D 28 4.44 -18.64 -4.49
N LYS D 29 4.56 -19.97 -4.41
CA LYS D 29 4.48 -20.62 -3.09
C LYS D 29 5.58 -20.11 -2.17
N LYS D 30 6.77 -19.88 -2.74
CA LYS D 30 7.89 -19.33 -1.97
C LYS D 30 7.66 -17.87 -1.61
N ASP D 31 7.13 -17.07 -2.52
CA ASP D 31 7.03 -15.62 -2.34
C ASP D 31 5.62 -15.19 -2.77
N PRO D 32 4.63 -15.37 -1.89
CA PRO D 32 3.23 -15.30 -2.32
C PRO D 32 2.71 -13.90 -2.63
N VAL D 33 3.42 -12.83 -2.27
CA VAL D 33 2.93 -11.50 -2.61
C VAL D 33 3.93 -10.75 -3.50
N SER D 34 4.83 -11.49 -4.16
CA SER D 34 5.86 -10.90 -5.00
C SER D 34 5.40 -10.54 -6.41
N ARG D 35 4.23 -11.03 -6.84
CA ARG D 35 3.67 -10.70 -8.14
C ARG D 35 2.35 -9.96 -7.91
N ARG D 36 2.28 -8.72 -8.39
CA ARG D 36 1.11 -7.88 -8.13
C ARG D 36 0.55 -7.30 -9.42
N PRO D 37 0.20 -8.16 -10.39
CA PRO D 37 -0.30 -7.65 -11.67
C PRO D 37 -1.68 -7.05 -11.57
N LEU D 38 -2.38 -7.29 -10.47
CA LEU D 38 -3.75 -6.80 -10.28
C LEU D 38 -3.79 -5.63 -9.29
N GLN D 39 -2.64 -5.10 -8.91
CA GLN D 39 -2.59 -3.98 -7.99
C GLN D 39 -3.47 -2.82 -8.49
N GLY D 40 -4.07 -2.10 -7.54
CA GLY D 40 -5.02 -1.06 -7.87
C GLY D 40 -6.02 -0.79 -6.77
N PRO D 41 -6.97 -1.73 -6.54
CA PRO D 41 -7.03 -3.05 -7.16
C PRO D 41 -7.72 -3.07 -8.52
N ARG D 42 -7.25 -3.97 -9.39
CA ARG D 42 -8.03 -4.41 -10.53
C ARG D 42 -8.97 -5.52 -10.09
N GLY D 43 -10.06 -5.69 -10.83
CA GLY D 43 -11.04 -6.69 -10.50
C GLY D 43 -10.82 -8.00 -11.23
N VAL D 44 -11.30 -9.07 -10.63
CA VAL D 44 -11.43 -10.37 -11.29
C VAL D 44 -12.80 -10.89 -10.89
N ALA D 45 -13.59 -11.31 -11.88
CA ALA D 45 -14.90 -11.88 -11.58
C ALA D 45 -14.74 -13.35 -11.25
N VAL D 46 -15.45 -13.79 -10.20
CA VAL D 46 -15.47 -15.20 -9.79
C VAL D 46 -16.94 -15.58 -9.69
N ILE D 47 -17.42 -16.31 -10.70
CA ILE D 47 -18.85 -16.54 -10.94
C ILE D 47 -19.14 -18.02 -10.78
N PHE D 48 -20.19 -18.35 -10.02
CA PHE D 48 -20.60 -19.73 -9.77
C PHE D 48 -22.03 -19.96 -10.23
N ASP D 49 -22.21 -20.83 -11.22
CA ASP D 49 -23.56 -21.36 -11.48
C ASP D 49 -23.96 -22.38 -10.43
N LYS D 50 -23.01 -23.10 -9.85
CA LYS D 50 -23.23 -23.90 -8.66
C LYS D 50 -22.10 -23.59 -7.69
N ASN D 51 -22.46 -23.28 -6.45
CA ASN D 51 -21.45 -22.81 -5.50
C ASN D 51 -20.42 -23.89 -5.18
N SER D 52 -19.22 -23.43 -4.82
CA SER D 52 -18.13 -24.30 -4.40
C SER D 52 -17.31 -23.49 -3.41
N THR D 53 -17.52 -23.75 -2.12
CA THR D 53 -16.84 -22.97 -1.09
C THR D 53 -15.32 -23.14 -1.19
N ARG D 54 -14.87 -24.36 -1.51
CA ARG D 54 -13.45 -24.63 -1.70
C ARG D 54 -12.89 -23.81 -2.85
N THR D 55 -13.61 -23.76 -3.97
CA THR D 55 -13.14 -22.98 -5.10
C THR D 55 -13.09 -21.51 -4.73
N ARG D 56 -14.02 -21.07 -3.89
CA ARG D 56 -14.09 -19.65 -3.57
C ARG D 56 -12.95 -19.23 -2.66
N PHE D 57 -12.63 -20.02 -1.63
CA PHE D 57 -11.49 -19.70 -0.79
C PHE D 57 -10.23 -19.51 -1.60
N SER D 58 -9.91 -20.49 -2.45
CA SER D 58 -8.64 -20.45 -3.16
C SER D 58 -8.58 -19.27 -4.12
N PHE D 59 -9.65 -19.00 -4.86
CA PHE D 59 -9.59 -17.89 -5.83
C PHE D 59 -9.70 -16.53 -5.14
N GLU D 60 -10.58 -16.40 -4.15
CA GLU D 60 -10.76 -15.11 -3.50
C GLU D 60 -9.46 -14.65 -2.85
N LEU D 61 -8.77 -15.55 -2.14
CA LEU D 61 -7.51 -15.17 -1.50
C LEU D 61 -6.39 -15.03 -2.50
N GLY D 62 -6.36 -15.89 -3.53
CA GLY D 62 -5.30 -15.79 -4.50
C GLY D 62 -5.31 -14.48 -5.26
N ILE D 63 -6.50 -14.06 -5.71
CA ILE D 63 -6.65 -12.78 -6.40
C ILE D 63 -6.23 -11.63 -5.50
N ALA D 64 -6.62 -11.69 -4.22
CA ALA D 64 -6.23 -10.62 -3.30
C ALA D 64 -4.72 -10.54 -3.16
N GLN D 65 -4.04 -11.70 -3.08
CA GLN D 65 -2.58 -11.71 -2.94
C GLN D 65 -1.86 -11.30 -4.22
N LEU D 66 -2.55 -11.25 -5.36
CA LEU D 66 -2.02 -10.62 -6.57
C LEU D 66 -2.33 -9.13 -6.61
N GLY D 67 -2.89 -8.58 -5.53
CA GLY D 67 -3.22 -7.17 -5.45
C GLY D 67 -4.62 -6.81 -5.92
N GLY D 68 -5.40 -7.77 -6.40
CA GLY D 68 -6.70 -7.46 -6.97
C GLY D 68 -7.84 -7.61 -5.98
N HIS D 69 -9.04 -7.39 -6.49
CA HIS D 69 -10.27 -7.57 -5.71
C HIS D 69 -11.14 -8.56 -6.46
N ALA D 70 -11.43 -9.70 -5.84
CA ALA D 70 -12.35 -10.64 -6.45
C ALA D 70 -13.79 -10.19 -6.21
N VAL D 71 -14.57 -10.09 -7.27
CA VAL D 71 -16.00 -9.87 -7.17
C VAL D 71 -16.68 -11.22 -7.33
N VAL D 72 -17.20 -11.75 -6.24
CA VAL D 72 -17.73 -13.11 -6.22
C VAL D 72 -19.23 -13.08 -6.43
N VAL D 73 -19.71 -13.78 -7.45
CA VAL D 73 -21.14 -13.88 -7.74
C VAL D 73 -21.55 -15.34 -7.55
N ASP D 74 -22.49 -15.59 -6.65
CA ASP D 74 -22.91 -16.94 -6.32
C ASP D 74 -24.16 -17.32 -7.10
N SER D 75 -24.55 -18.59 -6.97
CA SER D 75 -25.87 -19.02 -7.44
C SER D 75 -26.93 -18.37 -6.57
N GLY D 76 -28.06 -18.06 -7.18
CA GLY D 76 -28.98 -17.13 -6.56
C GLY D 76 -28.97 -15.77 -7.19
N SER D 77 -27.94 -15.47 -7.98
CA SER D 77 -28.01 -14.45 -9.01
C SER D 77 -28.69 -15.06 -10.25
N THR D 78 -29.25 -14.19 -11.10
CA THR D 78 -29.86 -14.68 -12.32
C THR D 78 -28.86 -15.48 -13.15
N GLN D 79 -29.05 -16.80 -13.21
CA GLN D 79 -28.12 -17.66 -13.93
C GLN D 79 -27.82 -17.10 -15.33
N LEU D 80 -26.58 -17.28 -15.73
CA LEU D 80 -26.00 -16.52 -16.81
C LEU D 80 -26.59 -17.03 -18.11
N GLY D 81 -27.00 -16.11 -18.98
CA GLY D 81 -27.72 -16.48 -20.17
C GLY D 81 -29.22 -16.40 -20.05
N ARG D 82 -29.77 -16.24 -18.84
CA ARG D 82 -31.22 -16.14 -18.68
C ARG D 82 -31.71 -14.74 -19.00
N ASP D 83 -31.09 -13.73 -18.42
CA ASP D 83 -31.53 -12.35 -18.53
C ASP D 83 -30.87 -11.60 -19.70
N GLU D 84 -29.73 -12.09 -20.18
CA GLU D 84 -29.05 -11.54 -21.35
C GLU D 84 -28.16 -12.64 -21.88
N THR D 85 -27.70 -12.50 -23.12
CA THR D 85 -26.86 -13.56 -23.68
C THR D 85 -25.55 -13.66 -22.91
N LEU D 86 -24.93 -14.85 -22.98
CA LEU D 86 -23.61 -15.02 -22.38
C LEU D 86 -22.59 -14.11 -23.04
N GLN D 87 -22.74 -13.85 -24.35
CA GLN D 87 -21.79 -12.98 -25.03
C GLN D 87 -21.91 -11.54 -24.56
N ASP D 88 -23.14 -11.05 -24.36
CA ASP D 88 -23.31 -9.70 -23.81
C ASP D 88 -22.69 -9.61 -22.43
N THR D 89 -22.89 -10.63 -21.59
CA THR D 89 -22.29 -10.59 -20.25
C THR D 89 -20.77 -10.58 -20.32
N ALA D 90 -20.19 -11.30 -21.28
CA ALA D 90 -18.74 -11.35 -21.40
C ALA D 90 -18.18 -10.01 -21.85
N LYS D 91 -18.90 -9.31 -22.74
CA LYS D 91 -18.43 -8.00 -23.21
C LYS D 91 -18.48 -6.96 -22.09
N VAL D 92 -19.50 -7.01 -21.22
CA VAL D 92 -19.55 -6.04 -20.14
C VAL D 92 -18.50 -6.37 -19.08
N LEU D 93 -18.40 -7.65 -18.70
CA LEU D 93 -17.38 -8.05 -17.73
C LEU D 93 -15.99 -7.61 -18.17
N SER D 94 -15.71 -7.73 -19.46
CA SER D 94 -14.42 -7.33 -20.01
C SER D 94 -14.11 -5.85 -19.81
N ARG D 95 -15.11 -5.00 -19.55
CA ARG D 95 -14.85 -3.59 -19.22
C ARG D 95 -14.58 -3.38 -17.74
N TYR D 96 -14.94 -4.34 -16.89
CA TYR D 96 -14.86 -4.19 -15.44
C TYR D 96 -13.71 -4.97 -14.81
N VAL D 97 -13.40 -6.17 -15.33
CA VAL D 97 -12.45 -7.05 -14.68
C VAL D 97 -11.35 -7.38 -15.69
N ASP D 98 -10.23 -7.86 -15.16
CA ASP D 98 -9.08 -8.23 -15.97
C ASP D 98 -9.04 -9.73 -16.27
N ALA D 99 -9.92 -10.52 -15.64
CA ALA D 99 -10.04 -11.94 -15.91
C ALA D 99 -11.39 -12.39 -15.37
N ILE D 100 -11.92 -13.45 -15.97
CA ILE D 100 -13.21 -14.02 -15.60
C ILE D 100 -12.97 -15.47 -15.17
N VAL D 101 -13.28 -15.77 -13.92
CA VAL D 101 -13.17 -17.12 -13.37
C VAL D 101 -14.59 -17.65 -13.21
N TRP D 102 -14.88 -18.83 -13.77
CA TRP D 102 -16.28 -19.24 -13.88
C TRP D 102 -16.42 -20.73 -13.63
N ARG D 103 -17.31 -21.11 -12.71
CA ARG D 103 -17.68 -22.50 -12.48
C ARG D 103 -19.04 -22.70 -13.14
N THR D 104 -19.05 -23.48 -14.20
CA THR D 104 -20.30 -23.71 -14.95
C THR D 104 -20.48 -25.19 -15.26
N PHE D 105 -21.34 -25.49 -16.20
CA PHE D 105 -21.69 -26.89 -16.48
C PHE D 105 -21.11 -27.30 -17.83
N GLY D 106 -21.87 -27.08 -18.88
CA GLY D 106 -21.44 -27.50 -20.22
C GLY D 106 -20.32 -26.68 -20.79
N GLN D 107 -19.45 -27.37 -21.50
CA GLN D 107 -18.29 -26.69 -22.03
C GLN D 107 -18.67 -25.64 -23.07
N GLU D 108 -19.85 -25.75 -23.66
CA GLU D 108 -20.31 -24.78 -24.69
C GLU D 108 -20.46 -23.41 -24.04
N ARG D 109 -20.82 -23.38 -22.78
CA ARG D 109 -21.03 -22.12 -22.08
C ARG D 109 -19.72 -21.37 -21.89
N LEU D 110 -18.67 -22.09 -21.48
CA LEU D 110 -17.34 -21.50 -21.36
C LEU D 110 -16.85 -21.02 -22.72
N ASP D 111 -17.06 -21.83 -23.78
CA ASP D 111 -16.65 -21.39 -25.11
C ASP D 111 -17.39 -20.14 -25.53
N ALA D 112 -18.66 -20.01 -25.14
CA ALA D 112 -19.42 -18.83 -25.52
C ALA D 112 -18.80 -17.56 -24.92
N MET D 113 -18.52 -17.59 -23.62
CA MET D 113 -17.84 -16.48 -22.96
C MET D 113 -16.48 -16.20 -23.61
N ALA D 114 -15.66 -17.24 -23.77
CA ALA D 114 -14.31 -17.04 -24.27
C ALA D 114 -14.29 -16.54 -25.71
N SER D 115 -15.36 -16.80 -26.47
CA SER D 115 -15.38 -16.40 -27.88
C SER D 115 -15.39 -14.89 -28.07
N VAL D 116 -15.88 -14.12 -27.10
CA VAL D 116 -15.97 -12.68 -27.24
C VAL D 116 -15.26 -11.90 -26.13
N ALA D 117 -14.92 -12.52 -25.00
CA ALA D 117 -14.24 -11.80 -23.93
C ALA D 117 -12.92 -11.24 -24.42
N THR D 118 -12.58 -10.02 -23.98
CA THR D 118 -11.28 -9.44 -24.25
C THR D 118 -10.33 -9.60 -23.07
N VAL D 119 -10.67 -10.49 -22.13
CA VAL D 119 -9.82 -10.84 -21.00
C VAL D 119 -9.85 -12.35 -20.85
N PRO D 120 -8.86 -12.92 -20.16
CA PRO D 120 -8.83 -14.38 -19.99
C PRO D 120 -10.04 -14.93 -19.24
N VAL D 121 -10.55 -16.03 -19.75
CA VAL D 121 -11.62 -16.80 -19.10
C VAL D 121 -10.99 -18.08 -18.56
N ILE D 122 -11.29 -18.40 -17.29
CA ILE D 122 -10.73 -19.57 -16.60
C ILE D 122 -11.85 -20.46 -16.13
N ASN D 123 -11.76 -21.74 -16.49
CA ASN D 123 -12.67 -22.77 -16.00
C ASN D 123 -12.28 -23.13 -14.58
N ALA D 124 -13.03 -22.63 -13.61
CA ALA D 124 -12.77 -22.95 -12.21
C ALA D 124 -13.08 -24.42 -11.92
N LEU D 125 -14.07 -24.97 -12.59
CA LEU D 125 -14.55 -26.35 -12.36
C LEU D 125 -15.73 -26.45 -13.32
N SER D 126 -15.83 -27.55 -14.06
CA SER D 126 -16.93 -27.74 -15.00
C SER D 126 -17.40 -29.19 -15.00
N ASP D 127 -18.48 -29.43 -15.72
CA ASP D 127 -18.98 -30.79 -15.90
C ASP D 127 -17.89 -31.70 -16.44
N GLU D 128 -17.17 -31.22 -17.44
CA GLU D 128 -16.28 -32.07 -18.20
C GLU D 128 -14.83 -32.00 -17.74
N PHE D 129 -14.41 -30.91 -17.10
CA PHE D 129 -13.00 -30.74 -16.78
C PHE D 129 -12.85 -30.10 -15.41
N HIS D 130 -11.71 -30.33 -14.78
CA HIS D 130 -11.41 -29.62 -13.55
C HIS D 130 -9.92 -29.29 -13.61
N PRO D 131 -9.56 -28.38 -14.52
CA PRO D 131 -8.14 -28.23 -14.90
C PRO D 131 -7.30 -27.45 -13.91
N CYS D 132 -7.91 -26.59 -13.08
CA CYS D 132 -7.12 -25.92 -12.06
C CYS D 132 -6.73 -26.89 -10.96
N GLN D 133 -7.63 -27.81 -10.60
CA GLN D 133 -7.26 -28.82 -9.62
C GLN D 133 -6.09 -29.65 -10.12
N VAL D 134 -6.08 -29.97 -11.41
CA VAL D 134 -4.99 -30.80 -11.90
C VAL D 134 -3.67 -30.04 -11.93
N LEU D 135 -3.68 -28.72 -12.16
CA LEU D 135 -2.44 -27.97 -12.02
C LEU D 135 -1.90 -28.05 -10.61
N ALA D 136 -2.81 -27.93 -9.62
CA ALA D 136 -2.44 -28.12 -8.22
C ALA D 136 -1.87 -29.50 -7.98
N ASP D 137 -2.50 -30.53 -8.57
CA ASP D 137 -1.97 -31.90 -8.46
C ASP D 137 -0.55 -31.99 -9.03
N LEU D 138 -0.32 -31.41 -10.21
CA LEU D 138 1.01 -31.51 -10.82
C LEU D 138 2.05 -30.77 -9.99
N GLN D 139 1.70 -29.60 -9.44
CA GLN D 139 2.62 -28.92 -8.54
C GLN D 139 2.98 -29.78 -7.34
N THR D 140 1.98 -30.48 -6.78
CA THR D 140 2.22 -31.36 -5.64
C THR D 140 3.13 -32.51 -6.01
N ILE D 141 2.88 -33.15 -7.15
CA ILE D 141 3.74 -34.24 -7.60
C ILE D 141 5.16 -33.73 -7.79
N ALA D 142 5.33 -32.58 -8.44
CA ALA D 142 6.66 -32.06 -8.72
C ALA D 142 7.41 -31.75 -7.42
N GLU D 143 6.70 -31.23 -6.43
CA GLU D 143 7.29 -30.96 -5.12
C GLU D 143 7.88 -32.21 -4.51
N ARG D 144 7.16 -33.32 -4.62
CA ARG D 144 7.56 -34.55 -3.97
C ARG D 144 8.59 -35.32 -4.79
N LYS D 145 8.53 -35.23 -6.12
CA LYS D 145 9.22 -36.18 -6.96
C LYS D 145 10.11 -35.58 -8.04
N GLY D 146 10.06 -34.27 -8.28
CA GLY D 146 10.94 -33.66 -9.25
C GLY D 146 10.32 -33.63 -10.64
N ALA D 147 11.12 -33.95 -11.64
CA ALA D 147 10.66 -33.91 -13.03
C ALA D 147 9.45 -34.80 -13.21
N LEU D 148 8.44 -34.27 -13.90
CA LEU D 148 7.20 -34.99 -14.11
C LEU D 148 7.28 -35.98 -15.26
N ARG D 149 8.09 -35.70 -16.28
CA ARG D 149 8.07 -36.53 -17.48
C ARG D 149 8.48 -37.96 -17.14
N GLY D 150 7.70 -38.92 -17.63
CA GLY D 150 8.00 -40.32 -17.39
C GLY D 150 7.44 -40.90 -16.11
N LEU D 151 6.89 -40.09 -15.21
CA LEU D 151 6.25 -40.67 -14.04
C LEU D 151 4.99 -41.42 -14.47
N ARG D 152 4.51 -42.27 -13.57
CA ARG D 152 3.32 -43.08 -13.79
C ARG D 152 2.26 -42.68 -12.77
N LEU D 153 1.09 -42.27 -13.26
CA LEU D 153 -0.03 -41.87 -12.42
C LEU D 153 -1.24 -42.72 -12.75
N SER D 154 -1.91 -43.24 -11.71
CA SER D 154 -3.13 -44.02 -11.91
C SER D 154 -4.28 -43.37 -11.15
N TYR D 155 -5.40 -43.19 -11.85
CA TYR D 155 -6.64 -42.66 -11.29
C TYR D 155 -7.63 -43.81 -11.15
N PHE D 156 -8.35 -43.85 -10.04
CA PHE D 156 -9.23 -44.96 -9.69
C PHE D 156 -10.63 -44.45 -9.44
N GLY D 157 -11.61 -45.12 -10.04
CA GLY D 157 -12.99 -44.85 -9.70
C GLY D 157 -13.85 -44.48 -10.89
N ASP D 158 -14.53 -43.34 -10.80
CA ASP D 158 -15.41 -42.88 -11.87
C ASP D 158 -14.55 -42.23 -12.96
N GLY D 159 -14.29 -42.99 -14.03
CA GLY D 159 -13.45 -42.54 -15.13
C GLY D 159 -14.12 -41.64 -16.13
N ALA D 160 -15.38 -41.29 -15.90
CA ALA D 160 -16.11 -40.39 -16.78
C ALA D 160 -16.25 -38.99 -16.20
N ASN D 161 -15.68 -38.73 -15.03
CA ASN D 161 -15.87 -37.43 -14.43
C ASN D 161 -14.76 -36.45 -14.80
N ASN D 162 -14.95 -35.21 -14.33
CA ASN D 162 -14.08 -34.11 -14.73
C ASN D 162 -12.64 -34.32 -14.28
N MET D 163 -12.43 -34.93 -13.11
CA MET D 163 -11.07 -35.25 -12.67
C MET D 163 -10.39 -36.24 -13.61
N ALA D 164 -11.08 -37.30 -14.02
CA ALA D 164 -10.43 -38.27 -14.90
C ALA D 164 -10.05 -37.62 -16.22
N HIS D 165 -10.95 -36.80 -16.78
CA HIS D 165 -10.65 -36.12 -18.03
C HIS D 165 -9.44 -35.21 -17.90
N SER D 166 -9.37 -34.46 -16.80
CA SER D 166 -8.28 -33.50 -16.63
C SER D 166 -6.98 -34.18 -16.26
N LEU D 167 -7.04 -35.26 -15.47
CA LEU D 167 -5.82 -35.99 -15.20
C LEU D 167 -5.27 -36.60 -16.48
N LEU D 168 -6.15 -37.03 -17.38
CA LEU D 168 -5.70 -37.49 -18.69
C LEU D 168 -5.02 -36.35 -19.46
N LEU D 169 -5.75 -35.25 -19.67
CA LEU D 169 -5.24 -34.19 -20.55
C LEU D 169 -4.07 -33.45 -19.90
N GLY D 170 -4.22 -33.04 -18.63
CA GLY D 170 -3.14 -32.33 -17.98
C GLY D 170 -1.95 -33.23 -17.71
N GLY D 171 -2.22 -34.49 -17.36
CA GLY D 171 -1.15 -35.44 -17.11
C GLY D 171 -0.28 -35.69 -18.34
N VAL D 172 -0.90 -36.01 -19.47
CA VAL D 172 -0.06 -36.26 -20.66
C VAL D 172 0.62 -34.97 -21.14
N THR D 173 0.01 -33.81 -20.90
CA THR D 173 0.69 -32.55 -21.22
C THR D 173 1.99 -32.43 -20.46
N ALA D 174 2.05 -32.98 -19.25
CA ALA D 174 3.25 -32.98 -18.42
C ALA D 174 4.20 -34.13 -18.74
N GLY D 175 3.86 -35.01 -19.69
CA GLY D 175 4.73 -36.13 -19.98
C GLY D 175 4.51 -37.34 -19.08
N ILE D 176 3.39 -37.39 -18.34
CA ILE D 176 3.11 -38.46 -17.39
C ILE D 176 2.38 -39.58 -18.11
N HIS D 177 2.73 -40.83 -17.79
CA HIS D 177 1.96 -41.99 -18.22
C HIS D 177 0.73 -42.08 -17.33
N VAL D 178 -0.44 -41.78 -17.88
CA VAL D 178 -1.68 -41.77 -17.11
C VAL D 178 -2.45 -43.07 -17.36
N THR D 179 -2.89 -43.71 -16.27
CA THR D 179 -3.80 -44.85 -16.33
C THR D 179 -5.08 -44.50 -15.61
N VAL D 180 -6.22 -44.79 -16.25
CA VAL D 180 -7.54 -44.65 -15.64
C VAL D 180 -8.09 -46.05 -15.39
N ALA D 181 -8.31 -46.37 -14.12
CA ALA D 181 -8.88 -47.65 -13.71
C ALA D 181 -10.35 -47.41 -13.36
N ALA D 182 -11.26 -47.91 -14.19
CA ALA D 182 -12.68 -47.59 -14.05
C ALA D 182 -13.50 -48.75 -14.55
N PRO D 183 -14.70 -48.94 -14.02
CA PRO D 183 -15.58 -49.99 -14.53
C PRO D 183 -16.31 -49.56 -15.81
N GLU D 184 -16.85 -50.56 -16.51
CA GLU D 184 -17.62 -50.31 -17.72
C GLU D 184 -18.78 -49.36 -17.46
N GLY D 185 -19.08 -48.51 -18.44
CA GLY D 185 -20.09 -47.49 -18.29
C GLY D 185 -19.64 -46.21 -17.62
N PHE D 186 -18.42 -46.18 -17.07
CA PHE D 186 -17.88 -45.00 -16.39
C PHE D 186 -16.47 -44.74 -16.86
N LEU D 187 -16.28 -44.78 -18.16
CA LEU D 187 -15.02 -44.69 -18.87
C LEU D 187 -14.86 -43.28 -19.42
N PRO D 188 -13.65 -42.88 -19.80
CA PRO D 188 -13.47 -41.50 -20.29
C PRO D 188 -14.29 -41.23 -21.54
N ASP D 189 -14.72 -39.99 -21.67
CA ASP D 189 -15.35 -39.54 -22.91
C ASP D 189 -14.39 -39.78 -24.07
N PRO D 190 -14.84 -40.42 -25.16
CA PRO D 190 -13.90 -40.79 -26.24
C PRO D 190 -13.26 -39.59 -26.93
N SER D 191 -13.95 -38.46 -27.01
CA SER D 191 -13.32 -37.26 -27.54
C SER D 191 -12.16 -36.79 -26.66
N VAL D 192 -12.35 -36.82 -25.34
CA VAL D 192 -11.27 -36.48 -24.42
C VAL D 192 -10.14 -37.50 -24.53
N ARG D 193 -10.50 -38.79 -24.56
CA ARG D 193 -9.46 -39.81 -24.63
C ARG D 193 -8.60 -39.63 -25.89
N ALA D 194 -9.24 -39.34 -27.03
CA ALA D 194 -8.48 -39.14 -28.27
C ALA D 194 -7.64 -37.87 -28.24
N ALA D 195 -8.14 -36.80 -27.60
CA ALA D 195 -7.31 -35.61 -27.45
C ALA D 195 -6.10 -35.89 -26.57
N ALA D 196 -6.28 -36.70 -25.52
CA ALA D 196 -5.15 -37.01 -24.66
C ALA D 196 -4.15 -37.89 -25.40
N GLU D 197 -4.62 -38.78 -26.26
CA GLU D 197 -3.66 -39.60 -26.99
C GLU D 197 -2.89 -38.77 -28.01
N ARG D 198 -3.54 -37.80 -28.65
CA ARG D 198 -2.81 -36.93 -29.58
C ARG D 198 -1.74 -36.14 -28.84
N ARG D 199 -2.10 -35.55 -27.69
CA ARG D 199 -1.13 -34.76 -26.95
C ARG D 199 0.01 -35.62 -26.40
N ALA D 200 -0.29 -36.86 -26.01
CA ALA D 200 0.75 -37.74 -25.47
C ALA D 200 1.83 -38.02 -26.51
N GLN D 201 1.49 -37.96 -27.79
CA GLN D 201 2.50 -38.18 -28.82
C GLN D 201 3.57 -37.09 -28.80
N ASP D 202 3.19 -35.87 -28.38
CA ASP D 202 4.17 -34.78 -28.34
C ASP D 202 5.06 -34.82 -27.12
N THR D 203 4.70 -35.57 -26.06
CA THR D 203 5.40 -35.48 -24.80
C THR D 203 6.03 -36.78 -24.36
N GLY D 204 5.89 -37.85 -25.14
CA GLY D 204 6.33 -39.16 -24.69
C GLY D 204 5.49 -39.78 -23.61
N ALA D 205 4.29 -39.24 -23.35
CA ALA D 205 3.37 -39.81 -22.37
C ALA D 205 2.57 -40.95 -23.00
N SER D 206 1.57 -41.46 -22.27
CA SER D 206 0.70 -42.52 -22.78
C SER D 206 -0.61 -42.47 -22.02
N VAL D 207 -1.62 -43.13 -22.59
CA VAL D 207 -2.95 -43.26 -22.01
C VAL D 207 -3.28 -44.75 -21.92
N THR D 208 -3.70 -45.20 -20.74
CA THR D 208 -4.19 -46.56 -20.52
C THR D 208 -5.51 -46.48 -19.78
N VAL D 209 -6.51 -47.22 -20.25
CA VAL D 209 -7.79 -47.33 -19.56
C VAL D 209 -8.05 -48.80 -19.28
N THR D 210 -8.29 -49.15 -18.01
CA THR D 210 -8.41 -50.56 -17.63
C THR D 210 -9.50 -50.71 -16.57
N ALA D 211 -10.04 -51.93 -16.48
CA ALA D 211 -10.91 -52.32 -15.37
C ALA D 211 -10.15 -53.02 -14.26
N ASP D 212 -8.84 -53.16 -14.40
CA ASP D 212 -8.05 -53.99 -13.49
C ASP D 212 -7.31 -53.06 -12.52
N ALA D 213 -7.91 -52.83 -11.34
CA ALA D 213 -7.33 -51.86 -10.40
C ALA D 213 -5.95 -52.30 -9.93
N HIS D 214 -5.78 -53.58 -9.57
CA HIS D 214 -4.47 -54.07 -9.16
C HIS D 214 -3.40 -53.85 -10.23
N ALA D 215 -3.73 -54.14 -11.49
CA ALA D 215 -2.77 -53.90 -12.56
C ALA D 215 -2.40 -52.42 -12.63
N ALA D 216 -3.39 -51.54 -12.44
CA ALA D 216 -3.15 -50.12 -12.57
C ALA D 216 -2.27 -49.59 -11.46
N ALA D 217 -2.34 -50.20 -10.27
CA ALA D 217 -1.48 -49.75 -9.16
C ALA D 217 -0.02 -50.16 -9.37
N ALA D 218 0.24 -51.23 -10.12
CA ALA D 218 1.61 -51.70 -10.32
C ALA D 218 2.50 -50.65 -10.95
N GLY D 219 3.65 -50.39 -10.31
CA GLY D 219 4.60 -49.40 -10.79
C GLY D 219 4.17 -47.95 -10.70
N ALA D 220 3.04 -47.65 -10.06
CA ALA D 220 2.56 -46.27 -10.04
C ALA D 220 3.39 -45.43 -9.06
N ASP D 221 3.72 -44.22 -9.50
CA ASP D 221 4.29 -43.20 -8.62
C ASP D 221 3.22 -42.46 -7.84
N VAL D 222 2.02 -42.34 -8.43
CA VAL D 222 0.95 -41.50 -7.92
C VAL D 222 -0.36 -42.25 -8.10
N LEU D 223 -1.14 -42.36 -7.02
CA LEU D 223 -2.47 -42.93 -7.08
C LEU D 223 -3.44 -41.81 -6.74
N VAL D 224 -4.53 -41.72 -7.49
CA VAL D 224 -5.47 -40.62 -7.32
C VAL D 224 -6.87 -41.22 -7.28
N THR D 225 -7.76 -40.65 -6.47
CA THR D 225 -9.17 -40.98 -6.62
C THR D 225 -10.00 -39.74 -6.30
N ASP D 226 -11.32 -39.90 -6.35
CA ASP D 226 -12.25 -38.80 -6.21
C ASP D 226 -13.56 -39.42 -5.72
N THR D 227 -14.50 -38.59 -5.26
CA THR D 227 -15.78 -39.17 -4.84
C THR D 227 -16.50 -39.86 -5.99
N TRP D 228 -17.19 -40.94 -5.64
CA TRP D 228 -17.85 -41.79 -6.63
C TRP D 228 -19.12 -41.13 -7.19
N THR D 229 -19.84 -40.38 -6.37
CA THR D 229 -21.11 -39.80 -6.83
C THR D 229 -21.27 -38.39 -6.29
N ASP D 239 -25.75 -49.57 -3.82
CA ASP D 239 -26.58 -49.86 -4.98
C ASP D 239 -26.10 -49.02 -6.15
N ARG D 240 -26.40 -47.72 -6.09
CA ARG D 240 -25.93 -46.78 -7.11
C ARG D 240 -24.42 -46.78 -7.28
N VAL D 241 -23.69 -47.38 -6.35
CA VAL D 241 -22.24 -47.24 -6.32
C VAL D 241 -21.53 -48.58 -6.33
N LYS D 242 -22.27 -49.68 -6.42
CA LYS D 242 -21.72 -51.01 -6.68
C LYS D 242 -20.56 -51.01 -7.67
N PRO D 243 -20.62 -50.34 -8.83
CA PRO D 243 -19.51 -50.49 -9.80
C PRO D 243 -18.13 -50.10 -9.27
N PHE D 244 -18.05 -49.24 -8.24
CA PHE D 244 -16.78 -48.62 -7.89
C PHE D 244 -16.07 -49.22 -6.68
N ARG D 245 -16.76 -50.00 -5.82
CA ARG D 245 -16.09 -50.72 -4.72
C ARG D 245 -14.77 -51.41 -5.06
N PRO D 246 -14.63 -52.13 -6.18
CA PRO D 246 -13.33 -52.75 -6.49
C PRO D 246 -12.21 -51.73 -6.74
N PHE D 247 -12.52 -50.44 -6.86
CA PHE D 247 -11.53 -49.43 -7.18
C PHE D 247 -11.18 -48.57 -5.96
N GLN D 248 -11.59 -48.99 -4.79
CA GLN D 248 -11.28 -48.23 -3.56
C GLN D 248 -9.77 -48.10 -3.36
N LEU D 249 -9.32 -46.91 -3.03
CA LEU D 249 -7.91 -46.70 -2.66
C LEU D 249 -7.73 -47.10 -1.20
N ASN D 250 -7.33 -48.34 -0.99
CA ASN D 250 -7.11 -48.88 0.36
C ASN D 250 -5.64 -49.22 0.53
N SER D 251 -5.27 -49.67 1.73
CA SER D 251 -3.86 -49.94 1.96
C SER D 251 -3.35 -51.06 1.08
N ARG D 252 -4.19 -52.05 0.77
CA ARG D 252 -3.75 -53.15 -0.08
C ARG D 252 -3.41 -52.66 -1.49
N LEU D 253 -4.26 -51.82 -2.06
CA LEU D 253 -3.97 -51.24 -3.37
C LEU D 253 -2.71 -50.40 -3.35
N LEU D 254 -2.54 -49.59 -2.30
CA LEU D 254 -1.37 -48.71 -2.21
C LEU D 254 -0.07 -49.52 -2.13
N ALA D 255 -0.12 -50.68 -1.46
CA ALA D 255 1.06 -51.53 -1.30
C ALA D 255 1.53 -52.12 -2.61
N LEU D 256 0.65 -52.19 -3.60
CA LEU D 256 1.00 -52.72 -4.91
C LEU D 256 1.81 -51.71 -5.74
N ALA D 257 1.74 -50.43 -5.39
CA ALA D 257 2.37 -49.36 -6.15
C ALA D 257 3.84 -49.23 -5.75
N ASP D 258 4.52 -48.22 -6.29
CA ASP D 258 5.86 -47.89 -5.84
C ASP D 258 5.90 -47.76 -4.33
N SER D 259 6.99 -48.22 -3.72
CA SER D 259 7.10 -48.12 -2.26
C SER D 259 7.07 -46.67 -1.78
N ASP D 260 7.43 -45.72 -2.64
CA ASP D 260 7.42 -44.31 -2.29
C ASP D 260 6.31 -43.56 -3.03
N ALA D 261 5.27 -44.27 -3.46
CA ALA D 261 4.14 -43.66 -4.15
C ALA D 261 3.43 -42.66 -3.23
N ILE D 262 2.79 -41.67 -3.83
CA ILE D 262 1.99 -40.71 -3.07
C ILE D 262 0.55 -40.81 -3.54
N VAL D 263 -0.35 -40.27 -2.71
CA VAL D 263 -1.79 -40.37 -2.93
C VAL D 263 -2.40 -38.97 -2.99
N LEU D 264 -3.25 -38.74 -4.00
CA LEU D 264 -3.94 -37.47 -4.21
C LEU D 264 -5.45 -37.71 -4.18
N HIS D 265 -6.18 -36.67 -3.79
CA HIS D 265 -7.64 -36.73 -3.71
C HIS D 265 -8.12 -35.29 -3.61
N CYS D 266 -8.84 -34.82 -4.61
CA CYS D 266 -9.36 -33.47 -4.49
C CYS D 266 -10.51 -33.51 -3.48
N LEU D 267 -10.40 -32.71 -2.45
CA LEU D 267 -11.32 -32.84 -1.34
C LEU D 267 -12.71 -32.35 -1.76
N PRO D 268 -13.77 -32.76 -1.03
CA PRO D 268 -13.79 -33.57 0.18
C PRO D 268 -13.73 -35.06 -0.11
N ALA D 269 -13.21 -35.84 0.82
CA ALA D 269 -13.18 -37.29 0.72
C ALA D 269 -14.33 -37.88 1.54
N HIS D 270 -14.93 -38.95 1.03
CA HIS D 270 -15.88 -39.74 1.82
C HIS D 270 -15.09 -40.93 2.36
N ARG D 271 -14.57 -40.78 3.59
CA ARG D 271 -13.68 -41.80 4.14
C ARG D 271 -14.43 -43.10 4.30
N GLY D 272 -13.82 -44.20 3.86
CA GLY D 272 -14.45 -45.50 3.88
C GLY D 272 -15.11 -45.88 2.58
N ASP D 273 -15.38 -44.91 1.70
CA ASP D 273 -15.81 -45.23 0.35
C ASP D 273 -14.61 -45.30 -0.61
N GLU D 274 -14.36 -44.23 -1.37
CA GLU D 274 -13.32 -44.28 -2.38
C GLU D 274 -11.91 -44.38 -1.79
N ILE D 275 -11.73 -44.03 -0.53
CA ILE D 275 -10.41 -44.01 0.09
C ILE D 275 -10.60 -44.37 1.55
N THR D 276 -9.61 -45.01 2.15
CA THR D 276 -9.72 -45.41 3.55
C THR D 276 -8.98 -44.44 4.45
N ASP D 277 -9.35 -44.46 5.74
CA ASP D 277 -8.67 -43.64 6.74
C ASP D 277 -7.17 -43.90 6.73
N ALA D 278 -6.79 -45.17 6.69
CA ALA D 278 -5.37 -45.52 6.74
C ALA D 278 -4.59 -44.86 5.61
N VAL D 279 -5.16 -44.82 4.41
CA VAL D 279 -4.48 -44.17 3.29
C VAL D 279 -4.51 -42.66 3.43
N MET D 280 -5.69 -42.10 3.73
CA MET D 280 -5.85 -40.65 3.88
C MET D 280 -4.88 -40.07 4.88
N ASP D 281 -4.66 -40.77 5.99
CA ASP D 281 -3.89 -40.25 7.10
C ASP D 281 -2.49 -40.83 7.18
N GLY D 282 -2.14 -41.73 6.25
CA GLY D 282 -0.84 -42.35 6.26
C GLY D 282 0.23 -41.49 5.61
N PRO D 283 1.45 -42.01 5.62
CA PRO D 283 2.61 -41.22 5.14
C PRO D 283 2.66 -41.03 3.63
N ALA D 284 1.82 -41.71 2.85
CA ALA D 284 1.79 -41.50 1.40
C ALA D 284 0.84 -40.38 1.00
N SER D 285 -0.04 -39.96 1.90
CA SER D 285 -1.03 -38.94 1.58
C SER D 285 -0.36 -37.61 1.32
N ALA D 286 -0.65 -37.03 0.13
CA ALA D 286 -0.26 -35.66 -0.19
C ALA D 286 -1.48 -34.74 -0.27
N VAL D 287 -2.61 -35.14 0.33
CA VAL D 287 -3.88 -34.46 0.05
C VAL D 287 -3.92 -33.06 0.66
N TRP D 288 -3.21 -32.85 1.77
CA TRP D 288 -3.24 -31.54 2.41
C TRP D 288 -2.38 -30.54 1.65
N ASP D 289 -1.19 -30.97 1.21
CA ASP D 289 -0.38 -30.09 0.38
C ASP D 289 -1.08 -29.81 -0.94
N GLU D 290 -1.73 -30.83 -1.50
CA GLU D 290 -2.50 -30.69 -2.72
C GLU D 290 -3.59 -29.62 -2.55
N ALA D 291 -4.28 -29.66 -1.41
CA ALA D 291 -5.34 -28.68 -1.12
C ALA D 291 -4.77 -27.27 -1.10
N GLU D 292 -3.64 -27.08 -0.43
CA GLU D 292 -3.02 -25.78 -0.34
C GLU D 292 -2.54 -25.31 -1.71
N ASN D 293 -2.05 -26.24 -2.53
CA ASN D 293 -1.45 -25.85 -3.83
C ASN D 293 -2.47 -25.29 -4.82
N ARG D 294 -3.76 -25.51 -4.58
CA ARG D 294 -4.78 -24.87 -5.44
C ARG D 294 -4.58 -23.35 -5.41
N LEU D 295 -4.27 -22.82 -4.24
CA LEU D 295 -3.98 -21.37 -4.13
C LEU D 295 -2.83 -20.98 -5.04
N HIS D 296 -1.70 -21.67 -4.90
CA HIS D 296 -0.53 -21.21 -5.63
C HIS D 296 -0.65 -21.48 -7.13
N ALA D 297 -1.20 -22.64 -7.51
CA ALA D 297 -1.30 -22.98 -8.92
C ALA D 297 -2.24 -22.04 -9.65
N GLN D 298 -3.35 -21.68 -9.01
CA GLN D 298 -4.30 -20.77 -9.65
C GLN D 298 -3.75 -19.35 -9.74
N LYS D 299 -3.04 -18.88 -8.70
CA LYS D 299 -2.36 -17.59 -8.80
C LYS D 299 -1.38 -17.58 -9.96
N ALA D 300 -0.62 -18.67 -10.12
CA ALA D 300 0.35 -18.74 -11.20
C ALA D 300 -0.36 -18.70 -12.55
N LEU D 301 -1.45 -19.42 -12.68
CA LEU D 301 -2.22 -19.42 -13.95
C LEU D 301 -2.68 -17.99 -14.28
N LEU D 302 -3.19 -17.29 -13.29
CA LEU D 302 -3.71 -15.92 -13.54
C LEU D 302 -2.55 -15.04 -13.98
N VAL D 303 -1.45 -15.08 -13.24
CA VAL D 303 -0.29 -14.24 -13.58
C VAL D 303 0.13 -14.53 -15.04
N TRP D 304 0.19 -15.80 -15.39
CA TRP D 304 0.65 -16.20 -16.71
C TRP D 304 -0.31 -15.75 -17.81
N LEU D 305 -1.61 -15.98 -17.61
CA LEU D 305 -2.61 -15.55 -18.59
C LEU D 305 -2.64 -14.05 -18.73
N LEU D 306 -2.54 -13.34 -17.60
CA LEU D 306 -2.61 -11.89 -17.63
C LEU D 306 -1.47 -11.33 -18.47
N GLU D 307 -0.26 -11.84 -18.27
CA GLU D 307 0.87 -11.24 -18.96
C GLU D 307 0.91 -11.67 -20.43
N ARG D 308 0.29 -12.81 -20.77
CA ARG D 308 0.21 -13.24 -22.17
C ARG D 308 -0.93 -12.60 -22.92
N SER D 309 -1.86 -11.92 -22.25
CA SER D 309 -3.02 -11.34 -22.93
C SER D 309 -3.00 -9.81 -22.92
N VAL E 3 1.67 -22.62 21.64
CA VAL E 3 0.32 -23.11 21.93
C VAL E 3 -0.67 -22.16 21.25
N ILE E 4 -1.73 -22.74 20.69
CA ILE E 4 -2.64 -21.97 19.87
C ILE E 4 -3.80 -21.52 20.76
N ARG E 5 -3.99 -20.21 20.87
CA ARG E 5 -5.02 -19.69 21.78
C ARG E 5 -6.34 -19.60 21.04
N HIS E 6 -7.42 -19.86 21.76
CA HIS E 6 -8.77 -19.74 21.20
C HIS E 6 -9.60 -18.85 22.12
N PHE E 7 -10.72 -18.38 21.61
CA PHE E 7 -11.64 -17.55 22.39
C PHE E 7 -13.05 -18.02 22.09
N LEU E 8 -13.52 -19.03 22.83
CA LEU E 8 -14.86 -19.63 22.60
C LEU E 8 -15.83 -19.22 23.70
N ARG E 9 -15.28 -18.74 24.82
CA ARG E 9 -16.07 -18.32 25.99
C ARG E 9 -15.25 -17.24 26.69
N ASP E 10 -15.89 -16.37 27.45
CA ASP E 10 -15.24 -15.17 28.01
C ASP E 10 -14.06 -15.48 28.92
N ASP E 11 -14.17 -16.56 29.67
CA ASP E 11 -13.14 -16.94 30.65
C ASP E 11 -11.97 -17.64 29.97
N ASP E 12 -12.00 -17.74 28.65
CA ASP E 12 -10.82 -18.24 27.92
C ASP E 12 -9.67 -17.25 28.15
N LEU E 13 -10.00 -16.00 28.47
CA LEU E 13 -8.99 -15.02 28.85
C LEU E 13 -8.92 -14.97 30.37
N SER E 14 -7.70 -14.97 30.91
CA SER E 14 -7.50 -14.67 32.31
C SER E 14 -7.84 -13.20 32.55
N PRO E 15 -8.00 -12.78 33.81
CA PRO E 15 -8.22 -11.35 34.08
C PRO E 15 -7.13 -10.45 33.52
N ALA E 16 -5.86 -10.86 33.64
CA ALA E 16 -4.79 -10.03 33.09
C ALA E 16 -4.81 -10.01 31.57
N GLU E 17 -5.09 -11.16 30.94
CA GLU E 17 -5.19 -11.20 29.50
C GLU E 17 -6.36 -10.37 28.97
N GLN E 18 -7.51 -10.41 29.68
CA GLN E 18 -8.64 -9.60 29.26
C GLN E 18 -8.31 -8.12 29.30
N ALA E 19 -7.58 -7.68 30.33
CA ALA E 19 -7.18 -6.28 30.40
C ALA E 19 -6.29 -5.89 29.22
N GLU E 20 -5.43 -6.81 28.79
CA GLU E 20 -4.60 -6.54 27.61
C GLU E 20 -5.47 -6.34 26.37
N VAL E 21 -6.46 -7.21 26.17
CA VAL E 21 -7.33 -7.11 25.01
C VAL E 21 -8.11 -5.80 25.05
N LEU E 22 -8.60 -5.41 26.21
CA LEU E 22 -9.41 -4.18 26.33
C LEU E 22 -8.55 -2.93 26.09
N GLU E 23 -7.30 -2.97 26.52
CA GLU E 23 -6.38 -1.83 26.26
C GLU E 23 -6.13 -1.72 24.76
N LEU E 24 -5.87 -2.85 24.13
CA LEU E 24 -5.64 -2.89 22.67
C LEU E 24 -6.88 -2.31 21.97
N ALA E 25 -8.06 -2.63 22.47
CA ALA E 25 -9.31 -2.14 21.84
C ALA E 25 -9.34 -0.61 21.88
N ALA E 26 -8.94 -0.04 23.00
CA ALA E 26 -8.90 1.43 23.12
C ALA E 26 -7.86 2.01 22.14
N GLU E 27 -6.70 1.39 22.07
CA GLU E 27 -5.63 1.88 21.17
C GLU E 27 -6.10 1.78 19.71
N LEU E 28 -6.80 0.71 19.38
CA LEU E 28 -7.26 0.50 17.99
C LEU E 28 -8.40 1.47 17.67
N LYS E 29 -9.21 1.78 18.66
CA LYS E 29 -10.24 2.78 18.40
C LYS E 29 -9.61 4.13 18.07
N LYS E 30 -8.53 4.48 18.77
CA LYS E 30 -7.82 5.74 18.49
C LYS E 30 -7.12 5.69 17.14
N ASP E 31 -6.53 4.54 16.78
CA ASP E 31 -5.73 4.39 15.57
C ASP E 31 -6.11 3.10 14.86
N PRO E 32 -7.20 3.12 14.08
CA PRO E 32 -7.77 1.86 13.58
C PRO E 32 -6.98 1.16 12.48
N VAL E 33 -5.97 1.78 11.86
CA VAL E 33 -5.20 1.05 10.86
C VAL E 33 -3.71 0.95 11.24
N SER E 34 -3.40 1.13 12.52
CA SER E 34 -2.01 1.06 12.98
C SER E 34 -1.52 -0.37 13.23
N ARG E 35 -2.41 -1.37 13.24
CA ARG E 35 -2.03 -2.76 13.45
C ARG E 35 -2.36 -3.55 12.20
N ARG E 36 -1.35 -4.12 11.56
CA ARG E 36 -1.55 -4.83 10.30
C ARG E 36 -0.96 -6.23 10.39
N PRO E 37 -1.41 -7.04 11.36
CA PRO E 37 -0.87 -8.41 11.46
C PRO E 37 -1.28 -9.29 10.29
N LEU E 38 -2.29 -8.90 9.54
CA LEU E 38 -2.76 -9.68 8.41
C LEU E 38 -2.36 -9.10 7.06
N GLN E 39 -1.36 -8.25 7.05
CA GLN E 39 -0.86 -7.66 5.80
C GLN E 39 -0.49 -8.77 4.80
N GLY E 40 -0.81 -8.54 3.54
CA GLY E 40 -0.58 -9.57 2.50
C GLY E 40 -1.39 -9.31 1.24
N PRO E 41 -2.71 -9.52 1.23
CA PRO E 41 -3.41 -9.96 2.42
C PRO E 41 -3.42 -11.43 2.87
N ARG E 42 -3.43 -11.62 4.18
CA ARG E 42 -3.61 -12.97 4.71
C ARG E 42 -5.11 -13.15 4.98
N GLY E 43 -5.55 -14.40 5.00
CA GLY E 43 -6.98 -14.61 5.14
C GLY E 43 -7.49 -14.95 6.51
N VAL E 44 -8.75 -14.63 6.75
CA VAL E 44 -9.47 -15.06 7.95
C VAL E 44 -10.79 -15.63 7.48
N ALA E 45 -11.14 -16.83 7.91
CA ALA E 45 -12.44 -17.36 7.58
C ALA E 45 -13.49 -16.82 8.55
N VAL E 46 -14.64 -16.45 8.02
CA VAL E 46 -15.79 -16.00 8.81
C VAL E 46 -17.00 -16.83 8.38
N ILE E 47 -17.39 -17.78 9.22
CA ILE E 47 -18.29 -18.86 8.84
C ILE E 47 -19.57 -18.73 9.66
N PHE E 48 -20.72 -18.78 8.98
CA PHE E 48 -22.03 -18.62 9.59
C PHE E 48 -22.87 -19.88 9.40
N ASP E 49 -23.10 -20.62 10.48
CA ASP E 49 -24.10 -21.68 10.44
C ASP E 49 -25.51 -21.11 10.36
N LYS E 50 -25.68 -19.87 10.82
CA LYS E 50 -26.91 -19.09 10.69
C LYS E 50 -26.45 -17.67 10.44
N ASN E 51 -27.04 -17.00 9.46
CA ASN E 51 -26.51 -15.72 9.04
C ASN E 51 -26.71 -14.65 10.11
N SER E 52 -25.79 -13.67 10.12
CA SER E 52 -25.93 -12.50 11.01
C SER E 52 -25.28 -11.32 10.29
N THR E 53 -26.12 -10.41 9.77
CA THR E 53 -25.61 -9.26 9.04
C THR E 53 -24.69 -8.40 9.91
N ARG E 54 -25.08 -8.13 11.16
CA ARG E 54 -24.26 -7.27 12.02
C ARG E 54 -22.91 -7.91 12.36
N THR E 55 -22.91 -9.22 12.62
CA THR E 55 -21.65 -9.90 12.89
C THR E 55 -20.75 -9.86 11.67
N ARG E 56 -21.30 -10.11 10.49
CA ARG E 56 -20.47 -10.15 9.26
C ARG E 56 -19.89 -8.77 9.00
N PHE E 57 -20.71 -7.75 9.08
CA PHE E 57 -20.27 -6.36 8.86
C PHE E 57 -19.07 -6.01 9.74
N SER E 58 -19.21 -6.23 11.05
CA SER E 58 -18.14 -5.87 12.02
C SER E 58 -16.85 -6.63 11.71
N PHE E 59 -16.98 -7.94 11.46
CA PHE E 59 -15.76 -8.71 11.25
C PHE E 59 -15.15 -8.43 9.89
N GLU E 60 -15.98 -8.28 8.85
CA GLU E 60 -15.45 -8.04 7.50
C GLU E 60 -14.62 -6.76 7.47
N LEU E 61 -15.16 -5.68 8.01
CA LEU E 61 -14.45 -4.41 8.02
C LEU E 61 -13.26 -4.46 8.94
N GLY E 62 -13.43 -5.09 10.11
CA GLY E 62 -12.34 -5.16 11.07
C GLY E 62 -11.13 -5.92 10.53
N ILE E 63 -11.37 -7.06 9.90
CA ILE E 63 -10.28 -7.84 9.31
C ILE E 63 -9.58 -7.05 8.20
N ALA E 64 -10.37 -6.39 7.35
CA ALA E 64 -9.76 -5.57 6.31
C ALA E 64 -8.89 -4.48 6.91
N GLN E 65 -9.31 -3.87 8.02
CA GLN E 65 -8.51 -2.83 8.65
C GLN E 65 -7.25 -3.36 9.33
N LEU E 66 -7.17 -4.67 9.56
CA LEU E 66 -5.93 -5.29 10.01
C LEU E 66 -5.06 -5.72 8.84
N GLY E 67 -5.46 -5.38 7.61
CA GLY E 67 -4.70 -5.72 6.42
C GLY E 67 -5.15 -7.00 5.75
N GLY E 68 -6.06 -7.76 6.36
CA GLY E 68 -6.42 -9.07 5.87
C GLY E 68 -7.59 -9.04 4.91
N HIS E 69 -8.01 -10.25 4.52
CA HIS E 69 -9.16 -10.43 3.66
C HIS E 69 -10.08 -11.47 4.29
N ALA E 70 -11.29 -11.07 4.63
CA ALA E 70 -12.25 -11.98 5.24
C ALA E 70 -12.89 -12.82 4.15
N VAL E 71 -12.81 -14.14 4.29
CA VAL E 71 -13.55 -15.05 3.41
C VAL E 71 -14.82 -15.44 4.15
N VAL E 72 -15.93 -14.88 3.72
CA VAL E 72 -17.21 -15.05 4.39
C VAL E 72 -17.94 -16.26 3.80
N VAL E 73 -18.45 -17.13 4.66
CA VAL E 73 -19.17 -18.32 4.25
C VAL E 73 -20.53 -18.30 4.95
N ASP E 74 -21.59 -18.08 4.18
CA ASP E 74 -22.93 -17.97 4.72
C ASP E 74 -23.56 -19.35 4.90
N SER E 75 -24.74 -19.36 5.53
CA SER E 75 -25.48 -20.61 5.67
C SER E 75 -25.95 -21.16 4.32
N GLY E 76 -25.83 -20.38 3.25
CA GLY E 76 -26.17 -20.89 1.93
C GLY E 76 -25.32 -22.09 1.53
N SER E 77 -24.02 -22.00 1.75
CA SER E 77 -23.07 -23.08 1.40
C SER E 77 -23.51 -24.45 1.90
N GLN E 79 -23.54 -26.76 5.18
CA GLN E 79 -23.11 -26.71 6.57
C GLN E 79 -21.96 -27.67 6.92
N LEU E 80 -21.04 -27.15 7.73
CA LEU E 80 -19.86 -27.87 8.19
C LEU E 80 -20.21 -29.22 8.81
N GLY E 81 -19.44 -30.24 8.43
CA GLY E 81 -19.66 -31.58 8.91
C GLY E 81 -20.59 -32.41 8.05
N ARG E 82 -21.19 -31.81 7.02
CA ARG E 82 -22.09 -32.55 6.13
C ARG E 82 -21.30 -33.44 5.17
N ASP E 83 -20.52 -32.84 4.26
CA ASP E 83 -19.85 -33.62 3.22
C ASP E 83 -18.41 -33.97 3.57
N GLU E 84 -17.95 -33.60 4.76
CA GLU E 84 -16.56 -33.77 5.16
C GLU E 84 -16.51 -33.81 6.67
N THR E 85 -15.58 -34.58 7.23
CA THR E 85 -15.40 -34.49 8.68
C THR E 85 -14.94 -33.09 9.06
N LEU E 86 -15.45 -32.63 10.21
CA LEU E 86 -14.98 -31.37 10.78
C LEU E 86 -13.47 -31.29 10.82
N GLN E 87 -12.81 -32.39 11.17
CA GLN E 87 -11.36 -32.40 11.28
C GLN E 87 -10.69 -32.18 9.92
N ASP E 88 -11.24 -32.76 8.86
CA ASP E 88 -10.67 -32.52 7.54
C ASP E 88 -10.81 -31.05 7.16
N THR E 89 -11.95 -30.45 7.50
CA THR E 89 -12.17 -29.04 7.19
C THR E 89 -11.21 -28.14 7.95
N ALA E 90 -11.00 -28.43 9.24
CA ALA E 90 -10.08 -27.62 10.03
C ALA E 90 -8.67 -27.69 9.49
N LYS E 91 -8.28 -28.83 8.93
CA LYS E 91 -6.91 -28.99 8.51
C LYS E 91 -6.67 -28.25 7.19
N VAL E 92 -7.65 -28.20 6.31
CA VAL E 92 -7.51 -27.39 5.10
C VAL E 92 -7.63 -25.89 5.44
N LEU E 93 -8.60 -25.53 6.28
CA LEU E 93 -8.73 -24.13 6.69
C LEU E 93 -7.41 -23.61 7.24
N SER E 94 -6.71 -24.43 8.02
CA SER E 94 -5.44 -24.00 8.63
C SER E 94 -4.36 -23.77 7.59
N ARG E 95 -4.52 -24.32 6.37
CA ARG E 95 -3.57 -24.02 5.30
C ARG E 95 -3.89 -22.71 4.60
N TYR E 96 -5.10 -22.19 4.75
CA TYR E 96 -5.54 -21.04 3.98
C TYR E 96 -5.66 -19.76 4.79
N VAL E 97 -5.98 -19.84 6.08
CA VAL E 97 -6.31 -18.63 6.81
C VAL E 97 -5.50 -18.62 8.10
N ASP E 98 -5.37 -17.43 8.70
CA ASP E 98 -4.65 -17.28 9.95
C ASP E 98 -5.56 -17.33 11.17
N ALA E 99 -6.87 -17.35 10.99
CA ALA E 99 -7.80 -17.47 12.10
C ALA E 99 -9.14 -17.90 11.53
N ILE E 100 -9.96 -18.50 12.38
CA ILE E 100 -11.28 -18.99 12.02
C ILE E 100 -12.29 -18.34 12.94
N VAL E 101 -13.19 -17.55 12.38
CA VAL E 101 -14.28 -16.90 13.11
C VAL E 101 -15.56 -17.65 12.75
N TRP E 102 -16.27 -18.17 13.75
CA TRP E 102 -17.37 -19.09 13.48
C TRP E 102 -18.59 -18.74 14.33
N ARG E 103 -19.74 -18.60 13.67
CA ARG E 103 -21.04 -18.46 14.37
C ARG E 103 -21.68 -19.83 14.24
N THR E 104 -21.91 -20.50 15.36
CA THR E 104 -22.53 -21.81 15.31
C THR E 104 -23.47 -21.94 16.51
N PHE E 105 -23.96 -23.16 16.73
CA PHE E 105 -25.01 -23.40 17.71
C PHE E 105 -24.44 -23.96 19.00
N GLY E 106 -24.22 -25.27 19.05
CA GLY E 106 -23.71 -25.88 20.27
C GLY E 106 -22.23 -25.64 20.47
N GLN E 107 -21.81 -25.52 21.73
CA GLN E 107 -20.39 -25.24 22.07
C GLN E 107 -19.47 -26.40 21.70
N GLU E 108 -20.01 -27.61 21.67
CA GLU E 108 -19.21 -28.81 21.35
C GLU E 108 -18.59 -28.67 19.97
N ARG E 109 -19.33 -28.10 19.03
CA ARG E 109 -18.77 -27.87 17.67
C ARG E 109 -17.57 -26.93 17.78
N LEU E 110 -17.72 -25.84 18.54
CA LEU E 110 -16.57 -24.93 18.66
C LEU E 110 -15.39 -25.61 19.34
N ASP E 111 -15.66 -26.37 20.41
CA ASP E 111 -14.60 -27.14 21.06
C ASP E 111 -13.93 -28.09 20.07
N ALA E 112 -14.74 -28.80 19.26
CA ALA E 112 -14.20 -29.73 18.26
C ALA E 112 -13.26 -29.02 17.30
N MET E 113 -13.74 -27.91 16.73
CA MET E 113 -12.90 -27.15 15.82
C MET E 113 -11.65 -26.63 16.50
N ALA E 114 -11.77 -26.16 17.74
CA ALA E 114 -10.61 -25.59 18.41
C ALA E 114 -9.56 -26.65 18.74
N SER E 115 -9.97 -27.91 18.90
CA SER E 115 -8.99 -28.91 19.31
C SER E 115 -8.11 -29.38 18.15
N VAL E 116 -8.59 -29.27 16.91
CA VAL E 116 -7.83 -29.75 15.77
C VAL E 116 -7.25 -28.63 14.90
N ALA E 117 -7.83 -27.43 14.92
CA ALA E 117 -7.28 -26.35 14.12
C ALA E 117 -5.95 -25.88 14.69
N THR E 118 -5.01 -25.53 13.82
CA THR E 118 -3.71 -25.01 14.23
C THR E 118 -3.62 -23.51 14.04
N VAL E 119 -4.77 -22.83 13.92
CA VAL E 119 -4.90 -21.37 13.98
C VAL E 119 -5.97 -21.05 15.02
N PRO E 120 -5.98 -19.82 15.54
CA PRO E 120 -7.00 -19.48 16.56
C PRO E 120 -8.42 -19.55 16.02
N VAL E 121 -9.32 -19.99 16.90
CA VAL E 121 -10.74 -20.10 16.62
C VAL E 121 -11.47 -19.10 17.54
N ILE E 122 -12.35 -18.30 16.96
CA ILE E 122 -13.13 -17.31 17.69
C ILE E 122 -14.60 -17.67 17.58
N ASN E 123 -15.28 -17.71 18.71
CA ASN E 123 -16.73 -17.84 18.77
C ASN E 123 -17.35 -16.49 18.43
N ALA E 124 -17.86 -16.34 17.20
CA ALA E 124 -18.51 -15.09 16.83
C ALA E 124 -19.80 -14.86 17.62
N LEU E 125 -20.47 -15.94 18.02
CA LEU E 125 -21.81 -15.94 18.60
C LEU E 125 -22.25 -17.39 18.63
N SER E 126 -22.70 -17.92 19.78
CA SER E 126 -23.19 -19.28 19.85
C SER E 126 -24.44 -19.31 20.73
N ASP E 127 -25.04 -20.50 20.83
CA ASP E 127 -26.19 -20.68 21.71
C ASP E 127 -25.84 -20.29 23.16
N GLU E 128 -24.64 -20.66 23.61
CA GLU E 128 -24.34 -20.54 25.02
C GLU E 128 -23.61 -19.25 25.38
N PHE E 129 -22.80 -18.72 24.48
CA PHE E 129 -21.99 -17.53 24.80
C PHE E 129 -21.94 -16.52 23.64
N HIS E 130 -21.72 -15.26 23.98
CA HIS E 130 -21.52 -14.18 22.97
C HIS E 130 -20.35 -13.36 23.50
N PRO E 131 -19.15 -13.94 23.57
CA PRO E 131 -18.03 -13.26 24.21
C PRO E 131 -17.48 -12.00 23.56
N CYS E 132 -17.62 -11.91 22.24
CA CYS E 132 -17.14 -10.72 21.51
C CYS E 132 -18.01 -9.51 21.88
N GLN E 133 -19.32 -9.72 21.95
CA GLN E 133 -20.18 -8.61 22.34
C GLN E 133 -19.86 -8.12 23.74
N VAL E 134 -19.52 -9.03 24.66
CA VAL E 134 -19.24 -8.59 26.03
C VAL E 134 -17.90 -7.85 26.09
N LEU E 135 -16.94 -8.24 25.26
CA LEU E 135 -15.75 -7.41 25.15
C LEU E 135 -16.11 -5.99 24.72
N ALA E 136 -17.01 -5.86 23.72
CA ALA E 136 -17.43 -4.53 23.30
C ALA E 136 -18.17 -3.81 24.43
N ASP E 137 -18.96 -4.56 25.21
CA ASP E 137 -19.62 -3.96 26.37
C ASP E 137 -18.61 -3.45 27.40
N LEU E 138 -17.61 -4.28 27.72
CA LEU E 138 -16.60 -3.87 28.70
C LEU E 138 -15.82 -2.65 28.23
N GLN E 139 -15.47 -2.61 26.94
CA GLN E 139 -14.81 -1.42 26.39
C GLN E 139 -15.69 -0.18 26.54
N THR E 140 -16.99 -0.32 26.28
CA THR E 140 -17.92 0.81 26.40
C THR E 140 -18.05 1.26 27.85
N ILE E 141 -18.13 0.32 28.80
CA ILE E 141 -18.22 0.72 30.22
C ILE E 141 -16.97 1.45 30.65
N ALA E 142 -15.80 0.94 30.25
CA ALA E 142 -14.55 1.60 30.62
C ALA E 142 -14.50 3.01 30.08
N GLU E 143 -15.02 3.21 28.85
CA GLU E 143 -15.07 4.53 28.24
C GLU E 143 -15.93 5.50 29.05
N ARG E 144 -17.09 5.04 29.51
CA ARG E 144 -18.03 5.94 30.16
C ARG E 144 -17.73 6.10 31.65
N LYS E 145 -16.94 5.18 32.25
CA LYS E 145 -16.78 5.16 33.70
C LYS E 145 -15.39 4.87 34.24
N GLY E 146 -14.41 4.55 33.41
CA GLY E 146 -13.07 4.31 33.91
C GLY E 146 -12.92 2.91 34.43
N ALA E 147 -12.40 2.77 35.65
CA ALA E 147 -12.04 1.47 36.18
C ALA E 147 -13.24 0.55 36.22
N LEU E 148 -13.03 -0.71 35.81
CA LEU E 148 -14.12 -1.68 35.80
C LEU E 148 -14.30 -2.32 37.17
N ARG E 149 -13.21 -2.51 37.91
CA ARG E 149 -13.27 -3.36 39.09
C ARG E 149 -14.14 -2.68 40.14
N GLY E 150 -15.06 -3.45 40.71
CA GLY E 150 -15.98 -2.92 41.69
C GLY E 150 -17.27 -2.33 41.14
N LEU E 151 -17.40 -2.15 39.83
CA LEU E 151 -18.67 -1.71 39.29
C LEU E 151 -19.75 -2.78 39.54
N ARG E 152 -21.01 -2.33 39.54
CA ARG E 152 -22.17 -3.22 39.70
C ARG E 152 -22.95 -3.25 38.40
N LEU E 153 -23.04 -4.43 37.77
CA LEU E 153 -23.75 -4.58 36.51
C LEU E 153 -24.92 -5.52 36.72
N SER E 154 -26.09 -5.13 36.25
CA SER E 154 -27.26 -6.01 36.24
C SER E 154 -27.78 -6.22 34.83
N TYR E 155 -28.10 -7.48 34.54
CA TYR E 155 -28.70 -7.87 33.25
C TYR E 155 -30.14 -8.28 33.52
N PHE E 156 -31.03 -7.89 32.63
CA PHE E 156 -32.47 -8.17 32.82
C PHE E 156 -33.08 -8.92 31.65
N GLY E 157 -33.97 -9.86 31.96
CA GLY E 157 -34.74 -10.53 30.89
C GLY E 157 -34.54 -12.02 30.84
N ASP E 158 -34.03 -12.50 29.72
CA ASP E 158 -33.75 -13.94 29.54
C ASP E 158 -32.39 -14.25 30.12
N GLY E 159 -32.36 -14.76 31.35
CA GLY E 159 -31.10 -15.04 32.04
C GLY E 159 -30.48 -16.35 31.61
N ALA E 160 -31.13 -17.06 30.71
CA ALA E 160 -30.57 -18.31 30.22
C ALA E 160 -29.91 -18.18 28.86
N ASN E 161 -29.82 -16.97 28.29
CA ASN E 161 -29.29 -16.81 26.95
C ASN E 161 -27.78 -16.56 26.94
N ASN E 162 -27.23 -16.41 25.72
CA ASN E 162 -25.80 -16.27 25.57
C ASN E 162 -25.28 -14.98 26.17
N MET E 163 -26.05 -13.90 26.09
CA MET E 163 -25.61 -12.64 26.68
C MET E 163 -25.55 -12.76 28.21
N ALA E 164 -26.53 -13.44 28.82
CA ALA E 164 -26.48 -13.54 30.28
C ALA E 164 -25.25 -14.33 30.72
N HIS E 165 -24.96 -15.42 30.03
CA HIS E 165 -23.80 -16.24 30.40
C HIS E 165 -22.50 -15.47 30.23
N SER E 166 -22.39 -14.71 29.13
CA SER E 166 -21.13 -14.03 28.83
C SER E 166 -20.95 -12.81 29.74
N LEU E 167 -22.04 -12.11 30.06
CA LEU E 167 -21.92 -11.03 31.03
C LEU E 167 -21.48 -11.56 32.40
N LEU E 168 -21.96 -12.75 32.80
CA LEU E 168 -21.47 -13.35 34.04
C LEU E 168 -19.97 -13.64 33.96
N LEU E 169 -19.53 -14.34 32.93
CA LEU E 169 -18.14 -14.77 32.86
C LEU E 169 -17.21 -13.60 32.57
N GLY E 170 -17.52 -12.80 31.54
CA GLY E 170 -16.66 -11.68 31.19
C GLY E 170 -16.70 -10.59 32.25
N GLY E 171 -17.88 -10.38 32.84
CA GLY E 171 -18.01 -9.35 33.86
C GLY E 171 -17.17 -9.65 35.09
N VAL E 172 -17.25 -10.87 35.61
CA VAL E 172 -16.47 -11.18 36.82
C VAL E 172 -14.98 -11.23 36.49
N THR E 173 -14.62 -11.63 35.28
CA THR E 173 -13.22 -11.57 34.86
C THR E 173 -12.68 -10.16 34.95
N ALA E 174 -13.53 -9.16 34.72
CA ALA E 174 -13.15 -7.75 34.84
C ALA E 174 -13.31 -7.20 36.26
N GLY E 175 -13.72 -8.02 37.23
CA GLY E 175 -13.89 -7.53 38.58
C GLY E 175 -15.21 -6.85 38.83
N ILE E 176 -16.20 -7.07 37.96
CA ILE E 176 -17.51 -6.43 38.06
C ILE E 176 -18.45 -7.37 38.82
N HIS E 177 -19.20 -6.82 39.77
CA HIS E 177 -20.25 -7.56 40.47
C HIS E 177 -21.44 -7.67 39.53
N VAL E 178 -21.76 -8.88 39.12
CA VAL E 178 -22.78 -9.12 38.11
C VAL E 178 -24.02 -9.69 38.77
N THR E 179 -25.17 -9.10 38.46
CA THR E 179 -26.47 -9.64 38.81
C THR E 179 -27.24 -9.97 37.54
N VAL E 180 -27.90 -11.12 37.53
CA VAL E 180 -28.83 -11.51 36.48
C VAL E 180 -30.23 -11.55 37.10
N ALA E 181 -31.16 -10.76 36.54
CA ALA E 181 -32.55 -10.73 36.96
C ALA E 181 -33.42 -11.33 35.87
N ALA E 182 -34.08 -12.44 36.19
CA ALA E 182 -34.82 -13.18 35.19
C ALA E 182 -35.90 -14.00 35.89
N PRO E 183 -36.97 -14.38 35.19
CA PRO E 183 -37.96 -15.28 35.79
C PRO E 183 -37.36 -16.67 35.96
N GLU E 184 -37.93 -17.43 36.89
CA GLU E 184 -37.40 -18.77 37.10
C GLU E 184 -37.66 -19.59 35.84
N GLY E 185 -36.83 -20.57 35.59
CA GLY E 185 -37.00 -21.23 34.30
C GLY E 185 -36.34 -20.53 33.13
N PHE E 186 -35.83 -19.31 33.30
CA PHE E 186 -34.95 -18.64 32.34
C PHE E 186 -33.75 -18.07 33.07
N LEU E 187 -33.12 -18.91 33.89
CA LEU E 187 -32.02 -18.56 34.76
C LEU E 187 -30.72 -19.03 34.14
N PRO E 188 -29.58 -18.49 34.56
CA PRO E 188 -28.30 -18.97 34.04
C PRO E 188 -28.08 -20.46 34.30
N ASP E 189 -27.54 -21.13 33.29
CA ASP E 189 -27.01 -22.47 33.46
C ASP E 189 -26.18 -22.56 34.73
N PRO E 190 -26.48 -23.51 35.62
CA PRO E 190 -25.72 -23.62 36.87
C PRO E 190 -24.25 -23.88 36.67
N SER E 191 -23.91 -24.62 35.62
CA SER E 191 -22.51 -24.86 35.31
C SER E 191 -21.80 -23.56 34.97
N VAL E 192 -22.46 -22.69 34.19
CA VAL E 192 -21.87 -21.39 33.88
C VAL E 192 -21.81 -20.53 35.13
N ARG E 193 -22.89 -20.55 35.93
CA ARG E 193 -22.89 -19.75 37.15
C ARG E 193 -21.76 -20.15 38.07
N ALA E 194 -21.51 -21.45 38.21
CA ALA E 194 -20.43 -21.93 39.08
C ALA E 194 -19.07 -21.49 38.56
N ALA E 195 -18.88 -21.54 37.25
CA ALA E 195 -17.61 -21.08 36.67
C ALA E 195 -17.41 -19.59 36.91
N ALA E 196 -18.48 -18.78 36.78
CA ALA E 196 -18.36 -17.35 37.10
C ALA E 196 -18.06 -17.15 38.57
N GLU E 197 -18.69 -17.95 39.45
CA GLU E 197 -18.44 -17.79 40.88
C GLU E 197 -16.99 -18.11 41.21
N ARG E 198 -16.43 -19.17 40.62
CA ARG E 198 -15.02 -19.46 40.78
C ARG E 198 -14.15 -18.30 40.30
N ARG E 199 -14.33 -17.90 39.04
CA ARG E 199 -13.51 -16.81 38.49
C ARG E 199 -13.60 -15.57 39.37
N ALA E 200 -14.81 -15.27 39.89
CA ALA E 200 -15.00 -14.11 40.74
C ALA E 200 -14.18 -14.17 42.03
N GLN E 201 -13.82 -15.36 42.49
CA GLN E 201 -13.01 -15.45 43.69
C GLN E 201 -11.64 -14.83 43.48
N ASP E 202 -11.12 -14.91 42.25
CA ASP E 202 -9.81 -14.36 41.91
C ASP E 202 -9.82 -12.86 41.70
N THR E 203 -10.97 -12.25 41.40
CA THR E 203 -11.02 -10.84 41.01
C THR E 203 -11.72 -9.96 42.02
N GLY E 204 -12.24 -10.54 43.10
CA GLY E 204 -13.03 -9.77 44.05
C GLY E 204 -14.43 -9.44 43.59
N ALA E 205 -14.90 -10.05 42.50
CA ALA E 205 -16.23 -9.80 41.97
C ALA E 205 -17.25 -10.68 42.72
N SER E 206 -18.47 -10.75 42.19
CA SER E 206 -19.51 -11.58 42.79
C SER E 206 -20.55 -11.90 41.72
N VAL E 207 -21.36 -12.91 42.03
CA VAL E 207 -22.44 -13.35 41.15
C VAL E 207 -23.73 -13.40 41.98
N THR E 208 -24.78 -12.75 41.48
CA THR E 208 -26.11 -12.79 42.07
C THR E 208 -27.16 -13.14 41.02
N VAL E 209 -28.06 -14.07 41.33
CA VAL E 209 -29.19 -14.37 40.44
C VAL E 209 -30.47 -14.08 41.22
N THR E 210 -31.37 -13.31 40.62
CA THR E 210 -32.59 -12.94 41.31
C THR E 210 -33.75 -12.94 40.33
N ALA E 211 -34.96 -13.01 40.87
CA ALA E 211 -36.17 -12.82 40.07
C ALA E 211 -36.86 -11.50 40.39
N ASP E 212 -36.18 -10.59 41.10
CA ASP E 212 -36.70 -9.31 41.58
C ASP E 212 -35.99 -8.19 40.81
N ALA E 213 -36.68 -7.62 39.80
CA ALA E 213 -36.05 -6.64 38.93
C ALA E 213 -35.70 -5.36 39.67
N HIS E 214 -36.57 -4.91 40.58
CA HIS E 214 -36.25 -3.72 41.38
C HIS E 214 -35.00 -3.92 42.21
N ALA E 215 -34.88 -5.09 42.86
CA ALA E 215 -33.71 -5.33 43.71
C ALA E 215 -32.43 -5.42 42.89
N ALA E 216 -32.51 -5.98 41.68
CA ALA E 216 -31.33 -6.03 40.81
C ALA E 216 -30.93 -4.65 40.33
N ALA E 217 -31.91 -3.77 40.07
CA ALA E 217 -31.58 -2.44 39.59
C ALA E 217 -30.96 -1.57 40.67
N ALA E 218 -31.25 -1.89 41.95
CA ALA E 218 -30.90 -1.04 43.10
C ALA E 218 -29.42 -0.70 43.13
N GLY E 219 -29.09 0.56 42.88
CA GLY E 219 -27.71 0.98 42.96
C GLY E 219 -26.82 0.49 41.83
N ALA E 220 -27.36 -0.10 40.77
CA ALA E 220 -26.50 -0.60 39.71
C ALA E 220 -25.79 0.54 38.98
N ASP E 221 -24.57 0.26 38.50
CA ASP E 221 -23.82 1.18 37.65
C ASP E 221 -24.07 0.96 36.16
N VAL E 222 -24.44 -0.26 35.77
CA VAL E 222 -24.69 -0.61 34.38
C VAL E 222 -25.93 -1.48 34.35
N LEU E 223 -26.89 -1.14 33.48
CA LEU E 223 -28.09 -1.96 33.27
C LEU E 223 -28.04 -2.46 31.83
N VAL E 224 -28.27 -3.76 31.64
CA VAL E 224 -28.15 -4.37 30.32
C VAL E 224 -29.40 -5.21 30.07
N THR E 225 -29.85 -5.23 28.82
CA THR E 225 -30.86 -6.19 28.43
C THR E 225 -30.62 -6.58 26.97
N ASP E 226 -31.52 -7.40 26.47
CA ASP E 226 -31.35 -8.02 25.16
C ASP E 226 -32.74 -8.41 24.71
N THR E 227 -32.94 -8.61 23.40
CA THR E 227 -34.25 -9.10 22.99
C THR E 227 -34.55 -10.42 23.71
N TRP E 228 -35.84 -10.66 23.91
CA TRP E 228 -36.25 -11.74 24.81
C TRP E 228 -36.24 -13.10 24.13
N THR E 229 -36.58 -13.13 22.85
CA THR E 229 -36.46 -14.35 22.05
C THR E 229 -35.63 -14.07 20.80
N GLY E 237 -51.12 -13.51 18.98
CA GLY E 237 -51.49 -14.82 19.50
C GLY E 237 -51.09 -14.99 20.96
N LEU E 238 -50.46 -16.12 21.27
CA LEU E 238 -49.98 -16.38 22.62
C LEU E 238 -48.78 -15.48 22.94
N ASP E 239 -48.90 -14.69 24.01
CA ASP E 239 -47.80 -13.85 24.46
C ASP E 239 -46.74 -14.74 25.12
N ARG E 240 -45.86 -15.32 24.29
CA ARG E 240 -44.81 -16.19 24.79
C ARG E 240 -43.74 -15.45 25.58
N VAL E 241 -43.59 -14.14 25.36
CA VAL E 241 -42.57 -13.39 26.10
C VAL E 241 -43.13 -12.75 27.36
N LYS E 242 -44.38 -13.04 27.71
CA LYS E 242 -44.99 -12.52 28.93
C LYS E 242 -44.14 -12.73 30.20
N PRO E 243 -43.42 -13.85 30.41
CA PRO E 243 -42.60 -13.96 31.63
C PRO E 243 -41.57 -12.86 31.77
N PHE E 244 -41.09 -12.29 30.66
CA PHE E 244 -40.03 -11.29 30.72
C PHE E 244 -40.54 -9.86 30.89
N ARG E 245 -41.81 -9.60 30.58
CA ARG E 245 -42.28 -8.22 30.57
C ARG E 245 -42.07 -7.48 31.89
N PRO E 246 -42.20 -8.09 33.08
CA PRO E 246 -41.86 -7.36 34.32
C PRO E 246 -40.39 -6.98 34.42
N PHE E 247 -39.52 -7.53 33.56
CA PHE E 247 -38.10 -7.23 33.59
C PHE E 247 -37.72 -6.17 32.57
N GLN E 248 -38.71 -5.49 31.98
CA GLN E 248 -38.46 -4.46 31.00
C GLN E 248 -37.55 -3.39 31.57
N LEU E 249 -36.57 -2.98 30.78
CA LEU E 249 -35.66 -1.93 31.21
C LEU E 249 -36.35 -0.62 30.81
N ASN E 250 -37.08 -0.02 31.75
CA ASN E 250 -37.84 1.23 31.54
C ASN E 250 -37.34 2.30 32.50
N SER E 251 -37.94 3.48 32.44
CA SER E 251 -37.46 4.64 33.24
C SER E 251 -37.50 4.40 34.76
N ARG E 252 -38.52 3.68 35.24
CA ARG E 252 -38.65 3.43 36.69
C ARG E 252 -37.48 2.58 37.13
N LEU E 253 -37.17 1.57 36.31
CA LEU E 253 -36.06 0.67 36.68
C LEU E 253 -34.77 1.48 36.67
N LEU E 254 -34.58 2.30 35.64
CA LEU E 254 -33.34 3.07 35.58
C LEU E 254 -33.20 4.01 36.78
N ALA E 255 -34.31 4.57 37.24
CA ALA E 255 -34.32 5.47 38.39
C ALA E 255 -33.92 4.80 39.71
N LEU E 256 -33.96 3.47 39.82
CA LEU E 256 -33.52 2.75 41.01
C LEU E 256 -32.02 2.44 41.05
N ALA E 257 -31.27 2.73 39.98
CA ALA E 257 -29.84 2.44 39.91
C ALA E 257 -29.04 3.67 40.35
N ASP E 258 -27.71 3.56 40.37
CA ASP E 258 -26.90 4.73 40.69
C ASP E 258 -27.17 5.87 39.71
N SER E 259 -26.88 7.10 40.17
CA SER E 259 -27.30 8.32 39.47
C SER E 259 -26.66 8.47 38.10
N ASP E 260 -25.45 7.95 37.90
CA ASP E 260 -24.78 8.06 36.61
C ASP E 260 -24.71 6.71 35.90
N ALA E 261 -25.64 5.82 36.22
CA ALA E 261 -25.71 4.51 35.58
C ALA E 261 -25.85 4.66 34.06
N ILE E 262 -25.35 3.65 33.34
CA ILE E 262 -25.46 3.62 31.89
C ILE E 262 -26.21 2.36 31.49
N VAL E 263 -26.71 2.37 30.25
CA VAL E 263 -27.58 1.32 29.74
C VAL E 263 -26.94 0.74 28.48
N LEU E 264 -26.89 -0.60 28.40
CA LEU E 264 -26.35 -1.31 27.25
C LEU E 264 -27.40 -2.27 26.70
N HIS E 265 -27.31 -2.51 25.40
CA HIS E 265 -28.23 -3.39 24.70
C HIS E 265 -27.59 -3.73 23.37
N CYS E 266 -27.29 -5.00 23.18
CA CYS E 266 -26.74 -5.44 21.87
C CYS E 266 -27.90 -5.35 20.88
N LEU E 267 -27.73 -4.58 19.83
CA LEU E 267 -28.86 -4.35 18.92
C LEU E 267 -29.09 -5.57 18.02
N PRO E 268 -30.29 -5.80 17.47
CA PRO E 268 -31.37 -4.84 17.47
C PRO E 268 -32.23 -4.76 18.74
N ALA E 269 -32.82 -3.59 18.98
CA ALA E 269 -33.75 -3.44 20.11
C ALA E 269 -35.19 -3.43 19.61
N HIS E 270 -36.07 -4.08 20.36
CA HIS E 270 -37.50 -4.02 20.07
C HIS E 270 -38.10 -3.03 21.05
N ARG E 271 -38.17 -1.77 20.62
CA ARG E 271 -38.61 -0.68 21.48
C ARG E 271 -40.02 -0.93 21.99
N GLY E 272 -40.22 -0.76 23.29
CA GLY E 272 -41.48 -1.07 23.92
C GLY E 272 -41.57 -2.45 24.50
N ASP E 273 -40.68 -3.37 24.10
CA ASP E 273 -40.59 -4.68 24.73
C ASP E 273 -39.56 -4.69 25.85
N GLU E 274 -38.32 -5.12 25.56
CA GLU E 274 -37.33 -5.25 26.64
C GLU E 274 -36.78 -3.89 27.09
N ILE E 275 -37.02 -2.83 26.32
CA ILE E 275 -36.47 -1.50 26.60
C ILE E 275 -37.45 -0.49 26.03
N THR E 276 -37.55 0.67 26.69
CA THR E 276 -38.45 1.72 26.23
C THR E 276 -37.67 2.77 25.44
N ASP E 277 -38.39 3.52 24.59
CA ASP E 277 -37.80 4.66 23.88
C ASP E 277 -37.08 5.60 24.83
N ALA E 278 -37.75 6.00 25.92
CA ALA E 278 -37.17 7.00 26.82
C ALA E 278 -35.81 6.55 27.33
N VAL E 279 -35.64 5.26 27.61
CA VAL E 279 -34.35 4.76 28.07
C VAL E 279 -33.38 4.68 26.89
N MET E 280 -33.85 4.13 25.76
CA MET E 280 -33.01 3.94 24.59
C MET E 280 -32.38 5.24 24.13
N ASP E 281 -33.16 6.32 24.15
CA ASP E 281 -32.73 7.59 23.57
C ASP E 281 -32.31 8.61 24.61
N GLY E 282 -32.25 8.22 25.89
CA GLY E 282 -31.91 9.14 26.95
C GLY E 282 -30.42 9.19 27.23
N PRO E 283 -30.03 10.02 28.21
CA PRO E 283 -28.59 10.26 28.45
C PRO E 283 -27.84 9.07 28.99
N ALA E 284 -28.54 8.13 29.63
CA ALA E 284 -27.88 6.95 30.17
C ALA E 284 -27.53 5.92 29.09
N SER E 285 -28.20 5.97 27.95
CA SER E 285 -27.95 4.99 26.89
C SER E 285 -26.53 5.09 26.34
N ALA E 286 -25.86 3.95 26.26
CA ALA E 286 -24.56 3.86 25.62
C ALA E 286 -24.62 2.93 24.41
N VAL E 287 -25.81 2.70 23.86
CA VAL E 287 -25.96 1.61 22.91
C VAL E 287 -25.28 1.90 21.58
N TRP E 288 -25.14 3.17 21.20
CA TRP E 288 -24.55 3.45 19.88
C TRP E 288 -23.03 3.33 19.93
N ASP E 289 -22.40 3.85 20.98
CA ASP E 289 -20.98 3.59 21.23
C ASP E 289 -20.73 2.10 21.38
N GLU E 290 -21.62 1.41 22.09
CA GLU E 290 -21.54 -0.04 22.24
C GLU E 290 -21.51 -0.73 20.89
N ALA E 291 -22.43 -0.33 20.00
CA ALA E 291 -22.50 -0.89 18.65
C ALA E 291 -21.21 -0.67 17.89
N GLU E 292 -20.65 0.53 17.95
CA GLU E 292 -19.41 0.80 17.26
C GLU E 292 -18.26 -0.01 17.85
N ASN E 293 -18.23 -0.18 19.18
CA ASN E 293 -17.06 -0.81 19.81
C ASN E 293 -16.95 -2.29 19.49
N ARG E 294 -18.00 -2.91 18.97
CA ARG E 294 -17.86 -4.28 18.49
C ARG E 294 -16.74 -4.38 17.44
N LEU E 295 -16.67 -3.40 16.54
CA LEU E 295 -15.58 -3.31 15.56
C LEU E 295 -14.22 -3.36 16.25
N HIS E 296 -14.01 -2.46 17.22
CA HIS E 296 -12.70 -2.28 17.83
C HIS E 296 -12.33 -3.45 18.73
N ALA E 297 -13.30 -3.93 19.52
CA ALA E 297 -13.04 -5.04 20.43
C ALA E 297 -12.70 -6.31 19.66
N GLN E 298 -13.42 -6.58 18.56
CA GLN E 298 -13.12 -7.78 17.78
C GLN E 298 -11.77 -7.68 17.08
N LYS E 299 -11.41 -6.49 16.59
CA LYS E 299 -10.05 -6.30 16.05
C LYS E 299 -8.99 -6.52 17.12
N ALA E 300 -9.19 -5.95 18.31
CA ALA E 300 -8.24 -6.17 19.40
C ALA E 300 -8.08 -7.65 19.70
N LEU E 301 -9.16 -8.40 19.75
CA LEU E 301 -9.06 -9.84 20.08
C LEU E 301 -8.23 -10.58 19.03
N LEU E 302 -8.48 -10.29 17.76
CA LEU E 302 -7.75 -10.97 16.67
C LEU E 302 -6.26 -10.66 16.78
N VAL E 303 -5.91 -9.39 16.95
CA VAL E 303 -4.49 -8.99 17.05
C VAL E 303 -3.86 -9.79 18.20
N TRP E 304 -4.54 -9.79 19.35
CA TRP E 304 -4.00 -10.48 20.52
C TRP E 304 -3.82 -11.98 20.27
N LEU E 305 -4.85 -12.64 19.73
CA LEU E 305 -4.72 -14.08 19.48
C LEU E 305 -3.66 -14.37 18.43
N LEU E 306 -3.59 -13.54 17.39
CA LEU E 306 -2.62 -13.79 16.33
C LEU E 306 -1.20 -13.68 16.86
N GLU E 307 -0.94 -12.74 17.76
CA GLU E 307 0.44 -12.53 18.26
C GLU E 307 0.85 -13.62 19.27
N ARG E 308 -0.12 -14.31 19.86
CA ARG E 308 0.19 -15.33 20.90
C ARG E 308 0.06 -16.71 20.28
N SER E 309 -0.13 -16.78 18.98
CA SER E 309 -0.35 -18.10 18.35
C SER E 309 0.62 -18.26 17.17
N SER F 2 -21.15 21.68 6.70
CA SER F 2 -21.40 20.52 7.56
C SER F 2 -22.78 19.94 7.27
N VAL F 3 -23.37 20.35 6.14
CA VAL F 3 -24.58 19.69 5.65
C VAL F 3 -24.16 18.42 4.92
N ILE F 4 -25.00 17.39 5.03
CA ILE F 4 -24.73 16.09 4.44
C ILE F 4 -25.48 16.05 3.11
N ARG F 5 -24.77 15.81 2.02
CA ARG F 5 -25.41 15.72 0.71
C ARG F 5 -25.84 14.27 0.43
N HIS F 6 -27.00 14.12 -0.22
CA HIS F 6 -27.47 12.82 -0.68
C HIS F 6 -27.71 12.89 -2.18
N PHE F 7 -27.86 11.72 -2.80
CA PHE F 7 -28.15 11.67 -4.22
C PHE F 7 -29.25 10.62 -4.42
N LEU F 8 -30.50 11.05 -4.32
CA LEU F 8 -31.64 10.12 -4.38
C LEU F 8 -32.37 10.27 -5.70
N ARG F 9 -32.18 11.39 -6.36
CA ARG F 9 -32.79 11.67 -7.68
C ARG F 9 -31.86 12.61 -8.45
N ASP F 10 -31.95 12.63 -9.77
CA ASP F 10 -31.01 13.37 -10.64
C ASP F 10 -30.91 14.86 -10.34
N ASP F 11 -32.02 15.46 -9.98
CA ASP F 11 -32.09 16.91 -9.70
C ASP F 11 -31.56 17.27 -8.31
N ASP F 12 -31.12 16.28 -7.53
CA ASP F 12 -30.46 16.56 -6.22
C ASP F 12 -29.17 17.34 -6.51
N LEU F 13 -28.63 17.18 -7.72
CA LEU F 13 -27.50 17.99 -8.18
C LEU F 13 -28.02 19.15 -9.01
N SER F 14 -27.45 20.33 -8.77
CA SER F 14 -27.71 21.48 -9.59
C SER F 14 -26.99 21.31 -10.93
N PRO F 15 -27.34 22.11 -11.94
CA PRO F 15 -26.57 22.02 -13.20
C PRO F 15 -25.07 22.15 -13.00
N ALA F 16 -24.63 23.11 -12.18
CA ALA F 16 -23.21 23.28 -11.89
C ALA F 16 -22.64 22.06 -11.16
N GLU F 17 -23.36 21.52 -10.18
CA GLU F 17 -22.84 20.39 -9.43
C GLU F 17 -22.77 19.14 -10.30
N GLN F 18 -23.79 18.92 -11.13
CA GLN F 18 -23.74 17.81 -12.07
C GLN F 18 -22.52 17.90 -12.98
N ALA F 19 -22.21 19.11 -13.46
CA ALA F 19 -21.04 19.26 -14.33
C ALA F 19 -19.76 18.91 -13.59
N GLU F 20 -19.66 19.30 -12.30
CA GLU F 20 -18.50 18.93 -11.50
C GLU F 20 -18.37 17.41 -11.41
N VAL F 21 -19.48 16.72 -11.14
CA VAL F 21 -19.41 15.27 -10.97
C VAL F 21 -19.01 14.60 -12.29
N LEU F 22 -19.53 15.11 -13.41
CA LEU F 22 -19.23 14.50 -14.70
C LEU F 22 -17.79 14.76 -15.13
N GLU F 23 -17.26 15.94 -14.79
CA GLU F 23 -15.84 16.22 -15.02
C GLU F 23 -14.97 15.28 -14.19
N LEU F 24 -15.35 15.08 -12.94
CA LEU F 24 -14.63 14.14 -12.09
C LEU F 24 -14.68 12.72 -12.66
N ALA F 25 -15.82 12.35 -13.26
CA ALA F 25 -15.95 11.02 -13.85
C ALA F 25 -14.95 10.82 -14.98
N ALA F 26 -14.74 11.85 -15.81
CA ALA F 26 -13.77 11.75 -16.87
C ALA F 26 -12.36 11.65 -16.30
N GLU F 27 -12.08 12.38 -15.22
CA GLU F 27 -10.77 12.29 -14.61
C GLU F 27 -10.51 10.90 -14.06
N LEU F 28 -11.52 10.31 -13.41
CA LEU F 28 -11.34 9.01 -12.80
C LEU F 28 -11.24 7.91 -13.84
N LYS F 29 -11.89 8.09 -14.99
CA LYS F 29 -11.73 7.13 -16.07
C LYS F 29 -10.28 7.09 -16.53
N LYS F 30 -9.64 8.26 -16.60
CA LYS F 30 -8.25 8.31 -17.01
C LYS F 30 -7.31 7.77 -15.93
N ASP F 31 -7.60 8.07 -14.66
CA ASP F 31 -6.72 7.74 -13.53
C ASP F 31 -7.54 7.08 -12.42
N PRO F 32 -7.84 5.78 -12.54
CA PRO F 32 -8.87 5.16 -11.69
C PRO F 32 -8.48 4.92 -10.23
N VAL F 33 -7.21 4.98 -9.86
CA VAL F 33 -6.88 4.81 -8.44
C VAL F 33 -6.22 6.06 -7.86
N SER F 34 -6.39 7.20 -8.54
CA SER F 34 -5.78 8.44 -8.10
C SER F 34 -6.56 9.12 -6.99
N ARG F 35 -7.82 8.74 -6.74
CA ARG F 35 -8.61 9.34 -5.68
C ARG F 35 -8.81 8.27 -4.61
N ARG F 36 -8.37 8.54 -3.40
CA ARG F 36 -8.44 7.53 -2.33
C ARG F 36 -9.06 8.12 -1.07
N PRO F 37 -10.30 8.63 -1.15
CA PRO F 37 -10.93 9.19 0.06
C PRO F 37 -11.34 8.12 1.06
N LEU F 38 -11.36 6.85 0.67
CA LEU F 38 -11.74 5.78 1.57
C LEU F 38 -10.54 4.92 2.00
N GLN F 39 -9.33 5.40 1.78
CA GLN F 39 -8.13 4.70 2.18
C GLN F 39 -8.20 4.30 3.66
N GLY F 40 -7.80 3.07 3.96
CA GLY F 40 -7.92 2.57 5.31
C GLY F 40 -7.80 1.06 5.39
N PRO F 41 -8.83 0.34 4.94
CA PRO F 41 -10.02 0.88 4.26
C PRO F 41 -11.08 1.40 5.19
N ARG F 42 -11.79 2.42 4.73
CA ARG F 42 -13.05 2.82 5.32
C ARG F 42 -14.15 2.03 4.62
N GLY F 43 -15.25 1.84 5.33
CA GLY F 43 -16.35 1.07 4.77
C GLY F 43 -17.37 1.93 4.04
N VAL F 44 -18.05 1.31 3.07
CA VAL F 44 -19.27 1.83 2.47
C VAL F 44 -20.28 0.69 2.43
N ALA F 45 -21.50 0.95 2.91
CA ALA F 45 -22.57 -0.05 2.86
C ALA F 45 -23.23 -0.04 1.47
N VAL F 46 -23.41 -1.24 0.90
CA VAL F 46 -24.11 -1.38 -0.37
C VAL F 46 -25.24 -2.36 -0.10
N ILE F 47 -26.47 -1.85 -0.02
CA ILE F 47 -27.61 -2.62 0.50
C ILE F 47 -28.63 -2.82 -0.60
N PHE F 48 -29.11 -4.06 -0.77
CA PHE F 48 -30.08 -4.43 -1.80
C PHE F 48 -31.34 -4.99 -1.17
N ASP F 49 -32.45 -4.25 -1.28
CA ASP F 49 -33.77 -4.81 -0.99
C ASP F 49 -34.19 -5.76 -2.08
N LYS F 50 -33.67 -5.56 -3.28
CA LYS F 50 -33.85 -6.46 -4.41
C LYS F 50 -32.49 -6.54 -5.08
N ASN F 51 -31.98 -7.75 -5.30
CA ASN F 51 -30.62 -7.89 -5.77
C ASN F 51 -30.46 -7.28 -7.17
N SER F 52 -29.25 -6.84 -7.46
CA SER F 52 -28.90 -6.36 -8.80
C SER F 52 -27.42 -6.61 -8.97
N THR F 53 -27.07 -7.63 -9.77
CA THR F 53 -25.68 -8.02 -9.88
C THR F 53 -24.84 -6.92 -10.50
N ARG F 54 -25.37 -6.24 -11.51
CA ARG F 54 -24.54 -5.26 -12.19
C ARG F 54 -24.38 -3.98 -11.37
N THR F 55 -25.38 -3.63 -10.55
CA THR F 55 -25.21 -2.58 -9.55
C THR F 55 -24.18 -2.98 -8.50
N ARG F 56 -24.20 -4.24 -8.08
CA ARG F 56 -23.25 -4.70 -7.04
C ARG F 56 -21.82 -4.66 -7.58
N PHE F 57 -21.61 -5.19 -8.77
CA PHE F 57 -20.26 -5.22 -9.37
C PHE F 57 -19.68 -3.82 -9.49
N SER F 58 -20.43 -2.92 -10.13
CA SER F 58 -19.97 -1.54 -10.36
C SER F 58 -19.60 -0.88 -9.03
N PHE F 59 -20.48 -0.99 -8.04
CA PHE F 59 -20.20 -0.27 -6.80
C PHE F 59 -19.09 -0.95 -6.00
N GLU F 60 -19.09 -2.28 -5.93
CA GLU F 60 -18.09 -2.98 -5.15
C GLU F 60 -16.68 -2.66 -5.65
N LEU F 61 -16.47 -2.75 -6.96
CA LEU F 61 -15.17 -2.47 -7.54
C LEU F 61 -14.81 -1.00 -7.42
N GLY F 62 -15.79 -0.12 -7.64
CA GLY F 62 -15.53 1.30 -7.55
C GLY F 62 -15.09 1.72 -6.16
N ILE F 63 -15.78 1.19 -5.13
CA ILE F 63 -15.42 1.48 -3.75
C ILE F 63 -14.02 0.99 -3.43
N ALA F 64 -13.67 -0.20 -3.90
CA ALA F 64 -12.32 -0.72 -3.68
C ALA F 64 -11.29 0.19 -4.32
N GLN F 65 -11.59 0.72 -5.53
CA GLN F 65 -10.61 1.57 -6.19
C GLN F 65 -10.50 2.95 -5.56
N LEU F 66 -11.45 3.33 -4.70
CA LEU F 66 -11.28 4.53 -3.86
C LEU F 66 -10.57 4.20 -2.56
N GLY F 67 -10.01 3.00 -2.43
CA GLY F 67 -9.32 2.61 -1.23
C GLY F 67 -10.19 1.97 -0.17
N GLY F 68 -11.50 1.87 -0.40
CA GLY F 68 -12.43 1.47 0.63
C GLY F 68 -12.75 -0.01 0.57
N HIS F 69 -13.69 -0.41 1.44
CA HIS F 69 -14.20 -1.78 1.46
C HIS F 69 -15.72 -1.74 1.45
N ALA F 70 -16.31 -2.26 0.39
CA ALA F 70 -17.76 -2.33 0.29
C ALA F 70 -18.26 -3.48 1.14
N VAL F 71 -19.22 -3.22 2.00
CA VAL F 71 -19.89 -4.28 2.72
C VAL F 71 -21.25 -4.43 2.03
N VAL F 72 -21.42 -5.55 1.34
CA VAL F 72 -22.56 -5.76 0.48
C VAL F 72 -23.58 -6.61 1.24
N VAL F 73 -24.81 -6.14 1.29
CA VAL F 73 -25.91 -6.86 1.95
C VAL F 73 -27.00 -7.10 0.90
N ASP F 74 -27.20 -8.36 0.55
CA ASP F 74 -28.19 -8.79 -0.43
C ASP F 74 -29.57 -8.95 0.23
N SER F 75 -30.57 -9.21 -0.61
CA SER F 75 -31.85 -9.67 -0.11
C SER F 75 -31.70 -11.11 0.37
N GLY F 76 -32.27 -11.40 1.53
CA GLY F 76 -31.94 -12.65 2.20
C GLY F 76 -31.48 -12.37 3.62
N SER F 77 -30.76 -11.27 3.80
CA SER F 77 -30.68 -10.63 5.09
C SER F 77 -32.00 -9.90 5.36
N THR F 78 -32.42 -9.88 6.63
CA THR F 78 -33.71 -9.34 7.00
C THR F 78 -33.87 -7.92 6.46
N GLN F 79 -35.03 -7.66 5.82
CA GLN F 79 -35.28 -6.39 5.17
C GLN F 79 -35.15 -5.24 6.16
N LEU F 80 -34.42 -4.20 5.77
CA LEU F 80 -34.31 -3.00 6.58
C LEU F 80 -35.69 -2.45 6.94
N GLY F 81 -35.87 -2.19 8.23
CA GLY F 81 -37.13 -1.79 8.77
C GLY F 81 -37.89 -2.88 9.49
N ARG F 82 -37.61 -4.16 9.18
CA ARG F 82 -38.43 -5.23 9.74
C ARG F 82 -38.02 -5.58 11.17
N ASP F 83 -36.72 -5.70 11.43
CA ASP F 83 -36.23 -6.14 12.74
C ASP F 83 -35.85 -4.97 13.64
N GLU F 84 -35.83 -3.77 13.09
CA GLU F 84 -35.24 -2.62 13.74
C GLU F 84 -35.80 -1.39 13.04
N THR F 85 -36.04 -0.31 13.76
CA THR F 85 -36.49 0.89 13.08
C THR F 85 -35.42 1.34 12.10
N LEU F 86 -35.88 1.92 10.99
CA LEU F 86 -34.95 2.38 9.97
C LEU F 86 -33.97 3.40 10.57
N GLN F 87 -34.44 4.15 11.56
CA GLN F 87 -33.64 5.19 12.20
C GLN F 87 -32.53 4.60 13.07
N ASP F 88 -32.81 3.51 13.80
CA ASP F 88 -31.75 2.84 14.56
C ASP F 88 -30.68 2.29 13.62
N THR F 89 -31.11 1.62 12.56
CA THR F 89 -30.15 1.07 11.60
C THR F 89 -29.30 2.18 10.97
N ALA F 90 -29.92 3.32 10.66
CA ALA F 90 -29.17 4.46 10.10
C ALA F 90 -28.10 4.95 11.07
N LYS F 91 -28.40 4.92 12.35
CA LYS F 91 -27.46 5.49 13.31
C LYS F 91 -26.30 4.52 13.56
N VAL F 92 -26.55 3.21 13.49
CA VAL F 92 -25.46 2.25 13.61
C VAL F 92 -24.62 2.24 12.34
N LEU F 93 -25.27 2.34 11.18
CA LEU F 93 -24.52 2.38 9.92
C LEU F 93 -23.58 3.58 9.89
N SER F 94 -24.02 4.72 10.42
CA SER F 94 -23.17 5.91 10.38
C SER F 94 -21.89 5.76 11.21
N ARG F 95 -21.90 4.85 12.19
CA ARG F 95 -20.69 4.53 12.94
C ARG F 95 -19.74 3.62 12.18
N TYR F 96 -20.24 2.84 11.22
CA TYR F 96 -19.43 1.84 10.56
C TYR F 96 -18.96 2.25 9.17
N VAL F 97 -19.71 3.07 8.46
CA VAL F 97 -19.40 3.35 7.07
C VAL F 97 -19.43 4.84 6.80
N ASP F 98 -18.83 5.23 5.69
CA ASP F 98 -18.71 6.62 5.29
C ASP F 98 -19.78 7.03 4.29
N ALA F 99 -20.56 6.08 3.79
CA ALA F 99 -21.64 6.36 2.85
C ALA F 99 -22.52 5.12 2.77
N ILE F 100 -23.77 5.32 2.35
CA ILE F 100 -24.77 4.27 2.26
C ILE F 100 -25.35 4.26 0.86
N VAL F 101 -25.14 3.16 0.14
CA VAL F 101 -25.63 2.97 -1.21
C VAL F 101 -26.78 1.98 -1.09
N TRP F 102 -27.97 2.35 -1.57
CA TRP F 102 -29.15 1.55 -1.28
C TRP F 102 -29.98 1.37 -2.54
N ARG F 103 -30.30 0.13 -2.86
CA ARG F 103 -31.29 -0.16 -3.90
C ARG F 103 -32.57 -0.57 -3.18
N THR F 104 -33.60 0.27 -3.30
CA THR F 104 -34.85 0.00 -2.62
C THR F 104 -35.99 0.32 -3.59
N PHE F 105 -37.22 0.34 -3.09
CA PHE F 105 -38.36 0.42 -3.99
C PHE F 105 -38.92 1.83 -4.03
N GLY F 106 -39.67 2.18 -3.00
CA GLY F 106 -40.32 3.46 -2.96
C GLY F 106 -39.36 4.56 -2.54
N GLN F 107 -39.59 5.74 -3.12
CA GLN F 107 -38.73 6.88 -2.84
C GLN F 107 -38.83 7.33 -1.38
N GLU F 108 -39.90 6.96 -0.68
CA GLU F 108 -40.08 7.44 0.69
C GLU F 108 -39.11 6.77 1.66
N ARG F 109 -38.69 5.53 1.38
CA ARG F 109 -37.68 4.88 2.22
C ARG F 109 -36.30 5.53 2.05
N LEU F 110 -35.95 5.92 0.83
CA LEU F 110 -34.71 6.66 0.60
C LEU F 110 -34.75 8.00 1.32
N ASP F 111 -35.84 8.76 1.15
CA ASP F 111 -35.99 10.03 1.85
C ASP F 111 -35.89 9.84 3.35
N ALA F 112 -36.50 8.78 3.88
CA ALA F 112 -36.44 8.52 5.32
C ALA F 112 -35.01 8.26 5.77
N MET F 113 -34.29 7.39 5.04
CA MET F 113 -32.91 7.11 5.38
C MET F 113 -32.05 8.37 5.33
N ALA F 114 -32.23 9.20 4.29
CA ALA F 114 -31.36 10.35 4.15
C ALA F 114 -31.64 11.39 5.21
N SER F 115 -32.86 11.43 5.73
CA SER F 115 -33.19 12.45 6.72
C SER F 115 -32.57 12.17 8.09
N VAL F 116 -32.12 10.94 8.36
CA VAL F 116 -31.56 10.65 9.69
C VAL F 116 -30.09 10.23 9.62
N ALA F 117 -29.66 9.66 8.49
CA ALA F 117 -28.27 9.24 8.40
C ALA F 117 -27.36 10.46 8.40
N THR F 118 -26.20 10.33 9.05
CA THR F 118 -25.22 11.39 9.07
C THR F 118 -24.08 11.15 8.08
N VAL F 119 -24.33 10.30 7.09
CA VAL F 119 -23.40 10.09 5.98
C VAL F 119 -24.22 10.15 4.69
N PRO F 120 -23.58 10.42 3.55
CA PRO F 120 -24.32 10.49 2.29
C PRO F 120 -25.06 9.19 1.96
N VAL F 121 -26.31 9.35 1.50
CA VAL F 121 -27.11 8.23 1.02
C VAL F 121 -27.25 8.34 -0.50
N ILE F 122 -27.05 7.22 -1.19
CA ILE F 122 -27.08 7.18 -2.65
C ILE F 122 -28.12 6.17 -3.08
N ASN F 123 -29.00 6.60 -3.98
CA ASN F 123 -30.00 5.75 -4.63
C ASN F 123 -29.29 4.95 -5.74
N ALA F 124 -29.00 3.68 -5.46
CA ALA F 124 -28.34 2.86 -6.46
C ALA F 124 -29.26 2.59 -7.65
N LEU F 125 -30.57 2.58 -7.41
CA LEU F 125 -31.60 2.12 -8.32
C LEU F 125 -32.88 2.03 -7.51
N SER F 126 -33.97 2.69 -7.92
CA SER F 126 -35.23 2.57 -7.21
C SER F 126 -36.36 2.46 -8.23
N ASP F 127 -37.59 2.39 -7.73
CA ASP F 127 -38.73 2.24 -8.63
C ASP F 127 -38.91 3.47 -9.49
N GLU F 128 -38.72 4.65 -8.90
CA GLU F 128 -39.01 5.90 -9.60
C GLU F 128 -37.81 6.46 -10.36
N PHE F 129 -36.59 6.19 -9.89
CA PHE F 129 -35.39 6.82 -10.49
C PHE F 129 -34.20 5.87 -10.63
N HIS F 130 -33.34 6.17 -11.59
CA HIS F 130 -32.08 5.43 -11.78
C HIS F 130 -31.03 6.51 -12.05
N PRO F 131 -30.73 7.38 -11.07
CA PRO F 131 -29.87 8.54 -11.33
C PRO F 131 -28.39 8.24 -11.61
N CYS F 132 -27.88 7.18 -11.06
CA CYS F 132 -26.48 6.78 -11.30
C CYS F 132 -26.34 6.30 -12.76
N GLN F 133 -27.32 5.56 -13.25
CA GLN F 133 -27.21 5.13 -14.63
C GLN F 133 -27.23 6.34 -15.56
N VAL F 134 -28.03 7.36 -15.23
CA VAL F 134 -28.10 8.53 -16.12
C VAL F 134 -26.81 9.36 -16.03
N LEU F 135 -26.13 9.38 -14.87
CA LEU F 135 -24.78 9.95 -14.86
C LEU F 135 -23.85 9.22 -15.82
N ALA F 136 -23.90 7.89 -15.82
CA ALA F 136 -23.08 7.12 -16.76
C ALA F 136 -23.45 7.44 -18.21
N ASP F 137 -24.75 7.60 -18.48
CA ASP F 137 -25.18 7.97 -19.84
C ASP F 137 -24.65 9.33 -20.24
N LEU F 138 -24.75 10.32 -19.35
CA LEU F 138 -24.22 11.65 -19.66
C LEU F 138 -22.71 11.62 -19.89
N GLN F 139 -21.97 10.87 -19.06
CA GLN F 139 -20.54 10.72 -19.32
C GLN F 139 -20.30 10.16 -20.72
N THR F 140 -21.09 9.16 -21.10
CA THR F 140 -20.89 8.51 -22.39
C THR F 140 -21.18 9.46 -23.54
N ILE F 141 -22.29 10.21 -23.45
CA ILE F 141 -22.64 11.17 -24.50
C ILE F 141 -21.54 12.22 -24.63
N ALA F 142 -21.09 12.78 -23.50
CA ALA F 142 -20.03 13.78 -23.53
C ALA F 142 -18.76 13.27 -24.22
N GLU F 143 -18.37 12.03 -23.96
CA GLU F 143 -17.14 11.58 -24.58
C GLU F 143 -17.32 11.27 -26.07
N ARG F 144 -18.56 11.04 -26.52
CA ARG F 144 -18.81 10.87 -27.95
C ARG F 144 -19.03 12.18 -28.69
N LYS F 145 -19.65 13.16 -28.02
CA LYS F 145 -20.20 14.32 -28.73
C LYS F 145 -19.76 15.67 -28.17
N GLY F 146 -19.02 15.72 -27.07
CA GLY F 146 -18.54 16.98 -26.54
C GLY F 146 -19.56 17.60 -25.61
N ALA F 147 -19.84 18.89 -25.82
CA ALA F 147 -20.72 19.63 -24.93
C ALA F 147 -22.12 19.03 -24.94
N LEU F 148 -22.70 18.88 -23.74
CA LEU F 148 -24.02 18.28 -23.62
C LEU F 148 -25.13 19.27 -23.95
N ARG F 149 -24.91 20.55 -23.62
CA ARG F 149 -25.94 21.57 -23.77
C ARG F 149 -26.41 21.67 -25.23
N GLY F 150 -27.71 21.57 -25.43
CA GLY F 150 -28.29 21.72 -26.74
C GLY F 150 -28.49 20.42 -27.50
N LEU F 151 -27.89 19.32 -27.06
CA LEU F 151 -28.12 18.05 -27.73
C LEU F 151 -29.59 17.65 -27.62
N ARG F 152 -29.99 16.73 -28.48
CA ARG F 152 -31.36 16.27 -28.58
C ARG F 152 -31.37 14.78 -28.28
N LEU F 153 -32.05 14.39 -27.22
CA LEU F 153 -32.07 13.02 -26.74
C LEU F 153 -33.51 12.52 -26.75
N SER F 154 -33.72 11.34 -27.32
CA SER F 154 -35.04 10.70 -27.28
C SER F 154 -34.95 9.33 -26.65
N TYR F 155 -35.85 9.08 -25.71
CA TYR F 155 -36.01 7.80 -25.04
C TYR F 155 -37.29 7.14 -25.57
N PHE F 156 -37.23 5.83 -25.79
CA PHE F 156 -38.33 5.11 -26.41
C PHE F 156 -38.72 3.92 -25.55
N GLY F 157 -40.03 3.66 -25.52
CA GLY F 157 -40.51 2.45 -24.90
C GLY F 157 -41.43 2.75 -23.74
N ASP F 158 -41.09 2.25 -22.56
CA ASP F 158 -41.92 2.43 -21.38
C ASP F 158 -41.53 3.77 -20.76
N GLY F 159 -42.29 4.81 -21.07
CA GLY F 159 -41.99 6.14 -20.57
C GLY F 159 -42.34 6.40 -19.13
N ALA F 160 -42.82 5.38 -18.40
CA ALA F 160 -43.19 5.53 -17.01
C ALA F 160 -42.19 4.92 -16.05
N ASN F 161 -41.05 4.41 -16.51
CA ASN F 161 -40.16 3.69 -15.64
C ASN F 161 -39.06 4.62 -15.11
N ASN F 162 -38.15 4.04 -14.31
CA ASN F 162 -37.13 4.84 -13.65
C ASN F 162 -36.18 5.49 -14.64
N MET F 163 -35.90 4.82 -15.76
CA MET F 163 -34.97 5.42 -16.72
C MET F 163 -35.61 6.62 -17.41
N ALA F 164 -36.89 6.52 -17.79
CA ALA F 164 -37.53 7.67 -18.41
C ALA F 164 -37.51 8.88 -17.47
N HIS F 165 -37.81 8.65 -16.19
CA HIS F 165 -37.83 9.75 -15.24
C HIS F 165 -36.46 10.37 -15.05
N SER F 166 -35.42 9.54 -14.94
CA SER F 166 -34.08 10.09 -14.72
C SER F 166 -33.49 10.70 -15.98
N LEU F 167 -33.79 10.16 -17.16
CA LEU F 167 -33.35 10.85 -18.37
C LEU F 167 -33.98 12.23 -18.46
N LEU F 168 -35.25 12.37 -18.05
CA LEU F 168 -35.85 13.70 -18.05
C LEU F 168 -35.09 14.64 -17.11
N LEU F 169 -34.95 14.25 -15.85
CA LEU F 169 -34.40 15.15 -14.83
C LEU F 169 -32.89 15.36 -15.03
N GLY F 170 -32.16 14.27 -15.25
CA GLY F 170 -30.73 14.40 -15.48
C GLY F 170 -30.42 15.05 -16.82
N GLY F 171 -31.21 14.72 -17.85
CA GLY F 171 -31.00 15.32 -19.16
C GLY F 171 -31.17 16.83 -19.13
N VAL F 172 -32.30 17.32 -18.62
CA VAL F 172 -32.50 18.78 -18.66
C VAL F 172 -31.53 19.48 -17.73
N THR F 173 -31.07 18.80 -16.67
CA THR F 173 -30.04 19.38 -15.79
C THR F 173 -28.75 19.63 -16.57
N ALA F 174 -28.43 18.78 -17.54
CA ALA F 174 -27.29 18.95 -18.42
C ALA F 174 -27.57 19.88 -19.62
N GLY F 175 -28.76 20.48 -19.71
CA GLY F 175 -29.12 21.31 -20.85
C GLY F 175 -29.50 20.56 -22.11
N ILE F 176 -29.91 19.29 -21.99
CA ILE F 176 -30.28 18.45 -23.12
C ILE F 176 -31.79 18.55 -23.34
N HIS F 177 -32.21 18.68 -24.61
CA HIS F 177 -33.62 18.66 -24.99
C HIS F 177 -34.09 17.21 -24.98
N VAL F 178 -34.94 16.84 -24.04
CA VAL F 178 -35.28 15.44 -23.81
C VAL F 178 -36.67 15.17 -24.38
N THR F 179 -36.79 14.09 -25.14
CA THR F 179 -38.08 13.59 -25.61
C THR F 179 -38.31 12.18 -25.10
N VAL F 180 -39.52 11.93 -24.61
CA VAL F 180 -39.96 10.59 -24.21
C VAL F 180 -41.05 10.19 -25.18
N ALA F 181 -40.83 9.10 -25.90
CA ALA F 181 -41.79 8.54 -26.84
C ALA F 181 -42.30 7.23 -26.28
N ALA F 182 -43.58 7.18 -25.95
CA ALA F 182 -44.18 6.04 -25.28
C ALA F 182 -45.65 5.97 -25.65
N PRO F 183 -46.29 4.77 -25.53
CA PRO F 183 -47.70 4.67 -25.75
C PRO F 183 -48.43 5.33 -24.59
N GLU F 184 -49.65 5.82 -24.87
CA GLU F 184 -50.46 6.39 -23.78
C GLU F 184 -50.62 5.30 -22.72
N GLY F 185 -50.69 5.70 -21.47
CA GLY F 185 -50.75 4.67 -20.42
C GLY F 185 -49.36 4.33 -19.90
N PHE F 186 -48.32 4.75 -20.64
CA PHE F 186 -46.98 4.49 -20.13
C PHE F 186 -46.13 5.74 -20.29
N LEU F 187 -46.70 6.87 -19.87
CA LEU F 187 -46.12 8.19 -19.97
C LEU F 187 -45.46 8.60 -18.67
N PRO F 188 -44.55 9.57 -18.71
CA PRO F 188 -43.85 9.98 -17.49
C PRO F 188 -44.86 10.44 -16.45
N ASP F 189 -44.53 10.18 -15.20
CA ASP F 189 -45.31 10.71 -14.10
C ASP F 189 -45.40 12.23 -14.23
N PRO F 190 -46.60 12.82 -14.18
CA PRO F 190 -46.74 14.27 -14.39
C PRO F 190 -45.98 15.15 -13.41
N SER F 191 -45.84 14.76 -12.15
CA SER F 191 -45.06 15.61 -11.25
C SER F 191 -43.56 15.53 -11.54
N VAL F 192 -43.06 14.36 -11.99
CA VAL F 192 -41.69 14.31 -12.49
C VAL F 192 -41.55 15.16 -13.74
N ARG F 193 -42.52 15.07 -14.64
CA ARG F 193 -42.43 15.85 -15.86
C ARG F 193 -42.41 17.35 -15.55
N ALA F 194 -43.22 17.78 -14.59
CA ALA F 194 -43.25 19.19 -14.23
C ALA F 194 -41.93 19.63 -13.58
N ALA F 195 -41.32 18.75 -12.79
CA ALA F 195 -40.04 19.08 -12.19
C ALA F 195 -38.95 19.18 -13.25
N ALA F 196 -39.00 18.32 -14.26
CA ALA F 196 -38.08 18.43 -15.39
C ALA F 196 -38.33 19.72 -16.19
N GLU F 197 -39.60 20.06 -16.41
CA GLU F 197 -39.92 21.28 -17.15
C GLU F 197 -39.39 22.51 -16.42
N ARG F 198 -39.58 22.57 -15.11
CA ARG F 198 -39.09 23.71 -14.34
C ARG F 198 -37.56 23.78 -14.36
N ARG F 199 -36.89 22.64 -14.21
CA ARG F 199 -35.43 22.65 -14.25
C ARG F 199 -34.92 23.03 -15.64
N ALA F 200 -35.62 22.60 -16.69
CA ALA F 200 -35.21 22.97 -18.05
C ALA F 200 -35.21 24.48 -18.25
N GLN F 201 -36.07 25.20 -17.53
CA GLN F 201 -36.10 26.65 -17.63
C GLN F 201 -34.74 27.26 -17.29
N ASP F 202 -34.00 26.66 -16.35
CA ASP F 202 -32.72 27.18 -15.91
C ASP F 202 -31.57 26.87 -16.87
N THR F 203 -31.71 25.86 -17.72
CA THR F 203 -30.58 25.35 -18.47
C THR F 203 -30.71 25.57 -19.98
N GLY F 204 -31.83 26.13 -20.43
CA GLY F 204 -32.12 26.26 -21.84
C GLY F 204 -32.60 24.97 -22.48
N ALA F 205 -32.97 23.96 -21.70
CA ALA F 205 -33.38 22.67 -22.26
C ALA F 205 -34.88 22.68 -22.50
N SER F 206 -35.45 21.50 -22.78
CA SER F 206 -36.89 21.39 -23.00
C SER F 206 -37.30 19.95 -22.75
N VAL F 207 -38.60 19.77 -22.54
CA VAL F 207 -39.23 18.48 -22.30
C VAL F 207 -40.32 18.29 -23.34
N THR F 208 -40.32 17.12 -23.99
CA THR F 208 -41.37 16.75 -24.94
C THR F 208 -41.82 15.34 -24.62
N VAL F 209 -43.13 15.12 -24.59
CA VAL F 209 -43.70 13.78 -24.44
C VAL F 209 -44.58 13.53 -25.66
N THR F 210 -44.36 12.39 -26.32
CA THR F 210 -45.09 12.08 -27.55
C THR F 210 -45.35 10.58 -27.62
N ALA F 211 -46.33 10.21 -28.44
CA ALA F 211 -46.58 8.81 -28.75
C ALA F 211 -46.20 8.48 -30.19
N ASP F 212 -45.54 9.39 -30.86
CA ASP F 212 -45.11 9.21 -32.25
C ASP F 212 -43.63 8.91 -32.22
N ALA F 213 -43.29 7.62 -32.32
CA ALA F 213 -41.89 7.27 -32.31
C ALA F 213 -41.12 7.89 -33.46
N HIS F 214 -41.70 8.01 -34.65
CA HIS F 214 -40.79 8.43 -35.70
C HIS F 214 -40.53 9.93 -35.59
N ALA F 215 -41.50 10.68 -35.07
CA ALA F 215 -41.28 12.10 -34.79
C ALA F 215 -40.22 12.28 -33.72
N ALA F 216 -40.20 11.41 -32.70
CA ALA F 216 -39.18 11.54 -31.66
C ALA F 216 -37.80 11.22 -32.21
N ALA F 217 -37.71 10.30 -33.18
CA ALA F 217 -36.41 9.94 -33.73
C ALA F 217 -35.84 11.04 -34.59
N ALA F 218 -36.71 11.81 -35.25
CA ALA F 218 -36.26 12.80 -36.22
C ALA F 218 -35.37 13.85 -35.55
N GLY F 219 -34.15 14.02 -36.07
CA GLY F 219 -33.23 15.01 -35.55
C GLY F 219 -32.57 14.64 -34.23
N ALA F 220 -32.76 13.43 -33.73
CA ALA F 220 -32.19 13.08 -32.44
C ALA F 220 -30.69 12.86 -32.54
N ASP F 221 -29.96 13.34 -31.54
CA ASP F 221 -28.54 13.05 -31.40
C ASP F 221 -28.29 11.76 -30.64
N VAL F 222 -29.19 11.41 -29.73
CA VAL F 222 -29.03 10.25 -28.86
C VAL F 222 -30.38 9.55 -28.79
N LEU F 223 -30.37 8.23 -29.00
CA LEU F 223 -31.58 7.43 -28.92
C LEU F 223 -31.34 6.43 -27.80
N VAL F 224 -32.34 6.27 -26.93
CA VAL F 224 -32.19 5.48 -25.71
C VAL F 224 -33.40 4.57 -25.56
N THR F 225 -33.19 3.36 -25.08
CA THR F 225 -34.31 2.53 -24.67
C THR F 225 -33.87 1.68 -23.48
N ASP F 226 -34.78 0.81 -23.05
CA ASP F 226 -34.64 0.05 -21.83
C ASP F 226 -35.56 -1.16 -22.00
N THR F 227 -35.35 -2.21 -21.20
CA THR F 227 -36.28 -3.34 -21.31
C THR F 227 -37.67 -2.87 -20.93
N TRP F 228 -38.67 -3.44 -21.61
CA TRP F 228 -40.03 -2.97 -21.45
C TRP F 228 -40.70 -3.48 -20.18
N THR F 229 -40.25 -4.61 -19.63
CA THR F 229 -41.06 -5.38 -18.68
C THR F 229 -40.34 -5.68 -17.37
N ASP F 239 -47.99 -10.26 -26.67
CA ASP F 239 -48.77 -10.31 -25.44
C ASP F 239 -48.69 -8.98 -24.71
N ARG F 240 -48.31 -9.02 -23.43
CA ARG F 240 -48.37 -7.82 -22.60
C ARG F 240 -47.43 -6.70 -23.07
N VAL F 241 -46.42 -7.01 -23.89
CA VAL F 241 -45.48 -5.97 -24.33
C VAL F 241 -45.79 -5.50 -25.74
N LYS F 242 -46.89 -5.97 -26.33
CA LYS F 242 -47.33 -5.45 -27.62
C LYS F 242 -47.39 -3.93 -27.72
N PRO F 243 -47.85 -3.17 -26.71
CA PRO F 243 -47.93 -1.71 -26.88
C PRO F 243 -46.58 -1.05 -27.16
N PHE F 244 -45.48 -1.71 -26.84
CA PHE F 244 -44.16 -1.10 -26.96
C PHE F 244 -43.47 -1.43 -28.28
N ARG F 245 -43.91 -2.48 -28.97
CA ARG F 245 -43.21 -2.90 -30.18
C ARG F 245 -43.09 -1.79 -31.22
N PRO F 246 -44.08 -0.92 -31.46
CA PRO F 246 -43.85 0.20 -32.39
C PRO F 246 -42.75 1.14 -31.93
N PHE F 247 -42.33 1.05 -30.67
CA PHE F 247 -41.29 1.91 -30.12
C PHE F 247 -39.93 1.24 -30.10
N GLN F 248 -39.82 0.08 -30.76
CA GLN F 248 -38.54 -0.66 -30.85
C GLN F 248 -37.44 0.21 -31.44
N LEU F 249 -36.27 0.18 -30.81
CA LEU F 249 -35.12 0.92 -31.36
C LEU F 249 -34.48 0.01 -32.41
N ASN F 250 -34.87 0.24 -33.66
CA ASN F 250 -34.40 -0.62 -34.75
C ASN F 250 -33.70 0.23 -35.79
N SER F 251 -33.22 -0.39 -36.85
CA SER F 251 -32.45 0.34 -37.88
C SER F 251 -33.31 1.39 -38.60
N ARG F 252 -34.61 1.14 -38.75
CA ARG F 252 -35.49 2.13 -39.39
C ARG F 252 -35.56 3.41 -38.54
N LEU F 253 -35.79 3.23 -37.26
CA LEU F 253 -35.84 4.38 -36.33
C LEU F 253 -34.49 5.08 -36.35
N LEU F 254 -33.40 4.31 -36.24
CA LEU F 254 -32.09 4.95 -36.18
C LEU F 254 -31.79 5.71 -37.46
N ALA F 255 -32.25 5.19 -38.62
CA ALA F 255 -32.08 5.88 -39.89
C ALA F 255 -32.85 7.20 -39.95
N LEU F 256 -33.83 7.41 -39.07
CA LEU F 256 -34.53 8.68 -39.04
C LEU F 256 -33.78 9.74 -38.24
N ALA F 257 -32.82 9.31 -37.43
CA ALA F 257 -32.15 10.23 -36.53
C ALA F 257 -31.02 10.93 -37.28
N ASP F 258 -30.38 11.87 -36.58
CA ASP F 258 -29.22 12.58 -37.17
C ASP F 258 -28.20 11.55 -37.62
N SER F 259 -27.46 11.90 -38.66
CA SER F 259 -26.56 10.88 -39.21
C SER F 259 -25.49 10.42 -38.21
N ASP F 260 -25.15 11.24 -37.21
CA ASP F 260 -24.10 10.94 -36.25
C ASP F 260 -24.67 10.38 -34.94
N ALA F 261 -25.94 9.98 -34.91
CA ALA F 261 -26.58 9.68 -33.64
C ALA F 261 -25.98 8.44 -33.00
N ILE F 262 -26.04 8.38 -31.67
CA ILE F 262 -25.55 7.23 -30.93
C ILE F 262 -26.71 6.63 -30.18
N VAL F 263 -26.53 5.39 -29.75
CA VAL F 263 -27.60 4.62 -29.12
C VAL F 263 -27.13 4.17 -27.75
N LEU F 264 -28.02 4.26 -26.76
CA LEU F 264 -27.78 3.92 -25.38
C LEU F 264 -28.85 2.96 -24.91
N HIS F 265 -28.48 2.09 -23.98
CA HIS F 265 -29.42 1.11 -23.45
C HIS F 265 -28.80 0.68 -22.13
N CYS F 266 -29.52 0.90 -21.05
CA CYS F 266 -29.04 0.37 -19.77
C CYS F 266 -29.27 -1.13 -19.84
N LEU F 267 -28.23 -1.90 -19.71
CA LEU F 267 -28.38 -3.36 -19.89
C LEU F 267 -29.10 -3.97 -18.67
N PRO F 268 -29.66 -5.19 -18.71
CA PRO F 268 -29.55 -6.09 -19.85
C PRO F 268 -30.49 -5.81 -21.02
N ALA F 269 -30.08 -6.22 -22.22
CA ALA F 269 -30.91 -6.04 -23.41
C ALA F 269 -31.58 -7.34 -23.81
N HIS F 270 -32.85 -7.25 -24.17
CA HIS F 270 -33.56 -8.42 -24.68
C HIS F 270 -33.59 -8.23 -26.19
N ARG F 271 -32.57 -8.73 -26.87
CA ARG F 271 -32.40 -8.51 -28.30
C ARG F 271 -33.60 -9.05 -29.06
N GLY F 272 -34.12 -8.24 -29.98
CA GLY F 272 -35.34 -8.55 -30.68
C GLY F 272 -36.60 -7.98 -30.06
N ASP F 273 -36.53 -7.53 -28.81
CA ASP F 273 -37.65 -6.81 -28.21
C ASP F 273 -37.45 -5.29 -28.34
N GLU F 274 -36.89 -4.64 -27.32
CA GLU F 274 -36.79 -3.18 -27.34
C GLU F 274 -35.70 -2.68 -28.27
N ILE F 275 -34.76 -3.54 -28.66
CA ILE F 275 -33.63 -3.17 -29.49
C ILE F 275 -33.27 -4.37 -30.36
N THR F 276 -32.68 -4.10 -31.52
CA THR F 276 -32.34 -5.18 -32.45
C THR F 276 -30.85 -5.48 -32.39
N ASP F 277 -30.48 -6.70 -32.80
CA ASP F 277 -29.07 -7.07 -32.92
C ASP F 277 -28.30 -6.03 -33.74
N ALA F 278 -28.85 -5.63 -34.88
CA ALA F 278 -28.15 -4.72 -35.78
C ALA F 278 -27.80 -3.40 -35.10
N VAL F 279 -28.72 -2.89 -34.32
CA VAL F 279 -28.49 -1.58 -33.65
C VAL F 279 -27.50 -1.78 -32.49
N MET F 280 -27.70 -2.80 -31.70
CA MET F 280 -26.82 -3.02 -30.52
C MET F 280 -25.39 -3.31 -30.93
N ASP F 281 -25.19 -3.95 -32.08
CA ASP F 281 -23.83 -4.37 -32.49
C ASP F 281 -23.30 -3.47 -33.60
N GLY F 282 -24.03 -2.43 -34.01
CA GLY F 282 -23.59 -1.57 -35.08
C GLY F 282 -22.75 -0.38 -34.62
N PRO F 283 -22.33 0.45 -35.58
CA PRO F 283 -21.40 1.55 -35.26
C PRO F 283 -22.01 2.66 -34.41
N ALA F 284 -23.34 2.77 -34.34
CA ALA F 284 -23.96 3.81 -33.54
C ALA F 284 -24.04 3.44 -32.07
N SER F 285 -23.87 2.17 -31.73
CA SER F 285 -24.09 1.71 -30.37
C SER F 285 -22.99 2.22 -29.44
N ALA F 286 -23.40 2.81 -28.32
CA ALA F 286 -22.46 3.17 -27.26
C ALA F 286 -22.71 2.38 -25.99
N VAL F 287 -23.44 1.26 -26.09
CA VAL F 287 -23.91 0.56 -24.90
C VAL F 287 -22.74 -0.03 -24.09
N TRP F 288 -21.63 -0.40 -24.73
CA TRP F 288 -20.56 -1.05 -24.00
C TRP F 288 -19.75 -0.01 -23.21
N ASP F 289 -19.46 1.13 -23.83
CA ASP F 289 -18.83 2.22 -23.09
C ASP F 289 -19.74 2.72 -21.99
N GLU F 290 -21.04 2.81 -22.28
CA GLU F 290 -22.02 3.20 -21.28
C GLU F 290 -21.99 2.27 -20.07
N ALA F 291 -21.89 0.97 -20.34
CA ALA F 291 -21.87 0.01 -19.23
C ALA F 291 -20.61 0.21 -18.38
N GLU F 292 -19.46 0.37 -19.03
CA GLU F 292 -18.22 0.65 -18.29
C GLU F 292 -18.35 1.91 -17.45
N ASN F 293 -18.95 2.97 -18.02
CA ASN F 293 -18.96 4.28 -17.37
C ASN F 293 -19.79 4.31 -16.09
N ARG F 294 -20.62 3.31 -15.84
CA ARG F 294 -21.27 3.23 -14.55
C ARG F 294 -20.22 3.16 -13.43
N LEU F 295 -19.11 2.43 -13.67
CA LEU F 295 -18.02 2.37 -12.69
C LEU F 295 -17.47 3.77 -12.41
N HIS F 296 -17.13 4.51 -13.47
CA HIS F 296 -16.44 5.79 -13.31
C HIS F 296 -17.38 6.86 -12.77
N ALA F 297 -18.62 6.91 -13.28
CA ALA F 297 -19.58 7.93 -12.83
C ALA F 297 -19.94 7.73 -11.35
N GLN F 298 -20.14 6.48 -10.93
CA GLN F 298 -20.50 6.23 -9.53
C GLN F 298 -19.33 6.53 -8.59
N LYS F 299 -18.10 6.21 -9.02
CA LYS F 299 -16.95 6.61 -8.22
C LYS F 299 -16.88 8.13 -8.10
N ALA F 300 -17.09 8.84 -9.22
CA ALA F 300 -17.07 10.31 -9.17
C ALA F 300 -18.14 10.84 -8.22
N LEU F 301 -19.35 10.29 -8.29
CA LEU F 301 -20.41 10.72 -7.37
C LEU F 301 -19.99 10.50 -5.91
N LEU F 302 -19.43 9.34 -5.59
CA LEU F 302 -19.01 9.06 -4.22
C LEU F 302 -17.94 10.03 -3.76
N VAL F 303 -16.91 10.25 -4.59
CA VAL F 303 -15.85 11.20 -4.22
C VAL F 303 -16.45 12.58 -3.94
N TRP F 304 -17.38 13.00 -4.79
CA TRP F 304 -17.94 14.35 -4.70
C TRP F 304 -18.79 14.50 -3.44
N LEU F 305 -19.67 13.53 -3.19
CA LEU F 305 -20.49 13.53 -1.96
C LEU F 305 -19.63 13.43 -0.71
N LEU F 306 -18.60 12.58 -0.73
CA LEU F 306 -17.77 12.45 0.46
C LEU F 306 -17.06 13.75 0.77
N GLU F 307 -16.61 14.47 -0.24
CA GLU F 307 -15.83 15.70 0.04
C GLU F 307 -16.75 16.84 0.49
N ARG F 308 -18.02 16.80 0.10
CA ARG F 308 -18.95 17.91 0.41
C ARG F 308 -19.67 17.60 1.71
N SER F 309 -19.47 16.42 2.25
CA SER F 309 -20.23 16.04 3.45
C SER F 309 -19.31 15.83 4.64
#